data_2HSB
# 
_entry.id   2HSB 
# 
_audit_conform.dict_name       mmcif_pdbx.dic 
_audit_conform.dict_version    5.397 
_audit_conform.dict_location   http://mmcif.pdb.org/dictionaries/ascii/mmcif_pdbx.dic 
# 
loop_
_database_2.database_id 
_database_2.database_code 
_database_2.pdbx_database_accession 
_database_2.pdbx_DOI 
PDB   2HSB         pdb_00002hsb 10.2210/pdb2hsb/pdb 
RCSB  RCSB038704   ?            ?                   
WWPDB D_1000038704 ?            ?                   
# 
loop_
_pdbx_audit_revision_history.ordinal 
_pdbx_audit_revision_history.data_content_type 
_pdbx_audit_revision_history.major_revision 
_pdbx_audit_revision_history.minor_revision 
_pdbx_audit_revision_history.revision_date 
1 'Structure model' 1 0 2006-08-15 
2 'Structure model' 1 1 2008-05-01 
3 'Structure model' 1 2 2011-07-13 
4 'Structure model' 1 3 2017-10-18 
5 'Structure model' 1 4 2023-01-25 
6 'Structure model' 1 5 2024-10-30 
# 
_pdbx_audit_revision_details.ordinal             1 
_pdbx_audit_revision_details.revision_ordinal    1 
_pdbx_audit_revision_details.data_content_type   'Structure model' 
_pdbx_audit_revision_details.provider            repository 
_pdbx_audit_revision_details.type                'Initial release' 
_pdbx_audit_revision_details.description         ? 
_pdbx_audit_revision_details.details             ? 
# 
loop_
_pdbx_audit_revision_group.ordinal 
_pdbx_audit_revision_group.revision_ordinal 
_pdbx_audit_revision_group.data_content_type 
_pdbx_audit_revision_group.group 
1 2 'Structure model' 'Version format compliance' 
2 3 'Structure model' Advisory                    
3 3 'Structure model' 'Derived calculations'      
4 3 'Structure model' 'Version format compliance' 
5 4 'Structure model' 'Refinement description'    
6 5 'Structure model' 'Database references'       
7 5 'Structure model' 'Derived calculations'      
8 6 'Structure model' 'Data collection'           
9 6 'Structure model' 'Structure summary'         
# 
loop_
_pdbx_audit_revision_category.ordinal 
_pdbx_audit_revision_category.revision_ordinal 
_pdbx_audit_revision_category.data_content_type 
_pdbx_audit_revision_category.category 
1  4 'Structure model' software                     
2  5 'Structure model' database_2                   
3  5 'Structure model' pdbx_struct_special_symmetry 
4  5 'Structure model' struct_conn                  
5  5 'Structure model' struct_ref_seq_dif           
6  5 'Structure model' struct_site                  
7  6 'Structure model' chem_comp_atom               
8  6 'Structure model' chem_comp_bond               
9  6 'Structure model' pdbx_entry_details           
10 6 'Structure model' pdbx_modification_feature    
# 
loop_
_pdbx_audit_revision_item.ordinal 
_pdbx_audit_revision_item.revision_ordinal 
_pdbx_audit_revision_item.data_content_type 
_pdbx_audit_revision_item.item 
1 4 'Structure model' '_software.classification'            
2 4 'Structure model' '_software.name'                      
3 5 'Structure model' '_database_2.pdbx_DOI'                
4 5 'Structure model' '_database_2.pdbx_database_accession' 
5 5 'Structure model' '_struct_conn.pdbx_leaving_atom_flag' 
6 5 'Structure model' '_struct_ref_seq_dif.details'         
7 5 'Structure model' '_struct_site.pdbx_auth_asym_id'      
8 5 'Structure model' '_struct_site.pdbx_auth_comp_id'      
9 5 'Structure model' '_struct_site.pdbx_auth_seq_id'       
# 
_pdbx_database_status.SG_entry                        Y 
_pdbx_database_status.entry_id                        2HSB 
_pdbx_database_status.deposit_site                    RCSB 
_pdbx_database_status.process_site                    RCSB 
_pdbx_database_status.recvd_initial_deposition_date   2006-07-21 
_pdbx_database_status.status_code                     REL 
_pdbx_database_status.status_code_sf                  REL 
_pdbx_database_status.status_code_mr                  ? 
_pdbx_database_status.status_code_cs                  ? 
_pdbx_database_status.pdb_format_compatible           Y 
_pdbx_database_status.methods_development_category    ? 
_pdbx_database_status.status_code_nmr_data            ? 
# 
_pdbx_database_related.db_name        TargetDB 
_pdbx_database_related.db_id          367071 
_pdbx_database_related.details        . 
_pdbx_database_related.content_type   unspecified 
# 
_audit_author.name           'Joint Center for Structural Genomics (JCSG)' 
_audit_author.pdbx_ordinal   1 
# 
_citation.id                        primary 
_citation.title                     
'Crystal structure of hypothetical protein (NP_069135.1) from Archaeoglobus Fulgidus at 1.95 A resolution' 
_citation.journal_abbrev            'To be published' 
_citation.journal_volume            ? 
_citation.page_first                ? 
_citation.page_last                 ? 
_citation.year                      ? 
_citation.journal_id_ASTM           ? 
_citation.country                   ? 
_citation.journal_id_ISSN           ? 
_citation.journal_id_CSD            0353 
_citation.book_publisher            ? 
_citation.pdbx_database_id_PubMed   ? 
_citation.pdbx_database_id_DOI      ? 
# 
_citation_author.citation_id        primary 
_citation_author.name               'Joint Center for Structural Genomics (JCSG)' 
_citation_author.ordinal            1 
_citation_author.identifier_ORCID   ? 
# 
loop_
_entity.id 
_entity.type 
_entity.src_method 
_entity.pdbx_description 
_entity.formula_weight 
_entity.pdbx_number_of_molecules 
_entity.pdbx_ec 
_entity.pdbx_mutation 
_entity.pdbx_fragment 
_entity.details 
1 polymer     man 'Hypothetical UPF0332 protein AF0298' 14812.375 1  ? ? ? ? 
2 non-polymer syn 'SULFATE ION'                         96.063    3  ? ? ? ? 
3 non-polymer syn 'TETRAETHYLENE GLYCOL'                194.226   5  ? ? ? ? 
4 water       nat water                                 18.015    47 ? ? ? ? 
# 
_entity_poly.entity_id                      1 
_entity_poly.type                           'polypeptide(L)' 
_entity_poly.nstd_linkage                   no 
_entity_poly.nstd_monomer                   yes 
_entity_poly.pdbx_seq_one_letter_code       
;G(MSE)DELELRIRKAEKLVQDAKKEFE(MSE)GLYERCCSTAYYA(MSE)FHAAKA(MSE)LLGYGRDSKTHRGTIYLI
WECREELGLSDDDCSKLSRAFDLREESDYGIYKEVSKDLAIKILKDAEIFVQKAKNAVNKNR
;
_entity_poly.pdbx_seq_one_letter_code_can   
;GMDELELRIRKAEKLVQDAKKEFEMGLYERCCSTAYYAMFHAAKAMLLGYGRDSKTHRGTIYLIWECREELGLSDDDCSK
LSRAFDLREESDYGIYKEVSKDLAIKILKDAEIFVQKAKNAVNKNR
;
_entity_poly.pdbx_strand_id                 A 
_entity_poly.pdbx_target_identifier         367071 
# 
loop_
_pdbx_entity_nonpoly.entity_id 
_pdbx_entity_nonpoly.name 
_pdbx_entity_nonpoly.comp_id 
2 'SULFATE ION'          SO4 
3 'TETRAETHYLENE GLYCOL' PG4 
4 water                  HOH 
# 
loop_
_entity_poly_seq.entity_id 
_entity_poly_seq.num 
_entity_poly_seq.mon_id 
_entity_poly_seq.hetero 
1 1   GLY n 
1 2   MSE n 
1 3   ASP n 
1 4   GLU n 
1 5   LEU n 
1 6   GLU n 
1 7   LEU n 
1 8   ARG n 
1 9   ILE n 
1 10  ARG n 
1 11  LYS n 
1 12  ALA n 
1 13  GLU n 
1 14  LYS n 
1 15  LEU n 
1 16  VAL n 
1 17  GLN n 
1 18  ASP n 
1 19  ALA n 
1 20  LYS n 
1 21  LYS n 
1 22  GLU n 
1 23  PHE n 
1 24  GLU n 
1 25  MSE n 
1 26  GLY n 
1 27  LEU n 
1 28  TYR n 
1 29  GLU n 
1 30  ARG n 
1 31  CYS n 
1 32  CYS n 
1 33  SER n 
1 34  THR n 
1 35  ALA n 
1 36  TYR n 
1 37  TYR n 
1 38  ALA n 
1 39  MSE n 
1 40  PHE n 
1 41  HIS n 
1 42  ALA n 
1 43  ALA n 
1 44  LYS n 
1 45  ALA n 
1 46  MSE n 
1 47  LEU n 
1 48  LEU n 
1 49  GLY n 
1 50  TYR n 
1 51  GLY n 
1 52  ARG n 
1 53  ASP n 
1 54  SER n 
1 55  LYS n 
1 56  THR n 
1 57  HIS n 
1 58  ARG n 
1 59  GLY n 
1 60  THR n 
1 61  ILE n 
1 62  TYR n 
1 63  LEU n 
1 64  ILE n 
1 65  TRP n 
1 66  GLU n 
1 67  CYS n 
1 68  ARG n 
1 69  GLU n 
1 70  GLU n 
1 71  LEU n 
1 72  GLY n 
1 73  LEU n 
1 74  SER n 
1 75  ASP n 
1 76  ASP n 
1 77  ASP n 
1 78  CYS n 
1 79  SER n 
1 80  LYS n 
1 81  LEU n 
1 82  SER n 
1 83  ARG n 
1 84  ALA n 
1 85  PHE n 
1 86  ASP n 
1 87  LEU n 
1 88  ARG n 
1 89  GLU n 
1 90  GLU n 
1 91  SER n 
1 92  ASP n 
1 93  TYR n 
1 94  GLY n 
1 95  ILE n 
1 96  TYR n 
1 97  LYS n 
1 98  GLU n 
1 99  VAL n 
1 100 SER n 
1 101 LYS n 
1 102 ASP n 
1 103 LEU n 
1 104 ALA n 
1 105 ILE n 
1 106 LYS n 
1 107 ILE n 
1 108 LEU n 
1 109 LYS n 
1 110 ASP n 
1 111 ALA n 
1 112 GLU n 
1 113 ILE n 
1 114 PHE n 
1 115 VAL n 
1 116 GLN n 
1 117 LYS n 
1 118 ALA n 
1 119 LYS n 
1 120 ASN n 
1 121 ALA n 
1 122 VAL n 
1 123 ASN n 
1 124 LYS n 
1 125 ASN n 
1 126 ARG n 
# 
_entity_src_gen.entity_id                          1 
_entity_src_gen.pdbx_src_id                        1 
_entity_src_gen.pdbx_alt_source_flag               sample 
_entity_src_gen.pdbx_seq_type                      ? 
_entity_src_gen.pdbx_beg_seq_num                   ? 
_entity_src_gen.pdbx_end_seq_num                   ? 
_entity_src_gen.gene_src_common_name               ? 
_entity_src_gen.gene_src_genus                     Archaeoglobus 
_entity_src_gen.pdbx_gene_src_gene                 NP_069135.1 
_entity_src_gen.gene_src_species                   ? 
_entity_src_gen.gene_src_strain                    ? 
_entity_src_gen.gene_src_tissue                    ? 
_entity_src_gen.gene_src_tissue_fraction           ? 
_entity_src_gen.gene_src_details                   ? 
_entity_src_gen.pdbx_gene_src_fragment             ? 
_entity_src_gen.pdbx_gene_src_scientific_name      'Archaeoglobus fulgidus' 
_entity_src_gen.pdbx_gene_src_ncbi_taxonomy_id     2234 
_entity_src_gen.pdbx_gene_src_variant              ? 
_entity_src_gen.pdbx_gene_src_cell_line            ? 
_entity_src_gen.pdbx_gene_src_atcc                 ? 
_entity_src_gen.pdbx_gene_src_organ                ? 
_entity_src_gen.pdbx_gene_src_organelle            ? 
_entity_src_gen.pdbx_gene_src_cell                 ? 
_entity_src_gen.pdbx_gene_src_cellular_location    ? 
_entity_src_gen.host_org_common_name               ? 
_entity_src_gen.pdbx_host_org_scientific_name      'Escherichia coli' 
_entity_src_gen.pdbx_host_org_ncbi_taxonomy_id     562 
_entity_src_gen.host_org_genus                     Escherichia 
_entity_src_gen.pdbx_host_org_gene                 ? 
_entity_src_gen.pdbx_host_org_organ                ? 
_entity_src_gen.host_org_species                   ? 
_entity_src_gen.pdbx_host_org_tissue               ? 
_entity_src_gen.pdbx_host_org_tissue_fraction      ? 
_entity_src_gen.pdbx_host_org_strain               ? 
_entity_src_gen.pdbx_host_org_variant              ? 
_entity_src_gen.pdbx_host_org_cell_line            ? 
_entity_src_gen.pdbx_host_org_atcc                 ? 
_entity_src_gen.pdbx_host_org_culture_collection   ? 
_entity_src_gen.pdbx_host_org_cell                 ? 
_entity_src_gen.pdbx_host_org_organelle            ? 
_entity_src_gen.pdbx_host_org_cellular_location    ? 
_entity_src_gen.pdbx_host_org_vector_type          Plasmid 
_entity_src_gen.pdbx_host_org_vector               ? 
_entity_src_gen.host_org_details                   ? 
_entity_src_gen.expression_system_id               ? 
_entity_src_gen.plasmid_name                       ? 
_entity_src_gen.plasmid_details                    ? 
_entity_src_gen.pdbx_description                   ? 
# 
loop_
_chem_comp.id 
_chem_comp.type 
_chem_comp.mon_nstd_flag 
_chem_comp.name 
_chem_comp.pdbx_synonyms 
_chem_comp.formula 
_chem_comp.formula_weight 
ALA 'L-peptide linking' y ALANINE                ? 'C3 H7 N O2'     89.093  
ARG 'L-peptide linking' y ARGININE               ? 'C6 H15 N4 O2 1' 175.209 
ASN 'L-peptide linking' y ASPARAGINE             ? 'C4 H8 N2 O3'    132.118 
ASP 'L-peptide linking' y 'ASPARTIC ACID'        ? 'C4 H7 N O4'     133.103 
CYS 'L-peptide linking' y CYSTEINE               ? 'C3 H7 N O2 S'   121.158 
GLN 'L-peptide linking' y GLUTAMINE              ? 'C5 H10 N2 O3'   146.144 
GLU 'L-peptide linking' y 'GLUTAMIC ACID'        ? 'C5 H9 N O4'     147.129 
GLY 'peptide linking'   y GLYCINE                ? 'C2 H5 N O2'     75.067  
HIS 'L-peptide linking' y HISTIDINE              ? 'C6 H10 N3 O2 1' 156.162 
HOH non-polymer         . WATER                  ? 'H2 O'           18.015  
ILE 'L-peptide linking' y ISOLEUCINE             ? 'C6 H13 N O2'    131.173 
LEU 'L-peptide linking' y LEUCINE                ? 'C6 H13 N O2'    131.173 
LYS 'L-peptide linking' y LYSINE                 ? 'C6 H15 N2 O2 1' 147.195 
MET 'L-peptide linking' y METHIONINE             ? 'C5 H11 N O2 S'  149.211 
MSE 'L-peptide linking' n SELENOMETHIONINE       ? 'C5 H11 N O2 Se' 196.106 
PG4 non-polymer         . 'TETRAETHYLENE GLYCOL' ? 'C8 H18 O5'      194.226 
PHE 'L-peptide linking' y PHENYLALANINE          ? 'C9 H11 N O2'    165.189 
SER 'L-peptide linking' y SERINE                 ? 'C3 H7 N O3'     105.093 
SO4 non-polymer         . 'SULFATE ION'          ? 'O4 S -2'        96.063  
THR 'L-peptide linking' y THREONINE              ? 'C4 H9 N O3'     119.119 
TRP 'L-peptide linking' y TRYPTOPHAN             ? 'C11 H12 N2 O2'  204.225 
TYR 'L-peptide linking' y TYROSINE               ? 'C9 H11 N O3'    181.189 
VAL 'L-peptide linking' y VALINE                 ? 'C5 H11 N O2'    117.146 
# 
loop_
_pdbx_poly_seq_scheme.asym_id 
_pdbx_poly_seq_scheme.entity_id 
_pdbx_poly_seq_scheme.seq_id 
_pdbx_poly_seq_scheme.mon_id 
_pdbx_poly_seq_scheme.ndb_seq_num 
_pdbx_poly_seq_scheme.pdb_seq_num 
_pdbx_poly_seq_scheme.auth_seq_num 
_pdbx_poly_seq_scheme.pdb_mon_id 
_pdbx_poly_seq_scheme.auth_mon_id 
_pdbx_poly_seq_scheme.pdb_strand_id 
_pdbx_poly_seq_scheme.pdb_ins_code 
_pdbx_poly_seq_scheme.hetero 
A 1 1   GLY 1   0   0   GLY GLY A . n 
A 1 2   MSE 2   1   1   MSE MSE A . n 
A 1 3   ASP 3   2   2   ASP ASP A . n 
A 1 4   GLU 4   3   3   GLU GLU A . n 
A 1 5   LEU 5   4   4   LEU LEU A . n 
A 1 6   GLU 6   5   5   GLU GLU A . n 
A 1 7   LEU 7   6   6   LEU LEU A . n 
A 1 8   ARG 8   7   7   ARG ARG A . n 
A 1 9   ILE 9   8   8   ILE ILE A . n 
A 1 10  ARG 10  9   9   ARG ARG A . n 
A 1 11  LYS 11  10  10  LYS LYS A . n 
A 1 12  ALA 12  11  11  ALA ALA A . n 
A 1 13  GLU 13  12  12  GLU GLU A . n 
A 1 14  LYS 14  13  13  LYS LYS A . n 
A 1 15  LEU 15  14  14  LEU LEU A . n 
A 1 16  VAL 16  15  15  VAL VAL A . n 
A 1 17  GLN 17  16  16  GLN GLN A . n 
A 1 18  ASP 18  17  17  ASP ASP A . n 
A 1 19  ALA 19  18  18  ALA ALA A . n 
A 1 20  LYS 20  19  19  LYS LYS A . n 
A 1 21  LYS 21  20  20  LYS LYS A . n 
A 1 22  GLU 22  21  21  GLU GLU A . n 
A 1 23  PHE 23  22  22  PHE PHE A . n 
A 1 24  GLU 24  23  23  GLU GLU A . n 
A 1 25  MSE 25  24  24  MSE MSE A . n 
A 1 26  GLY 26  25  25  GLY GLY A . n 
A 1 27  LEU 27  26  26  LEU LEU A . n 
A 1 28  TYR 28  27  27  TYR TYR A . n 
A 1 29  GLU 29  28  28  GLU GLU A . n 
A 1 30  ARG 30  29  29  ARG ARG A . n 
A 1 31  CYS 31  30  30  CYS CYS A . n 
A 1 32  CYS 32  31  31  CYS CYS A . n 
A 1 33  SER 33  32  32  SER SER A . n 
A 1 34  THR 34  33  33  THR THR A . n 
A 1 35  ALA 35  34  34  ALA ALA A . n 
A 1 36  TYR 36  35  35  TYR TYR A . n 
A 1 37  TYR 37  36  36  TYR TYR A . n 
A 1 38  ALA 38  37  37  ALA ALA A . n 
A 1 39  MSE 39  38  38  MSE MSE A . n 
A 1 40  PHE 40  39  39  PHE PHE A . n 
A 1 41  HIS 41  40  40  HIS HIS A . n 
A 1 42  ALA 42  41  41  ALA ALA A . n 
A 1 43  ALA 43  42  42  ALA ALA A . n 
A 1 44  LYS 44  43  43  LYS LYS A . n 
A 1 45  ALA 45  44  44  ALA ALA A . n 
A 1 46  MSE 46  45  45  MSE MSE A . n 
A 1 47  LEU 47  46  46  LEU LEU A . n 
A 1 48  LEU 48  47  47  LEU LEU A . n 
A 1 49  GLY 49  48  48  GLY GLY A . n 
A 1 50  TYR 50  49  49  TYR TYR A . n 
A 1 51  GLY 51  50  50  GLY GLY A . n 
A 1 52  ARG 52  51  51  ARG ARG A . n 
A 1 53  ASP 53  52  52  ASP ASP A . n 
A 1 54  SER 54  53  53  SER SER A . n 
A 1 55  LYS 55  54  54  LYS LYS A . n 
A 1 56  THR 56  55  55  THR THR A . n 
A 1 57  HIS 57  56  56  HIS HIS A . n 
A 1 58  ARG 58  57  57  ARG ARG A . n 
A 1 59  GLY 59  58  58  GLY GLY A . n 
A 1 60  THR 60  59  59  THR THR A . n 
A 1 61  ILE 61  60  60  ILE ILE A . n 
A 1 62  TYR 62  61  61  TYR TYR A . n 
A 1 63  LEU 63  62  62  LEU LEU A . n 
A 1 64  ILE 64  63  63  ILE ILE A . n 
A 1 65  TRP 65  64  64  TRP TRP A . n 
A 1 66  GLU 66  65  65  GLU GLU A . n 
A 1 67  CYS 67  66  66  CYS CYS A . n 
A 1 68  ARG 68  67  67  ARG ARG A . n 
A 1 69  GLU 69  68  68  GLU GLU A . n 
A 1 70  GLU 70  69  69  GLU GLU A . n 
A 1 71  LEU 71  70  70  LEU LEU A . n 
A 1 72  GLY 72  71  71  GLY GLY A . n 
A 1 73  LEU 73  72  72  LEU LEU A . n 
A 1 74  SER 74  73  73  SER SER A . n 
A 1 75  ASP 75  74  74  ASP ASP A . n 
A 1 76  ASP 76  75  75  ASP ASP A . n 
A 1 77  ASP 77  76  76  ASP ASP A . n 
A 1 78  CYS 78  77  77  CYS CYS A . n 
A 1 79  SER 79  78  78  SER SER A . n 
A 1 80  LYS 80  79  79  LYS LYS A . n 
A 1 81  LEU 81  80  80  LEU LEU A . n 
A 1 82  SER 82  81  81  SER SER A . n 
A 1 83  ARG 83  82  82  ARG ARG A . n 
A 1 84  ALA 84  83  83  ALA ALA A . n 
A 1 85  PHE 85  84  84  PHE PHE A . n 
A 1 86  ASP 86  85  85  ASP ASP A . n 
A 1 87  LEU 87  86  86  LEU LEU A . n 
A 1 88  ARG 88  87  87  ARG ARG A . n 
A 1 89  GLU 89  88  88  GLU GLU A . n 
A 1 90  GLU 90  89  89  GLU GLU A . n 
A 1 91  SER 91  90  90  SER SER A . n 
A 1 92  ASP 92  91  91  ASP ASP A . n 
A 1 93  TYR 93  92  92  TYR TYR A . n 
A 1 94  GLY 94  93  93  GLY GLY A . n 
A 1 95  ILE 95  94  94  ILE ILE A . n 
A 1 96  TYR 96  95  95  TYR TYR A . n 
A 1 97  LYS 97  96  96  LYS LYS A . n 
A 1 98  GLU 98  97  97  GLU GLU A . n 
A 1 99  VAL 99  98  98  VAL VAL A . n 
A 1 100 SER 100 99  99  SER SER A . n 
A 1 101 LYS 101 100 100 LYS LYS A . n 
A 1 102 ASP 102 101 101 ASP ASP A . n 
A 1 103 LEU 103 102 102 LEU LEU A . n 
A 1 104 ALA 104 103 103 ALA ALA A . n 
A 1 105 ILE 105 104 104 ILE ILE A . n 
A 1 106 LYS 106 105 105 LYS LYS A . n 
A 1 107 ILE 107 106 106 ILE ILE A . n 
A 1 108 LEU 108 107 107 LEU LEU A . n 
A 1 109 LYS 109 108 108 LYS LYS A . n 
A 1 110 ASP 110 109 109 ASP ASP A . n 
A 1 111 ALA 111 110 110 ALA ALA A . n 
A 1 112 GLU 112 111 111 GLU GLU A . n 
A 1 113 ILE 113 112 112 ILE ILE A . n 
A 1 114 PHE 114 113 113 PHE PHE A . n 
A 1 115 VAL 115 114 114 VAL VAL A . n 
A 1 116 GLN 116 115 115 GLN GLN A . n 
A 1 117 LYS 117 116 116 LYS LYS A . n 
A 1 118 ALA 118 117 117 ALA ALA A . n 
A 1 119 LYS 119 118 118 LYS LYS A . n 
A 1 120 ASN 120 119 119 ASN ASN A . n 
A 1 121 ALA 121 120 120 ALA ALA A . n 
A 1 122 VAL 122 121 121 VAL VAL A . n 
A 1 123 ASN 123 122 122 ASN ASN A . n 
A 1 124 LYS 124 123 123 LYS LYS A . n 
A 1 125 ASN 125 124 124 ASN ASN A . n 
A 1 126 ARG 126 125 125 ARG ARG A . n 
# 
loop_
_pdbx_nonpoly_scheme.asym_id 
_pdbx_nonpoly_scheme.entity_id 
_pdbx_nonpoly_scheme.mon_id 
_pdbx_nonpoly_scheme.ndb_seq_num 
_pdbx_nonpoly_scheme.pdb_seq_num 
_pdbx_nonpoly_scheme.auth_seq_num 
_pdbx_nonpoly_scheme.pdb_mon_id 
_pdbx_nonpoly_scheme.auth_mon_id 
_pdbx_nonpoly_scheme.pdb_strand_id 
_pdbx_nonpoly_scheme.pdb_ins_code 
B 2 SO4 1  126 1  SO4 SO4 A . 
C 2 SO4 1  127 2  SO4 SO4 A . 
D 2 SO4 1  128 3  SO4 SO4 A . 
E 3 PG4 1  129 4  PG4 PG4 A . 
F 3 PG4 1  130 5  PG4 PG4 A . 
G 3 PG4 1  131 6  PG4 PG4 A . 
H 3 PG4 1  132 7  PG4 PG4 A . 
I 3 PG4 1  133 8  PG4 PG4 A . 
J 4 HOH 1  134 9  HOH HOH A . 
J 4 HOH 2  135 10 HOH HOH A . 
J 4 HOH 3  136 11 HOH HOH A . 
J 4 HOH 4  137 12 HOH HOH A . 
J 4 HOH 5  138 13 HOH HOH A . 
J 4 HOH 6  139 14 HOH HOH A . 
J 4 HOH 7  140 15 HOH HOH A . 
J 4 HOH 8  141 16 HOH HOH A . 
J 4 HOH 9  142 17 HOH HOH A . 
J 4 HOH 10 143 18 HOH HOH A . 
J 4 HOH 11 144 19 HOH HOH A . 
J 4 HOH 12 145 20 HOH HOH A . 
J 4 HOH 13 146 21 HOH HOH A . 
J 4 HOH 14 147 22 HOH HOH A . 
J 4 HOH 15 148 23 HOH HOH A . 
J 4 HOH 16 149 24 HOH HOH A . 
J 4 HOH 17 150 25 HOH HOH A . 
J 4 HOH 18 151 26 HOH HOH A . 
J 4 HOH 19 152 27 HOH HOH A . 
J 4 HOH 20 153 28 HOH HOH A . 
J 4 HOH 21 154 29 HOH HOH A . 
J 4 HOH 22 155 30 HOH HOH A . 
J 4 HOH 23 156 31 HOH HOH A . 
J 4 HOH 24 157 32 HOH HOH A . 
J 4 HOH 25 158 33 HOH HOH A . 
J 4 HOH 26 159 34 HOH HOH A . 
J 4 HOH 27 160 35 HOH HOH A . 
J 4 HOH 28 161 36 HOH HOH A . 
J 4 HOH 29 162 37 HOH HOH A . 
J 4 HOH 30 163 38 HOH HOH A . 
J 4 HOH 31 164 39 HOH HOH A . 
J 4 HOH 32 165 40 HOH HOH A . 
J 4 HOH 33 166 41 HOH HOH A . 
J 4 HOH 34 167 42 HOH HOH A . 
J 4 HOH 35 168 43 HOH HOH A . 
J 4 HOH 36 169 44 HOH HOH A . 
J 4 HOH 37 170 45 HOH HOH A . 
J 4 HOH 38 171 46 HOH HOH A . 
J 4 HOH 39 172 47 HOH HOH A . 
J 4 HOH 40 173 48 HOH HOH A . 
J 4 HOH 41 174 49 HOH HOH A . 
J 4 HOH 42 175 50 HOH HOH A . 
J 4 HOH 43 176 51 HOH HOH A . 
J 4 HOH 44 177 52 HOH HOH A . 
J 4 HOH 45 178 53 HOH HOH A . 
J 4 HOH 46 179 54 HOH HOH A . 
J 4 HOH 47 180 55 HOH HOH A . 
# 
loop_
_pdbx_unobs_or_zero_occ_atoms.id 
_pdbx_unobs_or_zero_occ_atoms.PDB_model_num 
_pdbx_unobs_or_zero_occ_atoms.polymer_flag 
_pdbx_unobs_or_zero_occ_atoms.occupancy_flag 
_pdbx_unobs_or_zero_occ_atoms.auth_asym_id 
_pdbx_unobs_or_zero_occ_atoms.auth_comp_id 
_pdbx_unobs_or_zero_occ_atoms.auth_seq_id 
_pdbx_unobs_or_zero_occ_atoms.PDB_ins_code 
_pdbx_unobs_or_zero_occ_atoms.auth_atom_id 
_pdbx_unobs_or_zero_occ_atoms.label_alt_id 
_pdbx_unobs_or_zero_occ_atoms.label_asym_id 
_pdbx_unobs_or_zero_occ_atoms.label_comp_id 
_pdbx_unobs_or_zero_occ_atoms.label_seq_id 
_pdbx_unobs_or_zero_occ_atoms.label_atom_id 
1  1 Y 1 A LYS 96  ? CE ? A LYS 97 CE 
2  1 Y 1 A LYS 96  ? NZ ? A LYS 97 NZ 
3  1 N 1 A PG4 130 ? O4 ? F PG4 1  O4 
4  1 N 1 A PG4 130 ? C7 ? F PG4 1  C7 
5  1 N 1 A PG4 130 ? C8 ? F PG4 1  C8 
6  1 N 1 A PG4 130 ? O5 ? F PG4 1  O5 
7  1 N 1 A PG4 131 ? C5 ? G PG4 1  C5 
8  1 N 1 A PG4 131 ? C6 ? G PG4 1  C6 
9  1 N 1 A PG4 131 ? O4 ? G PG4 1  O4 
10 1 N 1 A PG4 131 ? C7 ? G PG4 1  C7 
11 1 N 1 A PG4 131 ? C8 ? G PG4 1  C8 
12 1 N 1 A PG4 131 ? O5 ? G PG4 1  O5 
13 1 N 1 A PG4 133 ? C5 ? I PG4 1  C5 
14 1 N 1 A PG4 133 ? C6 ? I PG4 1  C6 
15 1 N 1 A PG4 133 ? O4 ? I PG4 1  O4 
16 1 N 1 A PG4 133 ? C7 ? I PG4 1  C7 
17 1 N 1 A PG4 133 ? C8 ? I PG4 1  C8 
18 1 N 1 A PG4 133 ? O5 ? I PG4 1  O5 
# 
loop_
_software.name 
_software.version 
_software.date 
_software.type 
_software.contact_author 
_software.contact_author_email 
_software.classification 
_software.location 
_software.language 
_software.citation_id 
_software.pdbx_ordinal 
MolProbity  3beta29   ?                package 'D.C. & J.S. Richardson lab' molprobity@kinemage.biochem.duke.edu 'model building'  
http://kinemage.biochem.duke.edu/molprobity/ ?          ? 1 
SHARP       .         ?                package 'de La Fortelle'             sharp-develop@globalphasing.com      phasing           
http://babinet.globalphasing.com/sharp/      ?          ? 2 
REFMAC      5.2.0019  ?                program 'Murshudov, G.N.'            ccp4@dl.ac.uk                        refinement        
http://www.ccp4.ac.uk/main.html              Fortran_77 ? 3 
SCALA       .         ?                other   'Phil Evans'                 pre@mrc-lmb.cam.ac.uk                'data scaling'    
http://www.ccp4.ac.uk/dist/html/INDEX.html   Fortran_77 ? 4 
PDB_EXTRACT 2.000     'April. 3, 2006' package PDB                          sw-help@rcsb.rutgers.edu             'data extraction' 
http://pdb.rutgers.edu/software/             C++        ? 5 
MOSFLM      .         ?                ?       ?                            ?                                    'data reduction'  
?                                            ?          ? 6 
CCP4        '(SCALA)' ?                ?       ?                            ?                                    'data scaling'    
?                                            ?          ? 7 
SHELXD      .         ?                ?       ?                            ?                                    phasing           
?                                            ?          ? 8 
# 
_cell.entry_id           2HSB 
_cell.length_a           60.665 
_cell.length_b           60.665 
_cell.length_c           80.412 
_cell.angle_alpha        90.00 
_cell.angle_beta         90.00 
_cell.angle_gamma        90.00 
_cell.Z_PDB              8 
_cell.pdbx_unique_axis   ? 
_cell.length_a_esd       ? 
_cell.length_b_esd       ? 
_cell.length_c_esd       ? 
_cell.angle_alpha_esd    ? 
_cell.angle_beta_esd     ? 
_cell.angle_gamma_esd    ? 
# 
_symmetry.entry_id                         2HSB 
_symmetry.space_group_name_H-M             'P 43 21 2' 
_symmetry.pdbx_full_space_group_name_H-M   ? 
_symmetry.cell_setting                     ? 
_symmetry.Int_Tables_number                96 
_symmetry.space_group_name_Hall            ? 
# 
_exptl.entry_id          2HSB 
_exptl.method            'X-RAY DIFFRACTION' 
_exptl.crystals_number   1 
# 
_exptl_crystal.id                    1 
_exptl_crystal.density_meas          ? 
_exptl_crystal.density_Matthews      2.32 
_exptl_crystal.density_percent_sol   46.47 
_exptl_crystal.description           ? 
_exptl_crystal.F_000                 ? 
_exptl_crystal.preparation           ? 
# 
_exptl_crystal_grow.crystal_id      1 
_exptl_crystal_grow.method          ? 
_exptl_crystal_grow.temp            277 
_exptl_crystal_grow.temp_details    ? 
_exptl_crystal_grow.pH              7.00 
_exptl_crystal_grow.pdbx_details    
'0.05M Li2SO4, 50.0% PEG-200, 0.1M TRIS, VAPOR DIFFUSION, SITTING DROP, NANODROP, temperature 277K, pH 7.00' 
_exptl_crystal_grow.pdbx_pH_range   . 
# 
_diffrn.id                     1 
_diffrn.ambient_temp           100.0 
_diffrn.ambient_temp_details   ? 
_diffrn.crystal_id             1 
# 
_diffrn_detector.diffrn_id              1 
_diffrn_detector.detector               CCD 
_diffrn_detector.type                   'MARMOSAIC 325 mm CCD' 
_diffrn_detector.pdbx_collection_date   2006-06-17 
_diffrn_detector.details                'FLAT COLLIMATING MIRROR, TOROID FOCUSING MIRROR' 
# 
_diffrn_radiation.diffrn_id                        1 
_diffrn_radiation.wavelength_id                    1 
_diffrn_radiation.pdbx_monochromatic_or_laue_m_l   M 
_diffrn_radiation.monochromator                    'DOUBLE CRYSTAL MONOCHROMATOR' 
_diffrn_radiation.pdbx_diffrn_protocol             MAD 
_diffrn_radiation.pdbx_scattering_type             x-ray 
# 
loop_
_diffrn_radiation_wavelength.id 
_diffrn_radiation_wavelength.wavelength 
_diffrn_radiation_wavelength.wt 
1 0.91837 1.0 
2 0.97936 1.0 
3 0.97918 1.0 
# 
_diffrn_source.diffrn_id                   1 
_diffrn_source.source                      SYNCHROTRON 
_diffrn_source.type                        'SSRL BEAMLINE BL9-2' 
_diffrn_source.pdbx_synchrotron_site       SSRL 
_diffrn_source.pdbx_synchrotron_beamline   BL9-2 
_diffrn_source.pdbx_wavelength             ? 
_diffrn_source.pdbx_wavelength_list        0.91837,0.97936,0.97918 
# 
_reflns.entry_id                     2HSB 
_reflns.observed_criterion_sigma_I   ? 
_reflns.observed_criterion_sigma_F   ? 
_reflns.d_resolution_low             29.336 
_reflns.d_resolution_high            1.900 
_reflns.number_obs                   11515 
_reflns.number_all                   ? 
_reflns.percent_possible_obs         100.0 
_reflns.pdbx_Rmerge_I_obs            0.09 
_reflns.pdbx_Rsym_value              0.09 
_reflns.pdbx_netI_over_sigmaI        14.3 
_reflns.B_iso_Wilson_estimate        30.41 
_reflns.pdbx_redundancy              7.000 
_reflns.R_free_details               ? 
_reflns.limit_h_max                  ? 
_reflns.limit_h_min                  ? 
_reflns.limit_k_max                  ? 
_reflns.limit_k_min                  ? 
_reflns.limit_l_max                  ? 
_reflns.limit_l_min                  ? 
_reflns.observed_criterion_F_max     ? 
_reflns.observed_criterion_F_min     ? 
_reflns.pdbx_chi_squared             ? 
_reflns.pdbx_scaling_rejects         ? 
_reflns.pdbx_ordinal                 1 
_reflns.pdbx_diffrn_id               1 
# 
_reflns_shell.d_res_high             1.95 
_reflns_shell.d_res_low              2.00 
_reflns_shell.percent_possible_all   100.0 
_reflns_shell.Rmerge_I_obs           0.925 
_reflns_shell.pdbx_Rsym_value        0.925 
_reflns_shell.meanI_over_sigI_obs    2.0 
_reflns_shell.pdbx_redundancy        7.20 
_reflns_shell.percent_possible_obs   ? 
_reflns_shell.number_unique_all      ? 
_reflns_shell.number_measured_all    ? 
_reflns_shell.number_measured_obs    ? 
_reflns_shell.number_unique_obs      ? 
_reflns_shell.pdbx_chi_squared       ? 
_reflns_shell.pdbx_ordinal           1 
_reflns_shell.pdbx_diffrn_id         1 
# 
_refine.entry_id                                 2HSB 
_refine.ls_number_reflns_obs                     11471 
_refine.ls_number_reflns_all                     ? 
_refine.pdbx_ls_sigma_I                          ? 
_refine.pdbx_ls_sigma_F                          0.000 
_refine.pdbx_data_cutoff_high_absF               ? 
_refine.pdbx_data_cutoff_low_absF                ? 
_refine.pdbx_data_cutoff_high_rms_absF           ? 
_refine.ls_d_res_low                             29.34 
_refine.ls_d_res_high                            1.95 
_refine.ls_percent_reflns_obs                    100.0 
_refine.ls_R_factor_obs                          0.186 
_refine.ls_R_factor_all                          ? 
_refine.ls_R_factor_R_work                       0.184 
_refine.ls_R_factor_R_free                       0.21 
_refine.ls_R_factor_R_free_error                 ? 
_refine.ls_R_factor_R_free_error_details         ? 
_refine.ls_percent_reflns_R_free                 4.800 
_refine.ls_number_reflns_R_free                  552 
_refine.ls_number_parameters                     ? 
_refine.ls_number_restraints                     ? 
_refine.occupancy_min                            ? 
_refine.occupancy_max                            ? 
_refine.correlation_coeff_Fo_to_Fc               0.960 
_refine.correlation_coeff_Fo_to_Fc_free          0.957 
_refine.B_iso_mean                               40.51 
_refine.aniso_B[1][1]                            -0.08000 
_refine.aniso_B[2][2]                            -0.08000 
_refine.aniso_B[3][3]                            0.16000 
_refine.aniso_B[1][2]                            0.00000 
_refine.aniso_B[1][3]                            0.00000 
_refine.aniso_B[2][3]                            0.00000 
_refine.solvent_model_details                    'BABINET MODEL WITH MASK' 
_refine.solvent_model_param_ksol                 ? 
_refine.solvent_model_param_bsol                 ? 
_refine.pdbx_solvent_vdw_probe_radii             1.20 
_refine.pdbx_solvent_ion_probe_radii             0.80 
_refine.pdbx_solvent_shrinkage_radii             0.80 
_refine.pdbx_ls_cross_valid_method               THROUGHOUT 
_refine.details                                  
;1. HYDROGENS HAVE BEEN ADDED IN THE RIDING POSITIONS. 2. A MET-INHIBITION PROTOCOL WAS USED FOR SELENOMETHIONINE INCORPORATION DURING PROTEIN EXPRESSION. THE OCCUPANCY OF THE SE ATOMS IN THE MSE RESIDUES WAS REDUCED TO 0.75 FOR THE REDUCED SCATTERING POWER DUE TO PARTIAL S-MET INCORPORATION. 3. SO4 AND PEG-200 (PG4) MOLECULES FROM THE CRYSTALLIZATION/CRYO SOLUTION ARE MODELED. 4. OCCUPANCIES OF SO4 1 AND PG4 7 ARE REDUCED BECAUSE THEY LIE ON SPECIAL POSITIONS. 5. ATOM RECORDS CONTAIN RESIDUAL B FACTORS ONLY.
;
_refine.pdbx_starting_model                      ? 
_refine.pdbx_method_to_determine_struct          MAD 
_refine.pdbx_isotropic_thermal_model             ? 
_refine.pdbx_stereochemistry_target_values       'MAXIMUM LIKELIHOOD WITH PHASES' 
_refine.pdbx_stereochem_target_val_spec_case     ? 
_refine.pdbx_R_Free_selection_details            RANDOM 
_refine.pdbx_overall_ESU_R                       0.155 
_refine.pdbx_overall_ESU_R_Free                  0.135 
_refine.overall_SU_ML                            0.094 
_refine.overall_SU_B                             6.819 
_refine.ls_redundancy_reflns_obs                 ? 
_refine.B_iso_min                                ? 
_refine.B_iso_max                                ? 
_refine.overall_SU_R_Cruickshank_DPI             ? 
_refine.overall_SU_R_free                        ? 
_refine.ls_wR_factor_R_free                      ? 
_refine.ls_wR_factor_R_work                      ? 
_refine.overall_FOM_free_R_set                   ? 
_refine.overall_FOM_work_R_set                   ? 
_refine.pdbx_refine_id                           'X-RAY DIFFRACTION' 
_refine.pdbx_TLS_residual_ADP_flag               'LIKELY RESIDUAL' 
_refine.pdbx_diffrn_id                           1 
_refine.pdbx_overall_phase_error                 ? 
_refine.pdbx_overall_SU_R_free_Cruickshank_DPI   ? 
_refine.pdbx_overall_SU_R_Blow_DPI               ? 
_refine.pdbx_overall_SU_R_free_Blow_DPI          ? 
# 
_refine_hist.pdbx_refine_id                   'X-RAY DIFFRACTION' 
_refine_hist.cycle_id                         LAST 
_refine_hist.pdbx_number_atoms_protein        1020 
_refine_hist.pdbx_number_atoms_nucleic_acid   0 
_refine_hist.pdbx_number_atoms_ligand         64 
_refine_hist.number_atoms_solvent             47 
_refine_hist.number_atoms_total               1131 
_refine_hist.d_res_high                       1.95 
_refine_hist.d_res_low                        29.34 
# 
loop_
_refine_ls_restr.type 
_refine_ls_restr.dev_ideal 
_refine_ls_restr.dev_ideal_target 
_refine_ls_restr.weight 
_refine_ls_restr.number 
_refine_ls_restr.pdbx_refine_id 
_refine_ls_restr.pdbx_restraint_function 
r_bond_refined_d             0.017  0.022  ? 1102 'X-RAY DIFFRACTION' ? 
r_bond_other_d               0.002  0.020  ? 810  'X-RAY DIFFRACTION' ? 
r_angle_refined_deg          1.275  2.018  ? 1456 'X-RAY DIFFRACTION' ? 
r_angle_other_deg            0.872  3.000  ? 1966 'X-RAY DIFFRACTION' ? 
r_dihedral_angle_1_deg       4.521  5.000  ? 129  'X-RAY DIFFRACTION' ? 
r_dihedral_angle_2_deg       39.552 23.846 ? 52   'X-RAY DIFFRACTION' ? 
r_dihedral_angle_3_deg       13.857 15.000 ? 212  'X-RAY DIFFRACTION' ? 
r_dihedral_angle_4_deg       18.019 15.000 ? 9    'X-RAY DIFFRACTION' ? 
r_chiral_restr               0.073  0.200  ? 148  'X-RAY DIFFRACTION' ? 
r_gen_planes_refined         0.005  0.020  ? 1160 'X-RAY DIFFRACTION' ? 
r_gen_planes_other           0.001  0.020  ? 220  'X-RAY DIFFRACTION' ? 
r_nbd_refined                0.216  0.200  ? 240  'X-RAY DIFFRACTION' ? 
r_nbd_other                  0.179  0.200  ? 752  'X-RAY DIFFRACTION' ? 
r_nbtor_refined              0.181  0.200  ? 527  'X-RAY DIFFRACTION' ? 
r_nbtor_other                0.084  0.200  ? 569  'X-RAY DIFFRACTION' ? 
r_xyhbond_nbd_refined        0.168  0.200  ? 45   'X-RAY DIFFRACTION' ? 
r_xyhbond_nbd_other          ?      ?      ? ?    'X-RAY DIFFRACTION' ? 
r_metal_ion_refined          ?      ?      ? ?    'X-RAY DIFFRACTION' ? 
r_metal_ion_other            ?      ?      ? ?    'X-RAY DIFFRACTION' ? 
r_symmetry_vdw_refined       0.245  0.200  ? 18   'X-RAY DIFFRACTION' ? 
r_symmetry_vdw_other         0.248  0.200  ? 94   'X-RAY DIFFRACTION' ? 
r_symmetry_hbond_refined     0.159  0.200  ? 14   'X-RAY DIFFRACTION' ? 
r_symmetry_hbond_other       ?      ?      ? ?    'X-RAY DIFFRACTION' ? 
r_symmetry_metal_ion_refined ?      ?      ? ?    'X-RAY DIFFRACTION' ? 
r_symmetry_metal_ion_other   ?      ?      ? ?    'X-RAY DIFFRACTION' ? 
r_mcbond_it                  2.134  3.000  ? 685  'X-RAY DIFFRACTION' ? 
r_mcbond_other               0.450  3.000  ? 260  'X-RAY DIFFRACTION' ? 
r_mcangle_it                 2.913  5.000  ? 1000 'X-RAY DIFFRACTION' ? 
r_scbond_it                  5.166  8.000  ? 521  'X-RAY DIFFRACTION' ? 
r_scangle_it                 6.644  11.000 ? 454  'X-RAY DIFFRACTION' ? 
r_rigid_bond_restr           ?      ?      ? ?    'X-RAY DIFFRACTION' ? 
r_sphericity_free            ?      ?      ? ?    'X-RAY DIFFRACTION' ? 
r_sphericity_bonded          ?      ?      ? ?    'X-RAY DIFFRACTION' ? 
# 
_refine_ls_shell.pdbx_total_number_of_bins_used   20 
_refine_ls_shell.d_res_high                       1.95 
_refine_ls_shell.d_res_low                        2.00 
_refine_ls_shell.number_reflns_R_work             778 
_refine_ls_shell.R_factor_R_work                  0.231 
_refine_ls_shell.percent_reflns_obs               100.00 
_refine_ls_shell.R_factor_R_free                  0.353 
_refine_ls_shell.R_factor_R_free_error            ? 
_refine_ls_shell.percent_reflns_R_free            ? 
_refine_ls_shell.number_reflns_R_free             39 
_refine_ls_shell.number_reflns_all                ? 
_refine_ls_shell.R_factor_all                     ? 
_refine_ls_shell.redundancy_reflns_obs            ? 
_refine_ls_shell.number_reflns_obs                ? 
_refine_ls_shell.pdbx_refine_id                   'X-RAY DIFFRACTION' 
# 
_struct.entry_id                  2HSB 
_struct.title                     
'Crystal structure of a hepn domain containing protein (af_0298) from archaeoglobus fulgidus at 1.95 A resolution' 
_struct.pdbx_model_details        ? 
_struct.pdbx_CASP_flag            ? 
_struct.pdbx_model_type_details   ? 
# 
_struct_keywords.text            
;Duf103 family, structural genomics, Joint Center for Structural Genomics, JCSG, Protein Structure Initiative, PSI-2, unknown function
;
_struct_keywords.pdbx_keywords   'UNKNOWN FUNCTION' 
_struct_keywords.entry_id        2HSB 
# 
loop_
_struct_asym.id 
_struct_asym.pdbx_blank_PDB_chainid_flag 
_struct_asym.pdbx_modified 
_struct_asym.entity_id 
_struct_asym.details 
A N N 1 ? 
B N N 2 ? 
C N N 2 ? 
D N N 2 ? 
E N N 3 ? 
F N N 3 ? 
G N N 3 ? 
H N N 3 ? 
I N N 3 ? 
J N N 4 ? 
# 
_struct_ref.id                         1 
_struct_ref.db_name                    UNP 
_struct_ref.db_code                    Y298_ARCFU 
_struct_ref.pdbx_db_accession          O29944 
_struct_ref.entity_id                  1 
_struct_ref.pdbx_seq_one_letter_code   
;MDELELRIRKAEKLVQDAKKEFEMGLYERCCSTAYYAMFHAAKAMLLGYGRDSKTHRGTIYLIWECREELGLSDDDCSKL
SRAFDLREESDYGIYKEVSKDLAIKILKDAEIFVQKAKNAVNKNR
;
_struct_ref.pdbx_align_begin           1 
_struct_ref.pdbx_db_isoform            ? 
# 
_struct_ref_seq.align_id                      1 
_struct_ref_seq.ref_id                        1 
_struct_ref_seq.pdbx_PDB_id_code              2HSB 
_struct_ref_seq.pdbx_strand_id                A 
_struct_ref_seq.seq_align_beg                 2 
_struct_ref_seq.pdbx_seq_align_beg_ins_code   ? 
_struct_ref_seq.seq_align_end                 126 
_struct_ref_seq.pdbx_seq_align_end_ins_code   ? 
_struct_ref_seq.pdbx_db_accession             O29944 
_struct_ref_seq.db_align_beg                  1 
_struct_ref_seq.pdbx_db_align_beg_ins_code    ? 
_struct_ref_seq.db_align_end                  125 
_struct_ref_seq.pdbx_db_align_end_ins_code    ? 
_struct_ref_seq.pdbx_auth_seq_align_beg       1 
_struct_ref_seq.pdbx_auth_seq_align_end       125 
# 
loop_
_struct_ref_seq_dif.align_id 
_struct_ref_seq_dif.pdbx_pdb_id_code 
_struct_ref_seq_dif.mon_id 
_struct_ref_seq_dif.pdbx_pdb_strand_id 
_struct_ref_seq_dif.seq_num 
_struct_ref_seq_dif.pdbx_pdb_ins_code 
_struct_ref_seq_dif.pdbx_seq_db_name 
_struct_ref_seq_dif.pdbx_seq_db_accession_code 
_struct_ref_seq_dif.db_mon_id 
_struct_ref_seq_dif.pdbx_seq_db_seq_num 
_struct_ref_seq_dif.details 
_struct_ref_seq_dif.pdbx_auth_seq_num 
_struct_ref_seq_dif.pdbx_ordinal 
1 2HSB GLY A 1  ? UNP O29944 ?   ?  'expression tag'   0  1 
1 2HSB MSE A 2  ? UNP O29944 MET 1  'modified residue' 1  2 
1 2HSB MSE A 25 ? UNP O29944 MET 24 'modified residue' 24 3 
1 2HSB MSE A 39 ? UNP O29944 MET 38 'modified residue' 38 4 
1 2HSB MSE A 46 ? UNP O29944 MET 45 'modified residue' 45 5 
# 
loop_
_pdbx_struct_assembly.id 
_pdbx_struct_assembly.details 
_pdbx_struct_assembly.method_details 
_pdbx_struct_assembly.oligomeric_details 
_pdbx_struct_assembly.oligomeric_count 
1 author_and_software_defined_assembly PISA dimeric   2 
2 software_defined_assembly            PQS  monomeric 1 
# 
loop_
_pdbx_struct_assembly_prop.biol_id 
_pdbx_struct_assembly_prop.type 
_pdbx_struct_assembly_prop.value 
_pdbx_struct_assembly_prop.details 
1 'ABSA (A^2)' 4060  ? 
1 MORE         -78   ? 
1 'SSA (A^2)'  12380 ? 
# 
loop_
_pdbx_struct_assembly_gen.assembly_id 
_pdbx_struct_assembly_gen.oper_expression 
_pdbx_struct_assembly_gen.asym_id_list 
1 1,2 A,B,C,D,E,F,G,H,I,J 
2 1   A,B,C,D,E,F,G,H,I,J 
# 
loop_
_pdbx_struct_oper_list.id 
_pdbx_struct_oper_list.type 
_pdbx_struct_oper_list.name 
_pdbx_struct_oper_list.symmetry_operation 
_pdbx_struct_oper_list.matrix[1][1] 
_pdbx_struct_oper_list.matrix[1][2] 
_pdbx_struct_oper_list.matrix[1][3] 
_pdbx_struct_oper_list.vector[1] 
_pdbx_struct_oper_list.matrix[2][1] 
_pdbx_struct_oper_list.matrix[2][2] 
_pdbx_struct_oper_list.matrix[2][3] 
_pdbx_struct_oper_list.vector[2] 
_pdbx_struct_oper_list.matrix[3][1] 
_pdbx_struct_oper_list.matrix[3][2] 
_pdbx_struct_oper_list.matrix[3][3] 
_pdbx_struct_oper_list.vector[3] 
1 'identity operation'         1_555 x,y,z    1.0000000000  0.0000000000 0.0000000000  0.0000000000  0.0000000000 1.0000000000 0.0000000000  0.0000000000 0.0000000000  0.0000000000  1.0000000000  0.0000000000  
2 'crystal symmetry operation' 7_556 y,x,-z+1 -0.9706617787 0.2374469439 -0.0378769073 -1.1125412563 0.2374469439 0.9217610600 -0.3065542319 3.9576213640 -0.0378769073 -0.3065542319 -0.9510992812 23.9482360433 
# 
_struct_biol.id   1 
# 
loop_
_struct_conf.conf_type_id 
_struct_conf.id 
_struct_conf.pdbx_PDB_helix_id 
_struct_conf.beg_label_comp_id 
_struct_conf.beg_label_asym_id 
_struct_conf.beg_label_seq_id 
_struct_conf.pdbx_beg_PDB_ins_code 
_struct_conf.end_label_comp_id 
_struct_conf.end_label_asym_id 
_struct_conf.end_label_seq_id 
_struct_conf.pdbx_end_PDB_ins_code 
_struct_conf.beg_auth_comp_id 
_struct_conf.beg_auth_asym_id 
_struct_conf.beg_auth_seq_id 
_struct_conf.end_auth_comp_id 
_struct_conf.end_auth_asym_id 
_struct_conf.end_auth_seq_id 
_struct_conf.pdbx_PDB_helix_class 
_struct_conf.details 
_struct_conf.pdbx_PDB_helix_length 
HELX_P HELX_P1 1 ASP A 3   ? MSE A 25  ? ASP A 2  MSE A 24  1 ? 23 
HELX_P HELX_P2 2 LEU A 27  ? TYR A 50  ? LEU A 26 TYR A 49  1 ? 24 
HELX_P HELX_P3 3 THR A 56  ? CYS A 67  ? THR A 55 CYS A 66  1 ? 12 
HELX_P HELX_P4 4 CYS A 67  ? GLY A 72  ? CYS A 66 GLY A 71  1 ? 6  
HELX_P HELX_P5 5 SER A 74  ? GLY A 94  ? SER A 73 GLY A 93  1 ? 21 
HELX_P HELX_P6 6 SER A 100 ? VAL A 122 ? SER A 99 VAL A 121 1 ? 23 
# 
_struct_conf_type.id          HELX_P 
_struct_conf_type.criteria    ? 
_struct_conf_type.reference   ? 
# 
loop_
_struct_conn.id 
_struct_conn.conn_type_id 
_struct_conn.pdbx_leaving_atom_flag 
_struct_conn.pdbx_PDB_id 
_struct_conn.ptnr1_label_asym_id 
_struct_conn.ptnr1_label_comp_id 
_struct_conn.ptnr1_label_seq_id 
_struct_conn.ptnr1_label_atom_id 
_struct_conn.pdbx_ptnr1_label_alt_id 
_struct_conn.pdbx_ptnr1_PDB_ins_code 
_struct_conn.pdbx_ptnr1_standard_comp_id 
_struct_conn.ptnr1_symmetry 
_struct_conn.ptnr2_label_asym_id 
_struct_conn.ptnr2_label_comp_id 
_struct_conn.ptnr2_label_seq_id 
_struct_conn.ptnr2_label_atom_id 
_struct_conn.pdbx_ptnr2_label_alt_id 
_struct_conn.pdbx_ptnr2_PDB_ins_code 
_struct_conn.ptnr1_auth_asym_id 
_struct_conn.ptnr1_auth_comp_id 
_struct_conn.ptnr1_auth_seq_id 
_struct_conn.ptnr2_auth_asym_id 
_struct_conn.ptnr2_auth_comp_id 
_struct_conn.ptnr2_auth_seq_id 
_struct_conn.ptnr2_symmetry 
_struct_conn.pdbx_ptnr3_label_atom_id 
_struct_conn.pdbx_ptnr3_label_seq_id 
_struct_conn.pdbx_ptnr3_label_comp_id 
_struct_conn.pdbx_ptnr3_label_asym_id 
_struct_conn.pdbx_ptnr3_label_alt_id 
_struct_conn.pdbx_ptnr3_PDB_ins_code 
_struct_conn.details 
_struct_conn.pdbx_dist_value 
_struct_conn.pdbx_value_order 
_struct_conn.pdbx_role 
covale1 covale both ? A GLY 1  C ? ? ? 1_555 A MSE 2  N ? ? A GLY 0  A MSE 1  1_555 ? ? ? ? ? ? ? 1.328 ? ? 
covale2 covale both ? A MSE 2  C ? ? ? 1_555 A ASP 3  N ? ? A MSE 1  A ASP 2  1_555 ? ? ? ? ? ? ? 1.332 ? ? 
covale3 covale both ? A GLU 24 C ? ? ? 1_555 A MSE 25 N ? ? A GLU 23 A MSE 24 1_555 ? ? ? ? ? ? ? 1.331 ? ? 
covale4 covale both ? A MSE 25 C ? ? ? 1_555 A GLY 26 N ? ? A MSE 24 A GLY 25 1_555 ? ? ? ? ? ? ? 1.327 ? ? 
covale5 covale both ? A ALA 38 C ? ? ? 1_555 A MSE 39 N ? ? A ALA 37 A MSE 38 1_555 ? ? ? ? ? ? ? 1.317 ? ? 
covale6 covale both ? A MSE 39 C ? ? ? 1_555 A PHE 40 N ? ? A MSE 38 A PHE 39 1_555 ? ? ? ? ? ? ? 1.320 ? ? 
covale7 covale both ? A ALA 45 C ? ? ? 1_555 A MSE 46 N ? ? A ALA 44 A MSE 45 1_555 ? ? ? ? ? ? ? 1.334 ? ? 
covale8 covale both ? A MSE 46 C ? ? ? 1_555 A LEU 47 N ? ? A MSE 45 A LEU 46 1_555 ? ? ? ? ? ? ? 1.330 ? ? 
# 
_struct_conn_type.id          covale 
_struct_conn_type.criteria    ? 
_struct_conn_type.reference   ? 
# 
loop_
_pdbx_modification_feature.ordinal 
_pdbx_modification_feature.label_comp_id 
_pdbx_modification_feature.label_asym_id 
_pdbx_modification_feature.label_seq_id 
_pdbx_modification_feature.label_alt_id 
_pdbx_modification_feature.modified_residue_label_comp_id 
_pdbx_modification_feature.modified_residue_label_asym_id 
_pdbx_modification_feature.modified_residue_label_seq_id 
_pdbx_modification_feature.modified_residue_label_alt_id 
_pdbx_modification_feature.auth_comp_id 
_pdbx_modification_feature.auth_asym_id 
_pdbx_modification_feature.auth_seq_id 
_pdbx_modification_feature.PDB_ins_code 
_pdbx_modification_feature.symmetry 
_pdbx_modification_feature.modified_residue_auth_comp_id 
_pdbx_modification_feature.modified_residue_auth_asym_id 
_pdbx_modification_feature.modified_residue_auth_seq_id 
_pdbx_modification_feature.modified_residue_PDB_ins_code 
_pdbx_modification_feature.modified_residue_symmetry 
_pdbx_modification_feature.comp_id_linking_atom 
_pdbx_modification_feature.modified_residue_id_linking_atom 
_pdbx_modification_feature.modified_residue_id 
_pdbx_modification_feature.ref_pcm_id 
_pdbx_modification_feature.ref_comp_id 
_pdbx_modification_feature.type 
_pdbx_modification_feature.category 
1 MSE A 2  ? . . . . MSE A 1  ? 1_555 . . . . . . . MET 1 MSE Selenomethionine 'Named protein modification' 
2 MSE A 25 ? . . . . MSE A 24 ? 1_555 . . . . . . . MET 1 MSE Selenomethionine 'Named protein modification' 
3 MSE A 39 ? . . . . MSE A 38 ? 1_555 . . . . . . . MET 1 MSE Selenomethionine 'Named protein modification' 
4 MSE A 46 ? . . . . MSE A 45 ? 1_555 . . . . . . . MET 1 MSE Selenomethionine 'Named protein modification' 
# 
loop_
_struct_site.id 
_struct_site.pdbx_evidence_code 
_struct_site.pdbx_auth_asym_id 
_struct_site.pdbx_auth_comp_id 
_struct_site.pdbx_auth_seq_id 
_struct_site.pdbx_auth_ins_code 
_struct_site.pdbx_num_residues 
_struct_site.details 
AC1 Software A SO4 126 ? 9  'BINDING SITE FOR RESIDUE SO4 A 126' 
AC2 Software A SO4 127 ? 4  'BINDING SITE FOR RESIDUE SO4 A 127' 
AC3 Software A SO4 128 ? 5  'BINDING SITE FOR RESIDUE SO4 A 128' 
AC4 Software A PG4 129 ? 8  'BINDING SITE FOR RESIDUE PG4 A 129' 
AC5 Software A PG4 130 ? 6  'BINDING SITE FOR RESIDUE PG4 A 130' 
AC6 Software A PG4 131 ? 7  'BINDING SITE FOR RESIDUE PG4 A 131' 
AC7 Software A PG4 132 ? 14 'BINDING SITE FOR RESIDUE PG4 A 132' 
AC8 Software A PG4 133 ? 7  'BINDING SITE FOR RESIDUE PG4 A 133' 
# 
loop_
_struct_site_gen.id 
_struct_site_gen.site_id 
_struct_site_gen.pdbx_num_res 
_struct_site_gen.label_comp_id 
_struct_site_gen.label_asym_id 
_struct_site_gen.label_seq_id 
_struct_site_gen.pdbx_auth_ins_code 
_struct_site_gen.auth_comp_id 
_struct_site_gen.auth_asym_id 
_struct_site_gen.auth_seq_id 
_struct_site_gen.label_atom_id 
_struct_site_gen.label_alt_id 
_struct_site_gen.symmetry 
_struct_site_gen.details 
1  AC1 9  TYR A 37  ? TYR A 36  . ? 1_555 ? 
2  AC1 9  HIS A 57  ? HIS A 56  . ? 1_555 ? 
3  AC1 9  HIS A 57  ? HIS A 56  . ? 7_556 ? 
4  AC1 9  ARG A 88  ? ARG A 87  . ? 7_556 ? 
5  AC1 9  ARG A 88  ? ARG A 87  . ? 1_555 ? 
6  AC1 9  TYR A 93  ? TYR A 92  . ? 1_555 ? 
7  AC1 9  TYR A 93  ? TYR A 92  . ? 7_556 ? 
8  AC1 9  ARG A 126 ? ARG A 125 . ? 5_655 ? 
9  AC1 9  ARG A 126 ? ARG A 125 . ? 4_565 ? 
10 AC2 4  SER A 54  ? SER A 53  . ? 1_555 ? 
11 AC2 4  LYS A 55  ? LYS A 54  . ? 1_555 ? 
12 AC2 4  THR A 56  ? THR A 55  . ? 1_555 ? 
13 AC2 4  GLY A 59  ? GLY A 58  . ? 1_555 ? 
14 AC3 5  ARG A 10  ? ARG A 9   . ? 1_555 ? 
15 AC3 5  GLU A 13  ? GLU A 12  . ? 1_555 ? 
16 AC3 5  ARG A 58  ? ARG A 57  . ? 5_645 ? 
17 AC3 5  GLY A 59  ? GLY A 58  . ? 5_645 ? 
18 AC3 5  TYR A 62  ? TYR A 61  . ? 5_645 ? 
19 AC4 8  GLY A 1   ? GLY A 0   . ? 1_555 ? 
20 AC4 8  GLU A 6   ? GLU A 5   . ? 1_555 ? 
21 AC4 8  TYR A 62  ? TYR A 61  . ? 5_645 ? 
22 AC4 8  TRP A 65  ? TRP A 64  . ? 5_645 ? 
23 AC4 8  SER A 82  ? SER A 81  . ? 5_645 ? 
24 AC4 8  ASP A 86  ? ASP A 85  . ? 5_645 ? 
25 AC4 8  LYS A 124 ? LYS A 123 . ? 1_555 ? 
26 AC4 8  HOH J .   ? HOH A 150 . ? 1_555 ? 
27 AC5 6  GLU A 112 ? GLU A 111 . ? 1_555 ? 
28 AC5 6  ILE A 113 ? ILE A 112 . ? 1_555 ? 
29 AC5 6  GLN A 116 ? GLN A 115 . ? 8_665 ? 
30 AC5 6  GLN A 116 ? GLN A 115 . ? 1_555 ? 
31 AC5 6  ASN A 120 ? ASN A 119 . ? 8_665 ? 
32 AC5 6  HOH J .   ? HOH A 178 . ? 8_665 ? 
33 AC6 7  GLU A 24  ? GLU A 23  . ? 8_665 ? 
34 AC6 7  ASP A 76  ? ASP A 75  . ? 1_555 ? 
35 AC6 7  LYS A 80  ? LYS A 79  . ? 1_555 ? 
36 AC6 7  LEU A 108 ? LEU A 107 . ? 8_665 ? 
37 AC6 7  LYS A 109 ? LYS A 108 . ? 8_665 ? 
38 AC6 7  GLU A 112 ? GLU A 111 . ? 8_665 ? 
39 AC6 7  HOH J .   ? HOH A 173 . ? 8_665 ? 
40 AC7 14 ARG A 83  ? ARG A 82  . ? 1_555 ? 
41 AC7 14 ARG A 83  ? ARG A 82  . ? 8_665 ? 
42 AC7 14 ASP A 102 ? ASP A 101 . ? 8_665 ? 
43 AC7 14 ILE A 105 ? ILE A 104 . ? 8_665 ? 
44 AC7 14 ILE A 105 ? ILE A 104 . ? 1_555 ? 
45 AC7 14 LYS A 106 ? LYS A 105 . ? 1_555 ? 
46 AC7 14 LYS A 106 ? LYS A 105 . ? 8_665 ? 
47 AC7 14 LYS A 109 ? LYS A 108 . ? 1_555 ? 
48 AC7 14 LYS A 109 ? LYS A 108 . ? 8_665 ? 
49 AC7 14 PG4 I .   ? PG4 A 133 . ? 1_555 ? 
50 AC7 14 HOH J .   ? HOH A 135 . ? 8_665 ? 
51 AC7 14 HOH J .   ? HOH A 135 . ? 1_555 ? 
52 AC7 14 HOH J .   ? HOH A 175 . ? 1_555 ? 
53 AC7 14 HOH J .   ? HOH A 175 . ? 8_665 ? 
54 AC8 7  ASP A 76  ? ASP A 75  . ? 8_665 ? 
55 AC8 7  SER A 79  ? SER A 78  . ? 8_665 ? 
56 AC8 7  LYS A 80  ? LYS A 79  . ? 8_665 ? 
57 AC8 7  ARG A 83  ? ARG A 82  . ? 8_665 ? 
58 AC8 7  LYS A 109 ? LYS A 108 . ? 1_555 ? 
59 AC8 7  ASP A 110 ? ASP A 109 . ? 8_665 ? 
60 AC8 7  PG4 H .   ? PG4 A 132 . ? 1_555 ? 
# 
_pdbx_entry_details.entry_id                   2HSB 
_pdbx_entry_details.compound_details           ? 
_pdbx_entry_details.source_details             ? 
_pdbx_entry_details.nonpolymer_details         ? 
_pdbx_entry_details.sequence_details           ? 
_pdbx_entry_details.has_ligand_of_interest     ? 
_pdbx_entry_details.has_protein_modification   Y 
# 
_pdbx_validate_rmsd_bond.id                        1 
_pdbx_validate_rmsd_bond.PDB_model_num             1 
_pdbx_validate_rmsd_bond.auth_atom_id_1            SE 
_pdbx_validate_rmsd_bond.auth_asym_id_1            A 
_pdbx_validate_rmsd_bond.auth_comp_id_1            MSE 
_pdbx_validate_rmsd_bond.auth_seq_id_1             38 
_pdbx_validate_rmsd_bond.PDB_ins_code_1            ? 
_pdbx_validate_rmsd_bond.label_alt_id_1            ? 
_pdbx_validate_rmsd_bond.auth_atom_id_2            CE 
_pdbx_validate_rmsd_bond.auth_asym_id_2            A 
_pdbx_validate_rmsd_bond.auth_comp_id_2            MSE 
_pdbx_validate_rmsd_bond.auth_seq_id_2             38 
_pdbx_validate_rmsd_bond.PDB_ins_code_2            ? 
_pdbx_validate_rmsd_bond.label_alt_id_2            ? 
_pdbx_validate_rmsd_bond.bond_value                1.543 
_pdbx_validate_rmsd_bond.bond_target_value         1.950 
_pdbx_validate_rmsd_bond.bond_deviation            -0.407 
_pdbx_validate_rmsd_bond.bond_standard_deviation   0.059 
_pdbx_validate_rmsd_bond.linker_flag               N 
# 
_pdbx_validate_rmsd_angle.id                         1 
_pdbx_validate_rmsd_angle.PDB_model_num              1 
_pdbx_validate_rmsd_angle.auth_atom_id_1             NE 
_pdbx_validate_rmsd_angle.auth_asym_id_1             A 
_pdbx_validate_rmsd_angle.auth_comp_id_1             ARG 
_pdbx_validate_rmsd_angle.auth_seq_id_1              29 
_pdbx_validate_rmsd_angle.PDB_ins_code_1             ? 
_pdbx_validate_rmsd_angle.label_alt_id_1             ? 
_pdbx_validate_rmsd_angle.auth_atom_id_2             CZ 
_pdbx_validate_rmsd_angle.auth_asym_id_2             A 
_pdbx_validate_rmsd_angle.auth_comp_id_2             ARG 
_pdbx_validate_rmsd_angle.auth_seq_id_2              29 
_pdbx_validate_rmsd_angle.PDB_ins_code_2             ? 
_pdbx_validate_rmsd_angle.label_alt_id_2             ? 
_pdbx_validate_rmsd_angle.auth_atom_id_3             NH2 
_pdbx_validate_rmsd_angle.auth_asym_id_3             A 
_pdbx_validate_rmsd_angle.auth_comp_id_3             ARG 
_pdbx_validate_rmsd_angle.auth_seq_id_3              29 
_pdbx_validate_rmsd_angle.PDB_ins_code_3             ? 
_pdbx_validate_rmsd_angle.label_alt_id_3             ? 
_pdbx_validate_rmsd_angle.angle_value                116.94 
_pdbx_validate_rmsd_angle.angle_target_value         120.30 
_pdbx_validate_rmsd_angle.angle_deviation            -3.36 
_pdbx_validate_rmsd_angle.angle_standard_deviation   0.50 
_pdbx_validate_rmsd_angle.linker_flag                N 
# 
_pdbx_SG_project.project_name          'PSI, Protein Structure Initiative' 
_pdbx_SG_project.full_name_of_center   'Joint Center for Structural Genomics' 
_pdbx_SG_project.id                    1 
_pdbx_SG_project.initial_of_center     JCSG 
# 
loop_
_pdbx_struct_mod_residue.id 
_pdbx_struct_mod_residue.label_asym_id 
_pdbx_struct_mod_residue.label_comp_id 
_pdbx_struct_mod_residue.label_seq_id 
_pdbx_struct_mod_residue.auth_asym_id 
_pdbx_struct_mod_residue.auth_comp_id 
_pdbx_struct_mod_residue.auth_seq_id 
_pdbx_struct_mod_residue.PDB_ins_code 
_pdbx_struct_mod_residue.parent_comp_id 
_pdbx_struct_mod_residue.details 
1 A MSE 2  A MSE 1  ? MET SELENOMETHIONINE 
2 A MSE 25 A MSE 24 ? MET SELENOMETHIONINE 
3 A MSE 39 A MSE 38 ? MET SELENOMETHIONINE 
4 A MSE 46 A MSE 45 ? MET SELENOMETHIONINE 
# 
loop_
_pdbx_struct_special_symmetry.id 
_pdbx_struct_special_symmetry.PDB_model_num 
_pdbx_struct_special_symmetry.auth_asym_id 
_pdbx_struct_special_symmetry.auth_comp_id 
_pdbx_struct_special_symmetry.auth_seq_id 
_pdbx_struct_special_symmetry.PDB_ins_code 
_pdbx_struct_special_symmetry.label_asym_id 
_pdbx_struct_special_symmetry.label_comp_id 
_pdbx_struct_special_symmetry.label_seq_id 
1 1 A SO4 126 ? B SO4 . 
2 1 A HOH 176 ? J HOH . 
# 
_pdbx_refine_tls.id               1 
_pdbx_refine_tls.details          ? 
_pdbx_refine_tls.method           refined 
_pdbx_refine_tls.origin_x         -0.0364 
_pdbx_refine_tls.origin_y         -0.2849 
_pdbx_refine_tls.origin_z         0.2144 
_pdbx_refine_tls.T[1][1]          -0.1113 
_pdbx_refine_tls.T[2][2]          -0.1174 
_pdbx_refine_tls.T[3][3]          -0.2286 
_pdbx_refine_tls.T[1][2]          0.0245 
_pdbx_refine_tls.T[1][3]          0.0288 
_pdbx_refine_tls.T[2][3]          -0.0241 
_pdbx_refine_tls.L[1][1]          0.1801 
_pdbx_refine_tls.L[2][2]          0.0400 
_pdbx_refine_tls.L[3][3]          3.1220 
_pdbx_refine_tls.L[1][2]          -0.0786 
_pdbx_refine_tls.L[1][3]          -0.3507 
_pdbx_refine_tls.L[2][3]          0.1930 
_pdbx_refine_tls.S[1][1]          0.0084 
_pdbx_refine_tls.S[1][2]          0.0455 
_pdbx_refine_tls.S[1][3]          0.0605 
_pdbx_refine_tls.S[2][1]          -0.0496 
_pdbx_refine_tls.S[2][2]          -0.0492 
_pdbx_refine_tls.S[2][3]          0.0232 
_pdbx_refine_tls.S[3][1]          0.2840 
_pdbx_refine_tls.S[3][2]          0.1197 
_pdbx_refine_tls.S[3][3]          0.0407 
_pdbx_refine_tls.pdbx_refine_id   'X-RAY DIFFRACTION' 
# 
_pdbx_refine_tls_group.id                  1 
_pdbx_refine_tls_group.refine_tls_id       1 
_pdbx_refine_tls_group.beg_auth_asym_id    A 
_pdbx_refine_tls_group.beg_auth_seq_id     0 
_pdbx_refine_tls_group.beg_label_asym_id   A 
_pdbx_refine_tls_group.beg_label_seq_id    1 
_pdbx_refine_tls_group.end_auth_asym_id    A 
_pdbx_refine_tls_group.end_auth_seq_id     125 
_pdbx_refine_tls_group.end_label_asym_id   A 
_pdbx_refine_tls_group.end_label_seq_id    126 
_pdbx_refine_tls_group.selection           ? 
_pdbx_refine_tls_group.pdbx_refine_id      'X-RAY DIFFRACTION' 
_pdbx_refine_tls_group.selection_details   ? 
# 
_phasing.method   MAD 
# 
loop_
_chem_comp_atom.comp_id 
_chem_comp_atom.atom_id 
_chem_comp_atom.type_symbol 
_chem_comp_atom.pdbx_aromatic_flag 
_chem_comp_atom.pdbx_stereo_config 
_chem_comp_atom.pdbx_ordinal 
ALA N    N  N N 1   
ALA CA   C  N S 2   
ALA C    C  N N 3   
ALA O    O  N N 4   
ALA CB   C  N N 5   
ALA OXT  O  N N 6   
ALA H    H  N N 7   
ALA H2   H  N N 8   
ALA HA   H  N N 9   
ALA HB1  H  N N 10  
ALA HB2  H  N N 11  
ALA HB3  H  N N 12  
ALA HXT  H  N N 13  
ARG N    N  N N 14  
ARG CA   C  N S 15  
ARG C    C  N N 16  
ARG O    O  N N 17  
ARG CB   C  N N 18  
ARG CG   C  N N 19  
ARG CD   C  N N 20  
ARG NE   N  N N 21  
ARG CZ   C  N N 22  
ARG NH1  N  N N 23  
ARG NH2  N  N N 24  
ARG OXT  O  N N 25  
ARG H    H  N N 26  
ARG H2   H  N N 27  
ARG HA   H  N N 28  
ARG HB2  H  N N 29  
ARG HB3  H  N N 30  
ARG HG2  H  N N 31  
ARG HG3  H  N N 32  
ARG HD2  H  N N 33  
ARG HD3  H  N N 34  
ARG HE   H  N N 35  
ARG HH11 H  N N 36  
ARG HH12 H  N N 37  
ARG HH21 H  N N 38  
ARG HH22 H  N N 39  
ARG HXT  H  N N 40  
ASN N    N  N N 41  
ASN CA   C  N S 42  
ASN C    C  N N 43  
ASN O    O  N N 44  
ASN CB   C  N N 45  
ASN CG   C  N N 46  
ASN OD1  O  N N 47  
ASN ND2  N  N N 48  
ASN OXT  O  N N 49  
ASN H    H  N N 50  
ASN H2   H  N N 51  
ASN HA   H  N N 52  
ASN HB2  H  N N 53  
ASN HB3  H  N N 54  
ASN HD21 H  N N 55  
ASN HD22 H  N N 56  
ASN HXT  H  N N 57  
ASP N    N  N N 58  
ASP CA   C  N S 59  
ASP C    C  N N 60  
ASP O    O  N N 61  
ASP CB   C  N N 62  
ASP CG   C  N N 63  
ASP OD1  O  N N 64  
ASP OD2  O  N N 65  
ASP OXT  O  N N 66  
ASP H    H  N N 67  
ASP H2   H  N N 68  
ASP HA   H  N N 69  
ASP HB2  H  N N 70  
ASP HB3  H  N N 71  
ASP HD2  H  N N 72  
ASP HXT  H  N N 73  
CYS N    N  N N 74  
CYS CA   C  N R 75  
CYS C    C  N N 76  
CYS O    O  N N 77  
CYS CB   C  N N 78  
CYS SG   S  N N 79  
CYS OXT  O  N N 80  
CYS H    H  N N 81  
CYS H2   H  N N 82  
CYS HA   H  N N 83  
CYS HB2  H  N N 84  
CYS HB3  H  N N 85  
CYS HG   H  N N 86  
CYS HXT  H  N N 87  
GLN N    N  N N 88  
GLN CA   C  N S 89  
GLN C    C  N N 90  
GLN O    O  N N 91  
GLN CB   C  N N 92  
GLN CG   C  N N 93  
GLN CD   C  N N 94  
GLN OE1  O  N N 95  
GLN NE2  N  N N 96  
GLN OXT  O  N N 97  
GLN H    H  N N 98  
GLN H2   H  N N 99  
GLN HA   H  N N 100 
GLN HB2  H  N N 101 
GLN HB3  H  N N 102 
GLN HG2  H  N N 103 
GLN HG3  H  N N 104 
GLN HE21 H  N N 105 
GLN HE22 H  N N 106 
GLN HXT  H  N N 107 
GLU N    N  N N 108 
GLU CA   C  N S 109 
GLU C    C  N N 110 
GLU O    O  N N 111 
GLU CB   C  N N 112 
GLU CG   C  N N 113 
GLU CD   C  N N 114 
GLU OE1  O  N N 115 
GLU OE2  O  N N 116 
GLU OXT  O  N N 117 
GLU H    H  N N 118 
GLU H2   H  N N 119 
GLU HA   H  N N 120 
GLU HB2  H  N N 121 
GLU HB3  H  N N 122 
GLU HG2  H  N N 123 
GLU HG3  H  N N 124 
GLU HE2  H  N N 125 
GLU HXT  H  N N 126 
GLY N    N  N N 127 
GLY CA   C  N N 128 
GLY C    C  N N 129 
GLY O    O  N N 130 
GLY OXT  O  N N 131 
GLY H    H  N N 132 
GLY H2   H  N N 133 
GLY HA2  H  N N 134 
GLY HA3  H  N N 135 
GLY HXT  H  N N 136 
HIS N    N  N N 137 
HIS CA   C  N S 138 
HIS C    C  N N 139 
HIS O    O  N N 140 
HIS CB   C  N N 141 
HIS CG   C  Y N 142 
HIS ND1  N  Y N 143 
HIS CD2  C  Y N 144 
HIS CE1  C  Y N 145 
HIS NE2  N  Y N 146 
HIS OXT  O  N N 147 
HIS H    H  N N 148 
HIS H2   H  N N 149 
HIS HA   H  N N 150 
HIS HB2  H  N N 151 
HIS HB3  H  N N 152 
HIS HD1  H  N N 153 
HIS HD2  H  N N 154 
HIS HE1  H  N N 155 
HIS HE2  H  N N 156 
HIS HXT  H  N N 157 
HOH O    O  N N 158 
HOH H1   H  N N 159 
HOH H2   H  N N 160 
ILE N    N  N N 161 
ILE CA   C  N S 162 
ILE C    C  N N 163 
ILE O    O  N N 164 
ILE CB   C  N S 165 
ILE CG1  C  N N 166 
ILE CG2  C  N N 167 
ILE CD1  C  N N 168 
ILE OXT  O  N N 169 
ILE H    H  N N 170 
ILE H2   H  N N 171 
ILE HA   H  N N 172 
ILE HB   H  N N 173 
ILE HG12 H  N N 174 
ILE HG13 H  N N 175 
ILE HG21 H  N N 176 
ILE HG22 H  N N 177 
ILE HG23 H  N N 178 
ILE HD11 H  N N 179 
ILE HD12 H  N N 180 
ILE HD13 H  N N 181 
ILE HXT  H  N N 182 
LEU N    N  N N 183 
LEU CA   C  N S 184 
LEU C    C  N N 185 
LEU O    O  N N 186 
LEU CB   C  N N 187 
LEU CG   C  N N 188 
LEU CD1  C  N N 189 
LEU CD2  C  N N 190 
LEU OXT  O  N N 191 
LEU H    H  N N 192 
LEU H2   H  N N 193 
LEU HA   H  N N 194 
LEU HB2  H  N N 195 
LEU HB3  H  N N 196 
LEU HG   H  N N 197 
LEU HD11 H  N N 198 
LEU HD12 H  N N 199 
LEU HD13 H  N N 200 
LEU HD21 H  N N 201 
LEU HD22 H  N N 202 
LEU HD23 H  N N 203 
LEU HXT  H  N N 204 
LYS N    N  N N 205 
LYS CA   C  N S 206 
LYS C    C  N N 207 
LYS O    O  N N 208 
LYS CB   C  N N 209 
LYS CG   C  N N 210 
LYS CD   C  N N 211 
LYS CE   C  N N 212 
LYS NZ   N  N N 213 
LYS OXT  O  N N 214 
LYS H    H  N N 215 
LYS H2   H  N N 216 
LYS HA   H  N N 217 
LYS HB2  H  N N 218 
LYS HB3  H  N N 219 
LYS HG2  H  N N 220 
LYS HG3  H  N N 221 
LYS HD2  H  N N 222 
LYS HD3  H  N N 223 
LYS HE2  H  N N 224 
LYS HE3  H  N N 225 
LYS HZ1  H  N N 226 
LYS HZ2  H  N N 227 
LYS HZ3  H  N N 228 
LYS HXT  H  N N 229 
MET N    N  N N 230 
MET CA   C  N S 231 
MET C    C  N N 232 
MET O    O  N N 233 
MET CB   C  N N 234 
MET CG   C  N N 235 
MET SD   S  N N 236 
MET CE   C  N N 237 
MET OXT  O  N N 238 
MET H    H  N N 239 
MET H2   H  N N 240 
MET HA   H  N N 241 
MET HB2  H  N N 242 
MET HB3  H  N N 243 
MET HG2  H  N N 244 
MET HG3  H  N N 245 
MET HE1  H  N N 246 
MET HE2  H  N N 247 
MET HE3  H  N N 248 
MET HXT  H  N N 249 
MSE N    N  N N 250 
MSE CA   C  N S 251 
MSE C    C  N N 252 
MSE O    O  N N 253 
MSE OXT  O  N N 254 
MSE CB   C  N N 255 
MSE CG   C  N N 256 
MSE SE   SE N N 257 
MSE CE   C  N N 258 
MSE H    H  N N 259 
MSE H2   H  N N 260 
MSE HA   H  N N 261 
MSE HXT  H  N N 262 
MSE HB2  H  N N 263 
MSE HB3  H  N N 264 
MSE HG2  H  N N 265 
MSE HG3  H  N N 266 
MSE HE1  H  N N 267 
MSE HE2  H  N N 268 
MSE HE3  H  N N 269 
PG4 O1   O  N N 270 
PG4 C1   C  N N 271 
PG4 C2   C  N N 272 
PG4 O2   O  N N 273 
PG4 C3   C  N N 274 
PG4 C4   C  N N 275 
PG4 O3   O  N N 276 
PG4 C5   C  N N 277 
PG4 C6   C  N N 278 
PG4 O4   O  N N 279 
PG4 C7   C  N N 280 
PG4 C8   C  N N 281 
PG4 O5   O  N N 282 
PG4 HO1  H  N N 283 
PG4 H11  H  N N 284 
PG4 H12  H  N N 285 
PG4 H21  H  N N 286 
PG4 H22  H  N N 287 
PG4 H31  H  N N 288 
PG4 H32  H  N N 289 
PG4 H41  H  N N 290 
PG4 H42  H  N N 291 
PG4 H51  H  N N 292 
PG4 H52  H  N N 293 
PG4 H61  H  N N 294 
PG4 H62  H  N N 295 
PG4 H71  H  N N 296 
PG4 H72  H  N N 297 
PG4 H81  H  N N 298 
PG4 H82  H  N N 299 
PG4 HO5  H  N N 300 
PHE N    N  N N 301 
PHE CA   C  N S 302 
PHE C    C  N N 303 
PHE O    O  N N 304 
PHE CB   C  N N 305 
PHE CG   C  Y N 306 
PHE CD1  C  Y N 307 
PHE CD2  C  Y N 308 
PHE CE1  C  Y N 309 
PHE CE2  C  Y N 310 
PHE CZ   C  Y N 311 
PHE OXT  O  N N 312 
PHE H    H  N N 313 
PHE H2   H  N N 314 
PHE HA   H  N N 315 
PHE HB2  H  N N 316 
PHE HB3  H  N N 317 
PHE HD1  H  N N 318 
PHE HD2  H  N N 319 
PHE HE1  H  N N 320 
PHE HE2  H  N N 321 
PHE HZ   H  N N 322 
PHE HXT  H  N N 323 
SER N    N  N N 324 
SER CA   C  N S 325 
SER C    C  N N 326 
SER O    O  N N 327 
SER CB   C  N N 328 
SER OG   O  N N 329 
SER OXT  O  N N 330 
SER H    H  N N 331 
SER H2   H  N N 332 
SER HA   H  N N 333 
SER HB2  H  N N 334 
SER HB3  H  N N 335 
SER HG   H  N N 336 
SER HXT  H  N N 337 
SO4 S    S  N N 338 
SO4 O1   O  N N 339 
SO4 O2   O  N N 340 
SO4 O3   O  N N 341 
SO4 O4   O  N N 342 
THR N    N  N N 343 
THR CA   C  N S 344 
THR C    C  N N 345 
THR O    O  N N 346 
THR CB   C  N R 347 
THR OG1  O  N N 348 
THR CG2  C  N N 349 
THR OXT  O  N N 350 
THR H    H  N N 351 
THR H2   H  N N 352 
THR HA   H  N N 353 
THR HB   H  N N 354 
THR HG1  H  N N 355 
THR HG21 H  N N 356 
THR HG22 H  N N 357 
THR HG23 H  N N 358 
THR HXT  H  N N 359 
TRP N    N  N N 360 
TRP CA   C  N S 361 
TRP C    C  N N 362 
TRP O    O  N N 363 
TRP CB   C  N N 364 
TRP CG   C  Y N 365 
TRP CD1  C  Y N 366 
TRP CD2  C  Y N 367 
TRP NE1  N  Y N 368 
TRP CE2  C  Y N 369 
TRP CE3  C  Y N 370 
TRP CZ2  C  Y N 371 
TRP CZ3  C  Y N 372 
TRP CH2  C  Y N 373 
TRP OXT  O  N N 374 
TRP H    H  N N 375 
TRP H2   H  N N 376 
TRP HA   H  N N 377 
TRP HB2  H  N N 378 
TRP HB3  H  N N 379 
TRP HD1  H  N N 380 
TRP HE1  H  N N 381 
TRP HE3  H  N N 382 
TRP HZ2  H  N N 383 
TRP HZ3  H  N N 384 
TRP HH2  H  N N 385 
TRP HXT  H  N N 386 
TYR N    N  N N 387 
TYR CA   C  N S 388 
TYR C    C  N N 389 
TYR O    O  N N 390 
TYR CB   C  N N 391 
TYR CG   C  Y N 392 
TYR CD1  C  Y N 393 
TYR CD2  C  Y N 394 
TYR CE1  C  Y N 395 
TYR CE2  C  Y N 396 
TYR CZ   C  Y N 397 
TYR OH   O  N N 398 
TYR OXT  O  N N 399 
TYR H    H  N N 400 
TYR H2   H  N N 401 
TYR HA   H  N N 402 
TYR HB2  H  N N 403 
TYR HB3  H  N N 404 
TYR HD1  H  N N 405 
TYR HD2  H  N N 406 
TYR HE1  H  N N 407 
TYR HE2  H  N N 408 
TYR HH   H  N N 409 
TYR HXT  H  N N 410 
VAL N    N  N N 411 
VAL CA   C  N S 412 
VAL C    C  N N 413 
VAL O    O  N N 414 
VAL CB   C  N N 415 
VAL CG1  C  N N 416 
VAL CG2  C  N N 417 
VAL OXT  O  N N 418 
VAL H    H  N N 419 
VAL H2   H  N N 420 
VAL HA   H  N N 421 
VAL HB   H  N N 422 
VAL HG11 H  N N 423 
VAL HG12 H  N N 424 
VAL HG13 H  N N 425 
VAL HG21 H  N N 426 
VAL HG22 H  N N 427 
VAL HG23 H  N N 428 
VAL HXT  H  N N 429 
# 
loop_
_chem_comp_bond.comp_id 
_chem_comp_bond.atom_id_1 
_chem_comp_bond.atom_id_2 
_chem_comp_bond.value_order 
_chem_comp_bond.pdbx_aromatic_flag 
_chem_comp_bond.pdbx_stereo_config 
_chem_comp_bond.pdbx_ordinal 
ALA N   CA   sing N N 1   
ALA N   H    sing N N 2   
ALA N   H2   sing N N 3   
ALA CA  C    sing N N 4   
ALA CA  CB   sing N N 5   
ALA CA  HA   sing N N 6   
ALA C   O    doub N N 7   
ALA C   OXT  sing N N 8   
ALA CB  HB1  sing N N 9   
ALA CB  HB2  sing N N 10  
ALA CB  HB3  sing N N 11  
ALA OXT HXT  sing N N 12  
ARG N   CA   sing N N 13  
ARG N   H    sing N N 14  
ARG N   H2   sing N N 15  
ARG CA  C    sing N N 16  
ARG CA  CB   sing N N 17  
ARG CA  HA   sing N N 18  
ARG C   O    doub N N 19  
ARG C   OXT  sing N N 20  
ARG CB  CG   sing N N 21  
ARG CB  HB2  sing N N 22  
ARG CB  HB3  sing N N 23  
ARG CG  CD   sing N N 24  
ARG CG  HG2  sing N N 25  
ARG CG  HG3  sing N N 26  
ARG CD  NE   sing N N 27  
ARG CD  HD2  sing N N 28  
ARG CD  HD3  sing N N 29  
ARG NE  CZ   sing N N 30  
ARG NE  HE   sing N N 31  
ARG CZ  NH1  sing N N 32  
ARG CZ  NH2  doub N N 33  
ARG NH1 HH11 sing N N 34  
ARG NH1 HH12 sing N N 35  
ARG NH2 HH21 sing N N 36  
ARG NH2 HH22 sing N N 37  
ARG OXT HXT  sing N N 38  
ASN N   CA   sing N N 39  
ASN N   H    sing N N 40  
ASN N   H2   sing N N 41  
ASN CA  C    sing N N 42  
ASN CA  CB   sing N N 43  
ASN CA  HA   sing N N 44  
ASN C   O    doub N N 45  
ASN C   OXT  sing N N 46  
ASN CB  CG   sing N N 47  
ASN CB  HB2  sing N N 48  
ASN CB  HB3  sing N N 49  
ASN CG  OD1  doub N N 50  
ASN CG  ND2  sing N N 51  
ASN ND2 HD21 sing N N 52  
ASN ND2 HD22 sing N N 53  
ASN OXT HXT  sing N N 54  
ASP N   CA   sing N N 55  
ASP N   H    sing N N 56  
ASP N   H2   sing N N 57  
ASP CA  C    sing N N 58  
ASP CA  CB   sing N N 59  
ASP CA  HA   sing N N 60  
ASP C   O    doub N N 61  
ASP C   OXT  sing N N 62  
ASP CB  CG   sing N N 63  
ASP CB  HB2  sing N N 64  
ASP CB  HB3  sing N N 65  
ASP CG  OD1  doub N N 66  
ASP CG  OD2  sing N N 67  
ASP OD2 HD2  sing N N 68  
ASP OXT HXT  sing N N 69  
CYS N   CA   sing N N 70  
CYS N   H    sing N N 71  
CYS N   H2   sing N N 72  
CYS CA  C    sing N N 73  
CYS CA  CB   sing N N 74  
CYS CA  HA   sing N N 75  
CYS C   O    doub N N 76  
CYS C   OXT  sing N N 77  
CYS CB  SG   sing N N 78  
CYS CB  HB2  sing N N 79  
CYS CB  HB3  sing N N 80  
CYS SG  HG   sing N N 81  
CYS OXT HXT  sing N N 82  
GLN N   CA   sing N N 83  
GLN N   H    sing N N 84  
GLN N   H2   sing N N 85  
GLN CA  C    sing N N 86  
GLN CA  CB   sing N N 87  
GLN CA  HA   sing N N 88  
GLN C   O    doub N N 89  
GLN C   OXT  sing N N 90  
GLN CB  CG   sing N N 91  
GLN CB  HB2  sing N N 92  
GLN CB  HB3  sing N N 93  
GLN CG  CD   sing N N 94  
GLN CG  HG2  sing N N 95  
GLN CG  HG3  sing N N 96  
GLN CD  OE1  doub N N 97  
GLN CD  NE2  sing N N 98  
GLN NE2 HE21 sing N N 99  
GLN NE2 HE22 sing N N 100 
GLN OXT HXT  sing N N 101 
GLU N   CA   sing N N 102 
GLU N   H    sing N N 103 
GLU N   H2   sing N N 104 
GLU CA  C    sing N N 105 
GLU CA  CB   sing N N 106 
GLU CA  HA   sing N N 107 
GLU C   O    doub N N 108 
GLU C   OXT  sing N N 109 
GLU CB  CG   sing N N 110 
GLU CB  HB2  sing N N 111 
GLU CB  HB3  sing N N 112 
GLU CG  CD   sing N N 113 
GLU CG  HG2  sing N N 114 
GLU CG  HG3  sing N N 115 
GLU CD  OE1  doub N N 116 
GLU CD  OE2  sing N N 117 
GLU OE2 HE2  sing N N 118 
GLU OXT HXT  sing N N 119 
GLY N   CA   sing N N 120 
GLY N   H    sing N N 121 
GLY N   H2   sing N N 122 
GLY CA  C    sing N N 123 
GLY CA  HA2  sing N N 124 
GLY CA  HA3  sing N N 125 
GLY C   O    doub N N 126 
GLY C   OXT  sing N N 127 
GLY OXT HXT  sing N N 128 
HIS N   CA   sing N N 129 
HIS N   H    sing N N 130 
HIS N   H2   sing N N 131 
HIS CA  C    sing N N 132 
HIS CA  CB   sing N N 133 
HIS CA  HA   sing N N 134 
HIS C   O    doub N N 135 
HIS C   OXT  sing N N 136 
HIS CB  CG   sing N N 137 
HIS CB  HB2  sing N N 138 
HIS CB  HB3  sing N N 139 
HIS CG  ND1  sing Y N 140 
HIS CG  CD2  doub Y N 141 
HIS ND1 CE1  doub Y N 142 
HIS ND1 HD1  sing N N 143 
HIS CD2 NE2  sing Y N 144 
HIS CD2 HD2  sing N N 145 
HIS CE1 NE2  sing Y N 146 
HIS CE1 HE1  sing N N 147 
HIS NE2 HE2  sing N N 148 
HIS OXT HXT  sing N N 149 
HOH O   H1   sing N N 150 
HOH O   H2   sing N N 151 
ILE N   CA   sing N N 152 
ILE N   H    sing N N 153 
ILE N   H2   sing N N 154 
ILE CA  C    sing N N 155 
ILE CA  CB   sing N N 156 
ILE CA  HA   sing N N 157 
ILE C   O    doub N N 158 
ILE C   OXT  sing N N 159 
ILE CB  CG1  sing N N 160 
ILE CB  CG2  sing N N 161 
ILE CB  HB   sing N N 162 
ILE CG1 CD1  sing N N 163 
ILE CG1 HG12 sing N N 164 
ILE CG1 HG13 sing N N 165 
ILE CG2 HG21 sing N N 166 
ILE CG2 HG22 sing N N 167 
ILE CG2 HG23 sing N N 168 
ILE CD1 HD11 sing N N 169 
ILE CD1 HD12 sing N N 170 
ILE CD1 HD13 sing N N 171 
ILE OXT HXT  sing N N 172 
LEU N   CA   sing N N 173 
LEU N   H    sing N N 174 
LEU N   H2   sing N N 175 
LEU CA  C    sing N N 176 
LEU CA  CB   sing N N 177 
LEU CA  HA   sing N N 178 
LEU C   O    doub N N 179 
LEU C   OXT  sing N N 180 
LEU CB  CG   sing N N 181 
LEU CB  HB2  sing N N 182 
LEU CB  HB3  sing N N 183 
LEU CG  CD1  sing N N 184 
LEU CG  CD2  sing N N 185 
LEU CG  HG   sing N N 186 
LEU CD1 HD11 sing N N 187 
LEU CD1 HD12 sing N N 188 
LEU CD1 HD13 sing N N 189 
LEU CD2 HD21 sing N N 190 
LEU CD2 HD22 sing N N 191 
LEU CD2 HD23 sing N N 192 
LEU OXT HXT  sing N N 193 
LYS N   CA   sing N N 194 
LYS N   H    sing N N 195 
LYS N   H2   sing N N 196 
LYS CA  C    sing N N 197 
LYS CA  CB   sing N N 198 
LYS CA  HA   sing N N 199 
LYS C   O    doub N N 200 
LYS C   OXT  sing N N 201 
LYS CB  CG   sing N N 202 
LYS CB  HB2  sing N N 203 
LYS CB  HB3  sing N N 204 
LYS CG  CD   sing N N 205 
LYS CG  HG2  sing N N 206 
LYS CG  HG3  sing N N 207 
LYS CD  CE   sing N N 208 
LYS CD  HD2  sing N N 209 
LYS CD  HD3  sing N N 210 
LYS CE  NZ   sing N N 211 
LYS CE  HE2  sing N N 212 
LYS CE  HE3  sing N N 213 
LYS NZ  HZ1  sing N N 214 
LYS NZ  HZ2  sing N N 215 
LYS NZ  HZ3  sing N N 216 
LYS OXT HXT  sing N N 217 
MET N   CA   sing N N 218 
MET N   H    sing N N 219 
MET N   H2   sing N N 220 
MET CA  C    sing N N 221 
MET CA  CB   sing N N 222 
MET CA  HA   sing N N 223 
MET C   O    doub N N 224 
MET C   OXT  sing N N 225 
MET CB  CG   sing N N 226 
MET CB  HB2  sing N N 227 
MET CB  HB3  sing N N 228 
MET CG  SD   sing N N 229 
MET CG  HG2  sing N N 230 
MET CG  HG3  sing N N 231 
MET SD  CE   sing N N 232 
MET CE  HE1  sing N N 233 
MET CE  HE2  sing N N 234 
MET CE  HE3  sing N N 235 
MET OXT HXT  sing N N 236 
MSE N   CA   sing N N 237 
MSE N   H    sing N N 238 
MSE N   H2   sing N N 239 
MSE CA  C    sing N N 240 
MSE CA  CB   sing N N 241 
MSE CA  HA   sing N N 242 
MSE C   O    doub N N 243 
MSE C   OXT  sing N N 244 
MSE OXT HXT  sing N N 245 
MSE CB  CG   sing N N 246 
MSE CB  HB2  sing N N 247 
MSE CB  HB3  sing N N 248 
MSE CG  SE   sing N N 249 
MSE CG  HG2  sing N N 250 
MSE CG  HG3  sing N N 251 
MSE SE  CE   sing N N 252 
MSE CE  HE1  sing N N 253 
MSE CE  HE2  sing N N 254 
MSE CE  HE3  sing N N 255 
PG4 O1  C1   sing N N 256 
PG4 O1  HO1  sing N N 257 
PG4 C1  C2   sing N N 258 
PG4 C1  H11  sing N N 259 
PG4 C1  H12  sing N N 260 
PG4 C2  O2   sing N N 261 
PG4 C2  H21  sing N N 262 
PG4 C2  H22  sing N N 263 
PG4 O2  C3   sing N N 264 
PG4 C3  C4   sing N N 265 
PG4 C3  H31  sing N N 266 
PG4 C3  H32  sing N N 267 
PG4 C4  O3   sing N N 268 
PG4 C4  H41  sing N N 269 
PG4 C4  H42  sing N N 270 
PG4 O3  C5   sing N N 271 
PG4 C5  C6   sing N N 272 
PG4 C5  H51  sing N N 273 
PG4 C5  H52  sing N N 274 
PG4 C6  O4   sing N N 275 
PG4 C6  H61  sing N N 276 
PG4 C6  H62  sing N N 277 
PG4 O4  C7   sing N N 278 
PG4 C7  C8   sing N N 279 
PG4 C7  H71  sing N N 280 
PG4 C7  H72  sing N N 281 
PG4 C8  O5   sing N N 282 
PG4 C8  H81  sing N N 283 
PG4 C8  H82  sing N N 284 
PG4 O5  HO5  sing N N 285 
PHE N   CA   sing N N 286 
PHE N   H    sing N N 287 
PHE N   H2   sing N N 288 
PHE CA  C    sing N N 289 
PHE CA  CB   sing N N 290 
PHE CA  HA   sing N N 291 
PHE C   O    doub N N 292 
PHE C   OXT  sing N N 293 
PHE CB  CG   sing N N 294 
PHE CB  HB2  sing N N 295 
PHE CB  HB3  sing N N 296 
PHE CG  CD1  doub Y N 297 
PHE CG  CD2  sing Y N 298 
PHE CD1 CE1  sing Y N 299 
PHE CD1 HD1  sing N N 300 
PHE CD2 CE2  doub Y N 301 
PHE CD2 HD2  sing N N 302 
PHE CE1 CZ   doub Y N 303 
PHE CE1 HE1  sing N N 304 
PHE CE2 CZ   sing Y N 305 
PHE CE2 HE2  sing N N 306 
PHE CZ  HZ   sing N N 307 
PHE OXT HXT  sing N N 308 
SER N   CA   sing N N 309 
SER N   H    sing N N 310 
SER N   H2   sing N N 311 
SER CA  C    sing N N 312 
SER CA  CB   sing N N 313 
SER CA  HA   sing N N 314 
SER C   O    doub N N 315 
SER C   OXT  sing N N 316 
SER CB  OG   sing N N 317 
SER CB  HB2  sing N N 318 
SER CB  HB3  sing N N 319 
SER OG  HG   sing N N 320 
SER OXT HXT  sing N N 321 
SO4 S   O1   doub N N 322 
SO4 S   O2   doub N N 323 
SO4 S   O3   sing N N 324 
SO4 S   O4   sing N N 325 
THR N   CA   sing N N 326 
THR N   H    sing N N 327 
THR N   H2   sing N N 328 
THR CA  C    sing N N 329 
THR CA  CB   sing N N 330 
THR CA  HA   sing N N 331 
THR C   O    doub N N 332 
THR C   OXT  sing N N 333 
THR CB  OG1  sing N N 334 
THR CB  CG2  sing N N 335 
THR CB  HB   sing N N 336 
THR OG1 HG1  sing N N 337 
THR CG2 HG21 sing N N 338 
THR CG2 HG22 sing N N 339 
THR CG2 HG23 sing N N 340 
THR OXT HXT  sing N N 341 
TRP N   CA   sing N N 342 
TRP N   H    sing N N 343 
TRP N   H2   sing N N 344 
TRP CA  C    sing N N 345 
TRP CA  CB   sing N N 346 
TRP CA  HA   sing N N 347 
TRP C   O    doub N N 348 
TRP C   OXT  sing N N 349 
TRP CB  CG   sing N N 350 
TRP CB  HB2  sing N N 351 
TRP CB  HB3  sing N N 352 
TRP CG  CD1  doub Y N 353 
TRP CG  CD2  sing Y N 354 
TRP CD1 NE1  sing Y N 355 
TRP CD1 HD1  sing N N 356 
TRP CD2 CE2  doub Y N 357 
TRP CD2 CE3  sing Y N 358 
TRP NE1 CE2  sing Y N 359 
TRP NE1 HE1  sing N N 360 
TRP CE2 CZ2  sing Y N 361 
TRP CE3 CZ3  doub Y N 362 
TRP CE3 HE3  sing N N 363 
TRP CZ2 CH2  doub Y N 364 
TRP CZ2 HZ2  sing N N 365 
TRP CZ3 CH2  sing Y N 366 
TRP CZ3 HZ3  sing N N 367 
TRP CH2 HH2  sing N N 368 
TRP OXT HXT  sing N N 369 
TYR N   CA   sing N N 370 
TYR N   H    sing N N 371 
TYR N   H2   sing N N 372 
TYR CA  C    sing N N 373 
TYR CA  CB   sing N N 374 
TYR CA  HA   sing N N 375 
TYR C   O    doub N N 376 
TYR C   OXT  sing N N 377 
TYR CB  CG   sing N N 378 
TYR CB  HB2  sing N N 379 
TYR CB  HB3  sing N N 380 
TYR CG  CD1  doub Y N 381 
TYR CG  CD2  sing Y N 382 
TYR CD1 CE1  sing Y N 383 
TYR CD1 HD1  sing N N 384 
TYR CD2 CE2  doub Y N 385 
TYR CD2 HD2  sing N N 386 
TYR CE1 CZ   doub Y N 387 
TYR CE1 HE1  sing N N 388 
TYR CE2 CZ   sing Y N 389 
TYR CE2 HE2  sing N N 390 
TYR CZ  OH   sing N N 391 
TYR OH  HH   sing N N 392 
TYR OXT HXT  sing N N 393 
VAL N   CA   sing N N 394 
VAL N   H    sing N N 395 
VAL N   H2   sing N N 396 
VAL CA  C    sing N N 397 
VAL CA  CB   sing N N 398 
VAL CA  HA   sing N N 399 
VAL C   O    doub N N 400 
VAL C   OXT  sing N N 401 
VAL CB  CG1  sing N N 402 
VAL CB  CG2  sing N N 403 
VAL CB  HB   sing N N 404 
VAL CG1 HG11 sing N N 405 
VAL CG1 HG12 sing N N 406 
VAL CG1 HG13 sing N N 407 
VAL CG2 HG21 sing N N 408 
VAL CG2 HG22 sing N N 409 
VAL CG2 HG23 sing N N 410 
VAL OXT HXT  sing N N 411 
# 
_atom_sites.entry_id                    2HSB 
_atom_sites.fract_transf_matrix[1][1]   -0.01174723 
_atom_sites.fract_transf_matrix[1][2]   -0.01100564 
_atom_sites.fract_transf_matrix[1][3]   -0.00354975 
_atom_sites.fract_transf_matrix[2][1]   0.00892378 
_atom_sites.fract_transf_matrix[2][2]   -0.01184573 
_atom_sites.fract_transf_matrix[2][3]   0.00719494 
_atom_sites.fract_transf_matrix[3][1]   -0.00554857 
_atom_sites.fract_transf_matrix[3][2]   0.00241850 
_atom_sites.fract_transf_matrix[3][3]   0.01086363 
_atom_sites.fract_transf_vector[1]      0.650508 
_atom_sites.fract_transf_vector[2]      0.535011 
_atom_sites.fract_transf_vector[3]      0.362047 
# 
loop_
_atom_type.symbol 
C  
N  
O  
S  
SE 
# 
loop_
_atom_site.group_PDB 
_atom_site.id 
_atom_site.type_symbol 
_atom_site.label_atom_id 
_atom_site.label_alt_id 
_atom_site.label_comp_id 
_atom_site.label_asym_id 
_atom_site.label_entity_id 
_atom_site.label_seq_id 
_atom_site.pdbx_PDB_ins_code 
_atom_site.Cartn_x 
_atom_site.Cartn_y 
_atom_site.Cartn_z 
_atom_site.occupancy 
_atom_site.B_iso_or_equiv 
_atom_site.pdbx_formal_charge 
_atom_site.auth_seq_id 
_atom_site.auth_comp_id 
_atom_site.auth_asym_id 
_atom_site.auth_atom_id 
_atom_site.pdbx_PDB_model_num 
ATOM   1    N  N   . GLY A 1 1   ? -20.488 4.031   -5.242  1.00 53.51 ? 0   GLY A N   1 
ATOM   2    C  CA  . GLY A 1 1   ? -21.463 3.540   -4.237  1.00 53.21 ? 0   GLY A CA  1 
ATOM   3    C  C   . GLY A 1 1   ? -20.806 3.368   -2.874  1.00 52.47 ? 0   GLY A C   1 
ATOM   4    O  O   . GLY A 1 1   ? -19.661 3.748   -2.684  1.00 50.72 ? 0   GLY A O   1 
HETATM 5    N  N   . MSE A 1 2   ? -21.547 2.787   -1.938  1.00 51.65 ? 1   MSE A N   1 
HETATM 6    C  CA  . MSE A 1 2   ? -21.041 2.457   -0.610  1.00 53.62 ? 1   MSE A CA  1 
HETATM 7    C  C   . MSE A 1 2   ? -20.611 0.987   -0.530  1.00 53.13 ? 1   MSE A C   1 
HETATM 8    O  O   . MSE A 1 2   ? -20.528 0.419   0.560   1.00 53.98 ? 1   MSE A O   1 
HETATM 9    C  CB  . MSE A 1 2   ? -22.116 2.738   0.451   1.00 54.84 ? 1   MSE A CB  1 
HETATM 10   C  CG  . MSE A 1 2   ? -22.537 4.195   0.566   1.00 59.09 ? 1   MSE A CG  1 
HETATM 11   SE SE  . MSE A 1 2   ? -21.120 5.373   1.244   0.75 66.46 ? 1   MSE A SE  1 
HETATM 12   C  CE  . MSE A 1 2   ? -21.012 4.676   3.081   1.00 67.14 ? 1   MSE A CE  1 
ATOM   13   N  N   . ASP A 1 3   ? -20.331 0.369   -1.677  1.00 51.96 ? 2   ASP A N   1 
ATOM   14   C  CA  . ASP A 1 3   ? -19.820 -0.999  -1.696  1.00 51.75 ? 2   ASP A CA  1 
ATOM   15   C  C   . ASP A 1 3   ? -18.343 -1.052  -1.290  1.00 51.45 ? 2   ASP A C   1 
ATOM   16   O  O   . ASP A 1 3   ? -17.626 -0.053  -1.392  1.00 47.75 ? 2   ASP A O   1 
ATOM   17   C  CB  . ASP A 1 3   ? -19.966 -1.604  -3.076  1.00 52.04 ? 2   ASP A CB  1 
ATOM   18   C  CG  . ASP A 1 3   ? -19.213 -0.821  -4.123  1.00 57.98 ? 2   ASP A CG  1 
ATOM   19   O  OD1 . ASP A 1 3   ? -19.671 0.304   -4.458  1.00 58.38 ? 2   ASP A OD1 1 
ATOM   20   O  OD2 . ASP A 1 3   ? -18.165 -1.324  -4.578  1.00 55.80 ? 2   ASP A OD2 1 
ATOM   21   N  N   . GLU A 1 4   ? -17.905 -2.239  -0.870  1.00 50.84 ? 3   GLU A N   1 
ATOM   22   C  CA  . GLU A 1 4   ? -16.569 -2.439  -0.317  1.00 51.62 ? 3   GLU A CA  1 
ATOM   23   C  C   . GLU A 1 4   ? -15.471 -2.094  -1.319  1.00 48.65 ? 3   GLU A C   1 
ATOM   24   O  O   . GLU A 1 4   ? -14.451 -1.545  -0.934  1.00 48.01 ? 3   GLU A O   1 
ATOM   25   C  CB  . GLU A 1 4   ? -16.399 -3.884  0.168   1.00 51.68 ? 3   GLU A CB  1 
ATOM   26   C  CG  . GLU A 1 4   ? -15.037 -4.164  0.806   1.00 55.51 ? 3   GLU A CG  1 
ATOM   27   C  CD  . GLU A 1 4   ? -14.889 -5.569  1.387   1.00 57.54 ? 3   GLU A CD  1 
ATOM   28   O  OE1 . GLU A 1 4   ? -15.881 -6.335  1.424   1.00 61.94 ? 3   GLU A OE1 1 
ATOM   29   O  OE2 . GLU A 1 4   ? -13.756 -5.906  1.804   1.00 61.41 ? 3   GLU A OE2 1 
ATOM   30   N  N   . LEU A 1 5   ? -15.668 -2.412  -2.597  1.00 47.52 ? 4   LEU A N   1 
ATOM   31   C  CA  . LEU A 1 5   ? -14.633 -2.152  -3.592  1.00 47.40 ? 4   LEU A CA  1 
ATOM   32   C  C   . LEU A 1 5   ? -14.345 -0.657  -3.695  1.00 46.24 ? 4   LEU A C   1 
ATOM   33   O  O   . LEU A 1 5   ? -13.193 -0.224  -3.644  1.00 45.52 ? 4   LEU A O   1 
ATOM   34   C  CB  . LEU A 1 5   ? -15.028 -2.716  -4.955  1.00 48.77 ? 4   LEU A CB  1 
ATOM   35   C  CG  . LEU A 1 5   ? -14.003 -2.633  -6.088  1.00 49.47 ? 4   LEU A CG  1 
ATOM   36   C  CD1 . LEU A 1 5   ? -12.702 -3.342  -5.751  1.00 48.73 ? 4   LEU A CD1 1 
ATOM   37   C  CD2 . LEU A 1 5   ? -14.611 -3.206  -7.387  1.00 47.32 ? 4   LEU A CD2 1 
ATOM   38   N  N   . GLU A 1 6   ? -15.406 0.131   -3.795  1.00 45.02 ? 5   GLU A N   1 
ATOM   39   C  CA  . GLU A 1 6   ? -15.268 1.567   -3.913  1.00 43.97 ? 5   GLU A CA  1 
ATOM   40   C  C   . GLU A 1 6   ? -14.636 2.135   -2.648  1.00 43.06 ? 5   GLU A C   1 
ATOM   41   O  O   . GLU A 1 6   ? -13.702 2.918   -2.719  1.00 41.30 ? 5   GLU A O   1 
ATOM   42   C  CB  . GLU A 1 6   ? -16.629 2.211   -4.180  1.00 44.86 ? 5   GLU A CB  1 
ATOM   43   C  CG  . GLU A 1 6   ? -16.642 3.728   -4.108  1.00 44.92 ? 5   GLU A CG  1 
ATOM   44   C  CD  . GLU A 1 6   ? -15.597 4.362   -4.988  1.00 43.70 ? 5   GLU A CD  1 
ATOM   45   O  OE1 . GLU A 1 6   ? -15.313 3.794   -6.062  1.00 41.84 ? 5   GLU A OE1 1 
ATOM   46   O  OE2 . GLU A 1 6   ? -15.068 5.430   -4.605  1.00 43.38 ? 5   GLU A OE2 1 
ATOM   47   N  N   . LEU A 1 7   ? -15.138 1.725   -1.493  1.00 41.84 ? 6   LEU A N   1 
ATOM   48   C  CA  . LEU A 1 7   ? -14.684 2.308   -0.233  1.00 43.93 ? 6   LEU A CA  1 
ATOM   49   C  C   . LEU A 1 7   ? -13.218 1.980   0.081   1.00 42.27 ? 6   LEU A C   1 
ATOM   50   O  O   . LEU A 1 7   ? -12.508 2.803   0.675   1.00 40.56 ? 6   LEU A O   1 
ATOM   51   C  CB  . LEU A 1 7   ? -15.604 1.866   0.901   1.00 43.94 ? 6   LEU A CB  1 
ATOM   52   C  CG  . LEU A 1 7   ? -17.010 2.474   0.790   1.00 48.97 ? 6   LEU A CG  1 
ATOM   53   C  CD1 . LEU A 1 7   ? -17.858 2.119   2.004   1.00 49.25 ? 6   LEU A CD1 1 
ATOM   54   C  CD2 . LEU A 1 7   ? -16.926 3.994   0.602   1.00 48.62 ? 6   LEU A CD2 1 
ATOM   55   N  N   . ARG A 1 8   ? -12.787 0.777   -0.293  1.00 42.44 ? 7   ARG A N   1 
ATOM   56   C  CA  . ARG A 1 8   ? -11.377 0.376   -0.178  1.00 43.29 ? 7   ARG A CA  1 
ATOM   57   C  C   . ARG A 1 8   ? -10.452 1.242   -1.023  1.00 42.73 ? 7   ARG A C   1 
ATOM   58   O  O   . ARG A 1 8   ? -9.394  1.662   -0.568  1.00 40.94 ? 7   ARG A O   1 
ATOM   59   C  CB  . ARG A 1 8   ? -11.187 -1.056  -0.662  1.00 42.84 ? 7   ARG A CB  1 
ATOM   60   C  CG  . ARG A 1 8   ? -11.829 -2.104  0.187   1.00 49.91 ? 7   ARG A CG  1 
ATOM   61   C  CD  . ARG A 1 8   ? -10.870 -2.631  1.167   1.00 48.74 ? 7   ARG A CD  1 
ATOM   62   N  NE  . ARG A 1 8   ? -11.431 -3.706  1.961   1.00 44.08 ? 7   ARG A NE  1 
ATOM   63   C  CZ  . ARG A 1 8   ? -10.916 -4.095  3.122   1.00 50.22 ? 7   ARG A CZ  1 
ATOM   64   N  NH1 . ARG A 1 8   ? -9.844  -3.479  3.595   1.00 42.92 ? 7   ARG A NH1 1 
ATOM   65   N  NH2 . ARG A 1 8   ? -11.479 -5.076  3.827   1.00 48.81 ? 7   ARG A NH2 1 
ATOM   66   N  N   . ILE A 1 9   ? -10.825 1.463   -2.275  1.00 40.34 ? 8   ILE A N   1 
ATOM   67   C  CA  . ILE A 1 9   ? -10.011 2.285   -3.154  1.00 37.68 ? 8   ILE A CA  1 
ATOM   68   C  C   . ILE A 1 9   ? -10.002 3.712   -2.635  1.00 38.87 ? 8   ILE A C   1 
ATOM   69   O  O   . ILE A 1 9   ? -8.951  4.345   -2.566  1.00 37.09 ? 8   ILE A O   1 
ATOM   70   C  CB  . ILE A 1 9   ? -10.502 2.217   -4.600  1.00 37.06 ? 8   ILE A CB  1 
ATOM   71   C  CG1 . ILE A 1 9   ? -10.207 0.839   -5.212  1.00 39.17 ? 8   ILE A CG1 1 
ATOM   72   C  CG2 . ILE A 1 9   ? -9.876  3.317   -5.436  1.00 36.41 ? 8   ILE A CG2 1 
ATOM   73   C  CD1 . ILE A 1 9   ? -8.718  0.466   -5.285  1.00 36.43 ? 8   ILE A CD1 1 
ATOM   74   N  N   . ARG A 1 10  ? -11.164 4.214   -2.221  1.00 39.27 ? 9   ARG A N   1 
ATOM   75   C  CA  . ARG A 1 10  ? -11.222 5.566   -1.668  1.00 40.62 ? 9   ARG A CA  1 
ATOM   76   C  C   . ARG A 1 10  ? -10.334 5.682   -0.416  1.00 39.70 ? 9   ARG A C   1 
ATOM   77   O  O   . ARG A 1 10  ? -9.588  6.648   -0.254  1.00 40.28 ? 9   ARG A O   1 
ATOM   78   C  CB  . ARG A 1 10  ? -12.671 5.947   -1.352  1.00 41.45 ? 9   ARG A CB  1 
ATOM   79   C  CG  . ARG A 1 10  ? -12.832 7.264   -0.587  1.00 42.61 ? 9   ARG A CG  1 
ATOM   80   C  CD  . ARG A 1 10  ? -12.204 8.442   -1.325  1.00 47.50 ? 9   ARG A CD  1 
ATOM   81   N  NE  . ARG A 1 10  ? -12.561 9.679   -0.634  1.00 52.32 ? 9   ARG A NE  1 
ATOM   82   C  CZ  . ARG A 1 10  ? -12.320 10.913  -1.076  1.00 55.98 ? 9   ARG A CZ  1 
ATOM   83   N  NH1 . ARG A 1 10  ? -11.694 11.117  -2.221  1.00 57.34 ? 9   ARG A NH1 1 
ATOM   84   N  NH2 . ARG A 1 10  ? -12.718 11.959  -0.358  1.00 60.90 ? 9   ARG A NH2 1 
ATOM   85   N  N   . LYS A 1 11  ? -10.410 4.690   0.455   1.00 38.79 ? 10  LYS A N   1 
ATOM   86   C  CA  . LYS A 1 11  ? -9.544  4.653   1.662   1.00 38.08 ? 10  LYS A CA  1 
ATOM   87   C  C   . LYS A 1 11  ? -8.057  4.675   1.271   1.00 36.33 ? 10  LYS A C   1 
ATOM   88   O  O   . LYS A 1 11  ? -7.295  5.451   1.829   1.00 36.80 ? 10  LYS A O   1 
ATOM   89   C  CB  . LYS A 1 11  ? -9.850  3.411   2.476   1.00 39.93 ? 10  LYS A CB  1 
ATOM   90   C  CG  . LYS A 1 11  ? -9.034  3.242   3.786   1.00 41.04 ? 10  LYS A CG  1 
ATOM   91   C  CD  . LYS A 1 11  ? -9.518  4.110   4.843   1.00 42.86 ? 10  LYS A CD  1 
ATOM   92   C  CE  . LYS A 1 11  ? -8.883  3.720   6.203   1.00 48.45 ? 10  LYS A CE  1 
ATOM   93   N  NZ  . LYS A 1 11  ? -9.687  4.217   7.323   1.00 45.06 ? 10  LYS A NZ  1 
ATOM   94   N  N   . ALA A 1 12  ? -7.667  3.873   0.280   1.00 37.71 ? 11  ALA A N   1 
ATOM   95   C  CA  . ALA A 1 12  ? -6.274  3.824   -0.192  1.00 36.29 ? 11  ALA A CA  1 
ATOM   96   C  C   . ALA A 1 12  ? -5.812  5.194   -0.695  1.00 37.02 ? 11  ALA A C   1 
ATOM   97   O  O   . ALA A 1 12  ? -4.727  5.677   -0.317  1.00 37.20 ? 11  ALA A O   1 
ATOM   98   C  CB  . ALA A 1 12  ? -6.100  2.732   -1.264  1.00 34.65 ? 11  ALA A CB  1 
ATOM   99   N  N   . GLU A 1 13  ? -6.675  5.850   -1.481  1.00 37.51 ? 12  GLU A N   1 
ATOM   100  C  CA  . GLU A 1 13  ? -6.408  7.181   -2.044  1.00 38.85 ? 12  GLU A CA  1 
ATOM   101  C  C   . GLU A 1 13  ? -6.240  8.236   -0.962  1.00 37.97 ? 12  GLU A C   1 
ATOM   102  O  O   . GLU A 1 13  ? -5.310  9.041   -1.018  1.00 39.66 ? 12  GLU A O   1 
ATOM   103  C  CB  . GLU A 1 13  ? -7.547  7.610   -2.984  1.00 37.39 ? 12  GLU A CB  1 
ATOM   104  C  CG  . GLU A 1 13  ? -7.570  6.838   -4.273  1.00 38.71 ? 12  GLU A CG  1 
ATOM   105  C  CD  . GLU A 1 13  ? -8.844  7.070   -5.068  1.00 42.38 ? 12  GLU A CD  1 
ATOM   106  O  OE1 . GLU A 1 13  ? -9.934  7.165   -4.467  1.00 40.42 ? 12  GLU A OE1 1 
ATOM   107  O  OE2 . GLU A 1 13  ? -8.747  7.168   -6.297  1.00 44.74 ? 12  GLU A OE2 1 
ATOM   108  N  N   . LYS A 1 14  ? -7.140  8.242   0.009   1.00 38.99 ? 13  LYS A N   1 
ATOM   109  C  CA  . LYS A 1 14  ? -7.032  9.142   1.182   1.00 41.01 ? 13  LYS A CA  1 
ATOM   110  C  C   . LYS A 1 14  ? -5.740  8.903   1.976   1.00 39.22 ? 13  LYS A C   1 
ATOM   111  O  O   . LYS A 1 14  ? -5.061  9.841   2.386   1.00 40.58 ? 13  LYS A O   1 
ATOM   112  C  CB  . LYS A 1 14  ? -8.241  8.943   2.110   1.00 43.05 ? 13  LYS A CB  1 
ATOM   113  C  CG  . LYS A 1 14  ? -8.410  10.001  3.211   1.00 49.57 ? 13  LYS A CG  1 
ATOM   114  C  CD  . LYS A 1 14  ? -8.105  9.483   4.642   1.00 64.54 ? 13  LYS A CD  1 
ATOM   115  C  CE  . LYS A 1 14  ? -8.590  10.478  5.736   1.00 63.31 ? 13  LYS A CE  1 
ATOM   116  N  NZ  . LYS A 1 14  ? -7.960  11.851  5.609   1.00 65.83 ? 13  LYS A NZ  1 
ATOM   117  N  N   . LEU A 1 15  ? -5.400  7.643   2.202   1.00 40.10 ? 14  LEU A N   1 
ATOM   118  C  CA  . LEU A 1 15  ? -4.190  7.330   2.954   1.00 38.59 ? 14  LEU A CA  1 
ATOM   119  C  C   . LEU A 1 15  ? -2.950  7.849   2.209   1.00 38.19 ? 14  LEU A C   1 
ATOM   120  O  O   . LEU A 1 15  ? -2.027  8.340   2.846   1.00 38.30 ? 14  LEU A O   1 
ATOM   121  C  CB  . LEU A 1 15  ? -4.102  5.835   3.274   1.00 38.21 ? 14  LEU A CB  1 
ATOM   122  C  CG  . LEU A 1 15  ? -5.086  5.311   4.345   1.00 36.84 ? 14  LEU A CG  1 
ATOM   123  C  CD1 . LEU A 1 15  ? -5.201  3.773   4.309   1.00 36.99 ? 14  LEU A CD1 1 
ATOM   124  C  CD2 . LEU A 1 15  ? -4.732  5.787   5.770   1.00 39.83 ? 14  LEU A CD2 1 
ATOM   125  N  N   . VAL A 1 16  ? -2.926  7.743   0.882   1.00 38.67 ? 15  VAL A N   1 
ATOM   126  C  CA  . VAL A 1 16  ? -1.777  8.249   0.092   1.00 39.81 ? 15  VAL A CA  1 
ATOM   127  C  C   . VAL A 1 16  ? -1.646  9.745   0.324   1.00 39.79 ? 15  VAL A C   1 
ATOM   128  O  O   . VAL A 1 16  ? -0.566  10.218  0.580   1.00 39.56 ? 15  VAL A O   1 
ATOM   129  C  CB  . VAL A 1 16  ? -1.888  7.966   -1.431  1.00 41.40 ? 15  VAL A CB  1 
ATOM   130  C  CG1 . VAL A 1 16  ? -0.785  8.696   -2.196  1.00 42.35 ? 15  VAL A CG1 1 
ATOM   131  C  CG2 . VAL A 1 16  ? -1.801  6.466   -1.704  1.00 39.36 ? 15  VAL A CG2 1 
ATOM   132  N  N   . GLN A 1 17  ? -2.752  10.482  0.297   1.00 40.55 ? 16  GLN A N   1 
ATOM   133  C  CA  . GLN A 1 17  ? -2.700  11.915  0.575   1.00 41.11 ? 16  GLN A CA  1 
ATOM   134  C  C   . GLN A 1 17  ? -2.260  12.207  2.018   1.00 40.31 ? 16  GLN A C   1 
ATOM   135  O  O   . GLN A 1 17  ? -1.440  13.107  2.240   1.00 38.83 ? 16  GLN A O   1 
ATOM   136  C  CB  . GLN A 1 17  ? -4.052  12.596  0.263   1.00 42.65 ? 16  GLN A CB  1 
ATOM   137  C  CG  . GLN A 1 17  ? -4.485  12.486  -1.225  1.00 46.02 ? 16  GLN A CG  1 
ATOM   138  C  CD  . GLN A 1 17  ? -3.431  13.054  -2.199  1.00 56.10 ? 16  GLN A CD  1 
ATOM   139  O  OE1 . GLN A 1 17  ? -2.782  12.314  -2.934  1.00 52.52 ? 16  GLN A OE1 1 
ATOM   140  N  NE2 . GLN A 1 17  ? -3.246  14.365  -2.171  1.00 55.70 ? 16  GLN A NE2 1 
ATOM   141  N  N   . ASP A 1 18  ? -2.787  11.458  2.988   1.00 41.72 ? 17  ASP A N   1 
ATOM   142  C  CA  . ASP A 1 18  ? -2.355  11.610  4.380   1.00 40.92 ? 17  ASP A CA  1 
ATOM   143  C  C   . ASP A 1 18  ? -0.834  11.404  4.518   1.00 39.65 ? 17  ASP A C   1 
ATOM   144  O  O   . ASP A 1 18  ? -0.172  12.153  5.240   1.00 38.69 ? 17  ASP A O   1 
ATOM   145  C  CB  . ASP A 1 18  ? -3.083  10.620  5.323   1.00 41.56 ? 17  ASP A CB  1 
ATOM   146  C  CG  . ASP A 1 18  ? -4.539  11.008  5.623   1.00 47.87 ? 17  ASP A CG  1 
ATOM   147  O  OD1 . ASP A 1 18  ? -5.035  12.008  5.079   1.00 45.00 ? 17  ASP A OD1 1 
ATOM   148  O  OD2 . ASP A 1 18  ? -5.182  10.290  6.436   1.00 50.92 ? 17  ASP A OD2 1 
ATOM   149  N  N   . ALA A 1 19  ? -0.299  10.368  3.864   1.00 39.54 ? 18  ALA A N   1 
ATOM   150  C  CA  . ALA A 1 19  ? 1.129   10.051  3.916   1.00 39.22 ? 18  ALA A CA  1 
ATOM   151  C  C   . ALA A 1 19  ? 1.966   11.176  3.330   1.00 41.43 ? 18  ALA A C   1 
ATOM   152  O  O   . ALA A 1 19  ? 3.030   11.492  3.849   1.00 40.06 ? 18  ALA A O   1 
ATOM   153  C  CB  . ALA A 1 19  ? 1.421   8.757   3.156   1.00 38.06 ? 18  ALA A CB  1 
ATOM   154  N  N   . LYS A 1 20  ? 1.496   11.757  2.231   1.00 41.23 ? 19  LYS A N   1 
ATOM   155  C  CA  . LYS A 1 20  ? 2.167   12.910  1.635   1.00 43.14 ? 19  LYS A CA  1 
ATOM   156  C  C   . LYS A 1 20  ? 2.282   14.058  2.648   1.00 43.08 ? 19  LYS A C   1 
ATOM   157  O  O   . LYS A 1 20  ? 3.352   14.657  2.798   1.00 43.16 ? 19  LYS A O   1 
ATOM   158  C  CB  . LYS A 1 20  ? 1.446   13.359  0.371   1.00 40.55 ? 19  LYS A CB  1 
ATOM   159  C  CG  . LYS A 1 20  ? 1.623   12.401  -0.826  1.00 42.00 ? 19  LYS A CG  1 
ATOM   160  C  CD  . LYS A 1 20  ? 0.869   12.921  -2.044  1.00 45.31 ? 19  LYS A CD  1 
ATOM   161  C  CE  . LYS A 1 20  ? 1.004   12.015  -3.243  1.00 47.91 ? 19  LYS A CE  1 
ATOM   162  N  NZ  . LYS A 1 20  ? -0.038  12.362  -4.234  1.00 50.77 ? 19  LYS A NZ  1 
ATOM   163  N  N   . LYS A 1 21  ? 1.202   14.320  3.374   1.00 45.03 ? 20  LYS A N   1 
ATOM   164  C  CA  . LYS A 1 21  ? 1.197   15.374  4.395   1.00 46.72 ? 20  LYS A CA  1 
ATOM   165  C  C   . LYS A 1 21  ? 2.094   15.064  5.592   1.00 46.78 ? 20  LYS A C   1 
ATOM   166  O  O   . LYS A 1 21  ? 2.728   15.971  6.144   1.00 47.53 ? 20  LYS A O   1 
ATOM   167  C  CB  . LYS A 1 21  ? -0.230  15.645  4.879   1.00 48.16 ? 20  LYS A CB  1 
ATOM   168  C  CG  . LYS A 1 21  ? -1.131  16.276  3.817   1.00 52.54 ? 20  LYS A CG  1 
ATOM   169  C  CD  . LYS A 1 21  ? -2.556  16.413  4.356   1.00 53.50 ? 20  LYS A CD  1 
ATOM   170  C  CE  . LYS A 1 21  ? -3.591  16.741  3.270   1.00 60.65 ? 20  LYS A CE  1 
ATOM   171  N  NZ  . LYS A 1 21  ? -4.942  16.962  3.902   1.00 63.15 ? 20  LYS A NZ  1 
ATOM   172  N  N   . GLU A 1 22  ? 2.100   13.808  6.036   1.00 42.99 ? 21  GLU A N   1 
ATOM   173  C  CA  . GLU A 1 22  ? 3.046   13.375  7.069   1.00 44.00 ? 21  GLU A CA  1 
ATOM   174  C  C   . GLU A 1 22  ? 4.479   13.598  6.587   1.00 43.54 ? 21  GLU A C   1 
ATOM   175  O  O   . GLU A 1 22  ? 5.315   14.126  7.332   1.00 42.70 ? 21  GLU A O   1 
ATOM   176  C  CB  . GLU A 1 22  ? 2.806   11.912  7.455   1.00 42.70 ? 21  GLU A CB  1 
ATOM   177  C  CG  . GLU A 1 22  ? 1.539   11.754  8.306   1.00 47.17 ? 21  GLU A CG  1 
ATOM   178  C  CD  . GLU A 1 22  ? 1.076   10.308  8.451   1.00 46.57 ? 21  GLU A CD  1 
ATOM   179  O  OE1 . GLU A 1 22  ? 1.317   9.466   7.547   1.00 47.28 ? 21  GLU A OE1 1 
ATOM   180  O  OE2 . GLU A 1 22  ? 0.419   10.033  9.467   1.00 44.12 ? 21  GLU A OE2 1 
ATOM   181  N  N   . PHE A 1 23  ? 4.761   13.220  5.343   1.00 43.13 ? 22  PHE A N   1 
ATOM   182  C  CA  . PHE A 1 23  ? 6.107   13.431  4.799   1.00 43.55 ? 22  PHE A CA  1 
ATOM   183  C  C   . PHE A 1 23  ? 6.526   14.911  4.891   1.00 44.81 ? 22  PHE A C   1 
ATOM   184  O  O   . PHE A 1 23  ? 7.626   15.227  5.333   1.00 42.94 ? 22  PHE A O   1 
ATOM   185  C  CB  . PHE A 1 23  ? 6.219   12.933  3.356   1.00 44.44 ? 22  PHE A CB  1 
ATOM   186  C  CG  . PHE A 1 23  ? 7.604   13.059  2.790   1.00 42.97 ? 22  PHE A CG  1 
ATOM   187  C  CD1 . PHE A 1 23  ? 8.563   12.084  3.047   1.00 45.28 ? 22  PHE A CD1 1 
ATOM   188  C  CD2 . PHE A 1 23  ? 7.964   14.169  2.051   1.00 48.56 ? 22  PHE A CD2 1 
ATOM   189  C  CE1 . PHE A 1 23  ? 9.837   12.192  2.544   1.00 47.60 ? 22  PHE A CE1 1 
ATOM   190  C  CE2 . PHE A 1 23  ? 9.253   14.290  1.543   1.00 47.40 ? 22  PHE A CE2 1 
ATOM   191  C  CZ  . PHE A 1 23  ? 10.185  13.300  1.787   1.00 49.37 ? 22  PHE A CZ  1 
ATOM   192  N  N   . GLU A 1 24  ? 5.642   15.810  4.492   1.00 47.64 ? 23  GLU A N   1 
ATOM   193  C  CA  . GLU A 1 24  ? 5.968   17.234  4.469   1.00 53.07 ? 23  GLU A CA  1 
ATOM   194  C  C   . GLU A 1 24  ? 6.214   17.801  5.874   1.00 51.74 ? 23  GLU A C   1 
ATOM   195  O  O   . GLU A 1 24  ? 7.022   18.702  6.038   1.00 52.57 ? 23  GLU A O   1 
ATOM   196  C  CB  . GLU A 1 24  ? 4.859   18.014  3.774   1.00 52.43 ? 23  GLU A CB  1 
ATOM   197  C  CG  . GLU A 1 24  ? 4.916   17.898  2.278   1.00 59.79 ? 23  GLU A CG  1 
ATOM   198  C  CD  . GLU A 1 24  ? 3.588   18.212  1.594   1.00 63.16 ? 23  GLU A CD  1 
ATOM   199  O  OE1 . GLU A 1 24  ? 2.647   18.700  2.279   1.00 72.08 ? 23  GLU A OE1 1 
ATOM   200  O  OE2 . GLU A 1 24  ? 3.492   17.951  0.362   1.00 79.06 ? 23  GLU A OE2 1 
HETATM 201  N  N   . MSE A 1 25  ? 5.537   17.244  6.877   1.00 48.86 ? 24  MSE A N   1 
HETATM 202  C  CA  A MSE A 1 25  ? 5.720   17.647  8.278   0.50 49.87 ? 24  MSE A CA  1 
HETATM 203  C  CA  B MSE A 1 25  ? 5.715   17.650  8.271   0.50 49.18 ? 24  MSE A CA  1 
HETATM 204  C  C   . MSE A 1 25  ? 6.987   17.023  8.875   1.00 48.67 ? 24  MSE A C   1 
HETATM 205  O  O   . MSE A 1 25  ? 7.344   17.302  10.006  1.00 49.09 ? 24  MSE A O   1 
HETATM 206  C  CB  A MSE A 1 25  ? 4.511   17.228  9.133   0.50 49.11 ? 24  MSE A CB  1 
HETATM 207  C  CB  B MSE A 1 25  ? 4.463   17.244  9.070   0.50 49.41 ? 24  MSE A CB  1 
HETATM 208  C  CG  A MSE A 1 25  ? 3.342   18.207  9.164   0.50 50.12 ? 24  MSE A CG  1 
HETATM 209  C  CG  B MSE A 1 25  ? 4.469   17.546  10.569  0.50 52.13 ? 24  MSE A CG  1 
HETATM 210  SE SE  A MSE A 1 25  ? 1.875   17.575  10.339  0.38 54.97 ? 24  MSE A SE  1 
HETATM 211  SE SE  B MSE A 1 25  ? 4.672   19.434  11.009  0.38 65.59 ? 24  MSE A SE  1 
HETATM 212  C  CE  A MSE A 1 25  ? 1.316   16.084  9.249   0.50 34.46 ? 24  MSE A CE  1 
HETATM 213  C  CE  B MSE A 1 25  ? 2.825   20.027  10.758  0.50 61.12 ? 24  MSE A CE  1 
ATOM   214  N  N   . GLY A 1 26  ? 7.664   16.167  8.120   1.00 46.13 ? 25  GLY A N   1 
ATOM   215  C  CA  . GLY A 1 26  ? 8.855   15.484  8.617   1.00 45.49 ? 25  GLY A CA  1 
ATOM   216  C  C   . GLY A 1 26  ? 8.576   14.254  9.479   1.00 44.58 ? 25  GLY A C   1 
ATOM   217  O  O   . GLY A 1 26  ? 9.467   13.774  10.163  1.00 43.67 ? 25  GLY A O   1 
ATOM   218  N  N   . LEU A 1 27  ? 7.351   13.739  9.435   1.00 43.27 ? 26  LEU A N   1 
ATOM   219  C  CA  . LEU A 1 27  ? 6.978   12.545  10.200  1.00 43.69 ? 26  LEU A CA  1 
ATOM   220  C  C   . LEU A 1 27  ? 7.238   11.315  9.342   1.00 43.88 ? 26  LEU A C   1 
ATOM   221  O  O   . LEU A 1 27  ? 6.322   10.728  8.768   1.00 43.05 ? 26  LEU A O   1 
ATOM   222  C  CB  . LEU A 1 27  ? 5.507   12.616  10.622  1.00 44.48 ? 26  LEU A CB  1 
ATOM   223  C  CG  . LEU A 1 27  ? 5.054   13.858  11.401  1.00 48.54 ? 26  LEU A CG  1 
ATOM   224  C  CD1 . LEU A 1 27  ? 3.574   13.684  11.859  1.00 44.24 ? 26  LEU A CD1 1 
ATOM   225  C  CD2 . LEU A 1 27  ? 5.969   14.089  12.582  1.00 46.16 ? 26  LEU A CD2 1 
ATOM   226  N  N   . TYR A 1 28  ? 8.507   10.937  9.243   1.00 43.69 ? 27  TYR A N   1 
ATOM   227  C  CA  . TYR A 1 28  ? 8.930   9.926   8.274   1.00 41.44 ? 27  TYR A CA  1 
ATOM   228  C  C   . TYR A 1 28  ? 8.462   8.514   8.621   1.00 39.90 ? 27  TYR A C   1 
ATOM   229  O  O   . TYR A 1 28  ? 8.041   7.760   7.729   1.00 37.05 ? 27  TYR A O   1 
ATOM   230  C  CB  . TYR A 1 28  ? 10.447  9.991   8.049   1.00 42.57 ? 27  TYR A CB  1 
ATOM   231  C  CG  . TYR A 1 28  ? 10.896  11.370  7.588   1.00 43.61 ? 27  TYR A CG  1 
ATOM   232  C  CD1 . TYR A 1 28  ? 10.249  12.020  6.547   1.00 43.95 ? 27  TYR A CD1 1 
ATOM   233  C  CD2 . TYR A 1 28  ? 11.943  12.037  8.227   1.00 46.51 ? 27  TYR A CD2 1 
ATOM   234  C  CE1 . TYR A 1 28  ? 10.642  13.298  6.139   1.00 47.84 ? 27  TYR A CE1 1 
ATOM   235  C  CE2 . TYR A 1 28  ? 12.339  13.310  7.829   1.00 47.07 ? 27  TYR A CE2 1 
ATOM   236  C  CZ  . TYR A 1 28  ? 11.690  13.928  6.784   1.00 47.39 ? 27  TYR A CZ  1 
ATOM   237  O  OH  . TYR A 1 28  ? 12.078  15.185  6.392   1.00 48.12 ? 27  TYR A OH  1 
ATOM   238  N  N   . GLU A 1 29  ? 8.499   8.155   9.903   1.00 40.40 ? 28  GLU A N   1 
ATOM   239  C  CA  . GLU A 1 29  ? 7.963   6.861   10.321  1.00 41.51 ? 28  GLU A CA  1 
ATOM   240  C  C   . GLU A 1 29  ? 6.467   6.775   10.093  1.00 39.24 ? 28  GLU A C   1 
ATOM   241  O  O   . GLU A 1 29  ? 5.951   5.736   9.650   1.00 41.44 ? 28  GLU A O   1 
ATOM   242  C  CB  . GLU A 1 29  ? 8.253   6.602   11.812  1.00 43.74 ? 28  GLU A CB  1 
ATOM   243  C  CG  . GLU A 1 29  ? 9.723   6.403   12.114  1.00 51.40 ? 28  GLU A CG  1 
ATOM   244  C  CD  . GLU A 1 29  ? 9.964   5.835   13.517  1.00 48.26 ? 28  GLU A CD  1 
ATOM   245  O  OE1 . GLU A 1 29  ? 9.099   6.028   14.407  1.00 65.45 ? 28  GLU A OE1 1 
ATOM   246  O  OE2 . GLU A 1 29  ? 11.022  5.188   13.697  1.00 68.99 ? 28  GLU A OE2 1 
ATOM   247  N  N   . ARG A 1 30  ? 5.752   7.846   10.420  1.00 38.86 ? 29  ARG A N   1 
ATOM   248  C  CA  . ARG A 1 30  ? 4.284   7.841   10.294  1.00 38.88 ? 29  ARG A CA  1 
ATOM   249  C  C   . ARG A 1 30  ? 3.909   7.728   8.800   1.00 37.89 ? 29  ARG A C   1 
ATOM   250  O  O   . ARG A 1 30  ? 3.008   6.985   8.445   1.00 38.05 ? 29  ARG A O   1 
ATOM   251  C  CB  . ARG A 1 30  ? 3.631   9.103   10.886  1.00 39.75 ? 29  ARG A CB  1 
ATOM   252  C  CG  . ARG A 1 30  ? 3.850   9.460   12.370  1.00 46.42 ? 29  ARG A CG  1 
ATOM   253  C  CD  . ARG A 1 30  ? 4.185   8.303   13.295  1.00 49.38 ? 29  ARG A CD  1 
ATOM   254  N  NE  . ARG A 1 30  ? 3.228   7.255   13.159  1.00 51.66 ? 29  ARG A NE  1 
ATOM   255  C  CZ  . ARG A 1 30  ? 3.493   5.953   13.204  1.00 53.97 ? 29  ARG A CZ  1 
ATOM   256  N  NH1 . ARG A 1 30  ? 4.726   5.472   13.445  1.00 50.18 ? 29  ARG A NH1 1 
ATOM   257  N  NH2 . ARG A 1 30  ? 2.480   5.130   13.012  1.00 51.13 ? 29  ARG A NH2 1 
ATOM   258  N  N   . CYS A 1 31  ? 4.637   8.447   7.944   1.00 37.36 ? 30  CYS A N   1 
ATOM   259  C  CA  . CYS A 1 31  ? 4.495   8.354   6.496   1.00 38.97 ? 30  CYS A CA  1 
ATOM   260  C  C   . CYS A 1 31  ? 4.583   6.912   5.995   1.00 37.93 ? 30  CYS A C   1 
ATOM   261  O  O   . CYS A 1 31  ? 3.712   6.462   5.232   1.00 39.95 ? 30  CYS A O   1 
ATOM   262  C  CB  . CYS A 1 31  ? 5.577   9.198   5.790   1.00 40.61 ? 30  CYS A CB  1 
ATOM   263  S  SG  . CYS A 1 31  ? 5.537   9.084   3.970   1.00 41.66 ? 30  CYS A SG  1 
ATOM   264  N  N   . CYS A 1 32  ? 5.626   6.187   6.412   1.00 38.04 ? 31  CYS A N   1 
ATOM   265  C  CA  . CYS A 1 32  ? 5.815   4.801   5.983   1.00 39.79 ? 31  CYS A CA  1 
ATOM   266  C  C   . CYS A 1 32  ? 4.653   3.898   6.392   1.00 40.48 ? 31  CYS A C   1 
ATOM   267  O  O   . CYS A 1 32  ? 4.177   3.084   5.602   1.00 38.13 ? 31  CYS A O   1 
ATOM   268  C  CB  . CYS A 1 32  ? 7.119   4.227   6.549   1.00 41.85 ? 31  CYS A CB  1 
ATOM   269  S  SG  . CYS A 1 32  ? 8.578   5.023   5.852   1.00 47.87 ? 31  CYS A SG  1 
ATOM   270  N  N   . SER A 1 33  ? 4.212   4.041   7.631   1.00 39.09 ? 32  SER A N   1 
ATOM   271  C  CA  . SER A 1 33  ? 3.086   3.247   8.143   1.00 37.88 ? 32  SER A CA  1 
ATOM   272  C  C   . SER A 1 33  ? 1.815   3.542   7.340   1.00 39.38 ? 32  SER A C   1 
ATOM   273  O  O   . SER A 1 33  ? 1.159   2.618   6.845   1.00 38.96 ? 32  SER A O   1 
ATOM   274  C  CB  . SER A 1 33  ? 2.902   3.483   9.646   1.00 41.04 ? 32  SER A CB  1 
ATOM   275  O  OG  . SER A 1 33  ? 1.606   3.058   10.042  1.00 45.53 ? 32  SER A OG  1 
ATOM   276  N  N   . THR A 1 34  ? 1.510   4.822   7.130   1.00 37.89 ? 33  THR A N   1 
ATOM   277  C  CA  . THR A 1 34  ? 0.317   5.223   6.344   1.00 37.45 ? 33  THR A CA  1 
ATOM   278  C  C   . THR A 1 34  ? 0.339   4.751   4.882   1.00 36.22 ? 33  THR A C   1 
ATOM   279  O  O   . THR A 1 34  ? -0.694  4.293   4.334   1.00 36.39 ? 33  THR A O   1 
ATOM   280  C  CB  . THR A 1 34  ? 0.162   6.738   6.393   1.00 36.11 ? 33  THR A CB  1 
ATOM   281  O  OG1 . THR A 1 34  ? 0.125   7.120   7.754   1.00 35.28 ? 33  THR A OG1 1 
ATOM   282  C  CG2 . THR A 1 34  ? -1.107  7.224   5.709   1.00 39.83 ? 33  THR A CG2 1 
ATOM   283  N  N   . ALA A 1 35  ? 1.502   4.894   4.253   1.00 39.12 ? 34  ALA A N   1 
ATOM   284  C  CA  . ALA A 1 35  ? 1.752   4.418   2.898   1.00 36.92 ? 34  ALA A CA  1 
ATOM   285  C  C   . ALA A 1 35  ? 1.543   2.926   2.782   1.00 37.42 ? 34  ALA A C   1 
ATOM   286  O  O   . ALA A 1 35  ? 0.973   2.462   1.792   1.00 36.72 ? 34  ALA A O   1 
ATOM   287  C  CB  . ALA A 1 35  ? 3.199   4.785   2.420   1.00 35.97 ? 34  ALA A CB  1 
ATOM   288  N  N   . TYR A 1 36  ? 1.988   2.157   3.776   1.00 38.03 ? 35  TYR A N   1 
ATOM   289  C  CA  . TYR A 1 36  ? 1.707   0.724   3.756   1.00 38.95 ? 35  TYR A CA  1 
ATOM   290  C  C   . TYR A 1 36  ? 0.183   0.459   3.840   1.00 40.12 ? 35  TYR A C   1 
ATOM   291  O  O   . TYR A 1 36  ? -0.376  -0.388  3.116   1.00 36.64 ? 35  TYR A O   1 
ATOM   292  C  CB  . TYR A 1 36  ? 2.431   -0.047  4.879   1.00 41.68 ? 35  TYR A CB  1 
ATOM   293  C  CG  . TYR A 1 36  ? 1.857   -1.433  4.933   1.00 38.47 ? 35  TYR A CG  1 
ATOM   294  C  CD1 . TYR A 1 36  ? 2.057   -2.320  3.878   1.00 44.60 ? 35  TYR A CD1 1 
ATOM   295  C  CD2 . TYR A 1 36  ? 1.009   -1.814  5.954   1.00 38.46 ? 35  TYR A CD2 1 
ATOM   296  C  CE1 . TYR A 1 36  ? 1.468   -3.550  3.868   1.00 41.70 ? 35  TYR A CE1 1 
ATOM   297  C  CE2 . TYR A 1 36  ? 0.417   -3.059  5.956   1.00 37.47 ? 35  TYR A CE2 1 
ATOM   298  C  CZ  . TYR A 1 36  ? 0.655   -3.924  4.906   1.00 43.56 ? 35  TYR A CZ  1 
ATOM   299  O  OH  . TYR A 1 36  ? 0.060   -5.157  4.905   1.00 40.83 ? 35  TYR A OH  1 
ATOM   300  N  N   . TYR A 1 37  ? -0.497  1.159   4.734   1.00 36.40 ? 36  TYR A N   1 
ATOM   301  C  CA  . TYR A 1 37  ? -1.944  1.004   4.824   1.00 37.44 ? 36  TYR A CA  1 
ATOM   302  C  C   . TYR A 1 37  ? -2.677  1.300   3.512   1.00 38.33 ? 36  TYR A C   1 
ATOM   303  O  O   . TYR A 1 37  ? -3.629  0.600   3.151   1.00 35.81 ? 36  TYR A O   1 
ATOM   304  C  CB  . TYR A 1 37  ? -2.498  1.775   6.028   1.00 42.42 ? 36  TYR A CB  1 
ATOM   305  C  CG  . TYR A 1 37  ? -2.273  0.907   7.221   1.00 40.83 ? 36  TYR A CG  1 
ATOM   306  C  CD1 . TYR A 1 37  ? -2.977  -0.284  7.323   1.00 57.24 ? 36  TYR A CD1 1 
ATOM   307  C  CD2 . TYR A 1 37  ? -1.285  1.153   8.141   1.00 53.25 ? 36  TYR A CD2 1 
ATOM   308  C  CE1 . TYR A 1 37  ? -2.767  -1.149  8.327   1.00 54.65 ? 36  TYR A CE1 1 
ATOM   309  C  CE2 . TYR A 1 37  ? -1.066  0.260   9.191   1.00 51.54 ? 36  TYR A CE2 1 
ATOM   310  C  CZ  . TYR A 1 37  ? -1.817  -0.895  9.252   1.00 51.17 ? 36  TYR A CZ  1 
ATOM   311  O  OH  . TYR A 1 37  ? -1.688  -1.844  10.237  1.00 58.66 ? 36  TYR A OH  1 
ATOM   312  N  N   . ALA A 1 38  ? -2.218  2.305   2.789   1.00 35.62 ? 37  ALA A N   1 
ATOM   313  C  CA  . ALA A 1 38  ? -2.819  2.626   1.507   1.00 35.38 ? 37  ALA A CA  1 
ATOM   314  C  C   . ALA A 1 38  ? -2.693  1.413   0.594   1.00 37.82 ? 37  ALA A C   1 
ATOM   315  O  O   . ALA A 1 38  ? -3.655  0.981   -0.040  1.00 37.01 ? 37  ALA A O   1 
ATOM   316  C  CB  . ALA A 1 38  ? -2.135  3.859   0.883   1.00 34.79 ? 37  ALA A CB  1 
HETATM 317  N  N   . MSE A 1 39  ? -1.506  0.844   0.558   1.00 36.10 ? 38  MSE A N   1 
HETATM 318  C  CA  . MSE A 1 39  ? -1.255  -0.322  -0.281  1.00 39.82 ? 38  MSE A CA  1 
HETATM 319  C  C   . MSE A 1 39  ? -2.035  -1.563  0.147   1.00 37.33 ? 38  MSE A C   1 
HETATM 320  O  O   . MSE A 1 39  ? -2.497  -2.345  -0.692  1.00 39.13 ? 38  MSE A O   1 
HETATM 321  C  CB  . MSE A 1 39  ? 0.241   -0.621  -0.293  1.00 37.45 ? 38  MSE A CB  1 
HETATM 322  C  CG  . MSE A 1 39  ? 1.020   0.508   -0.961  1.00 44.64 ? 38  MSE A CG  1 
HETATM 323  SE SE  . MSE A 1 39  ? 2.957   0.292   -0.743  0.75 48.97 ? 38  MSE A SE  1 
HETATM 324  C  CE  . MSE A 1 39  ? 3.071   -0.795  -1.833  1.00 22.43 ? 38  MSE A CE  1 
ATOM   325  N  N   . PHE A 1 40  ? -2.140  -1.764  1.447   1.00 38.28 ? 39  PHE A N   1 
ATOM   326  C  CA  . PHE A 1 40  ? -2.988  -2.812  2.025   1.00 39.16 ? 39  PHE A CA  1 
ATOM   327  C  C   . PHE A 1 40  ? -4.423  -2.747  1.521   1.00 39.26 ? 39  PHE A C   1 
ATOM   328  O  O   . PHE A 1 40  ? -4.975  -3.746  1.019   1.00 39.22 ? 39  PHE A O   1 
ATOM   329  C  CB  . PHE A 1 40  ? -2.981  -2.703  3.569   1.00 40.67 ? 39  PHE A CB  1 
ATOM   330  C  CG  . PHE A 1 40  ? -3.920  -3.685  4.251   1.00 37.94 ? 39  PHE A CG  1 
ATOM   331  C  CD1 . PHE A 1 40  ? -3.542  -5.003  4.449   1.00 42.44 ? 39  PHE A CD1 1 
ATOM   332  C  CD2 . PHE A 1 40  ? -5.183  -3.297  4.629   1.00 41.10 ? 39  PHE A CD2 1 
ATOM   333  C  CE1 . PHE A 1 40  ? -4.406  -5.908  5.054   1.00 49.33 ? 39  PHE A CE1 1 
ATOM   334  C  CE2 . PHE A 1 40  ? -6.061  -4.198  5.235   1.00 46.78 ? 39  PHE A CE2 1 
ATOM   335  C  CZ  . PHE A 1 40  ? -5.667  -5.505  5.445   1.00 45.64 ? 39  PHE A CZ  1 
ATOM   336  N  N   . HIS A 1 41  ? -5.047  -1.584  1.650   1.00 38.35 ? 40  HIS A N   1 
ATOM   337  C  CA  . HIS A 1 41  ? -6.427  -1.453  1.172   1.00 37.00 ? 40  HIS A CA  1 
ATOM   338  C  C   . HIS A 1 41  ? -6.525  -1.649  -0.341  1.00 36.81 ? 40  HIS A C   1 
ATOM   339  O  O   . HIS A 1 41  ? -7.507  -2.216  -0.835  1.00 38.27 ? 40  HIS A O   1 
ATOM   340  C  CB  . HIS A 1 41  ? -7.028  -0.127  1.602   1.00 37.45 ? 40  HIS A CB  1 
ATOM   341  C  CG  . HIS A 1 41  ? -7.357  -0.087  3.058   1.00 36.09 ? 40  HIS A CG  1 
ATOM   342  N  ND1 . HIS A 1 41  ? -8.513  -0.639  3.560   1.00 38.70 ? 40  HIS A ND1 1 
ATOM   343  C  CD2 . HIS A 1 41  ? -6.676  0.406   4.123   1.00 37.74 ? 40  HIS A CD2 1 
ATOM   344  C  CE1 . HIS A 1 41  ? -8.533  -0.483  4.874   1.00 40.98 ? 40  HIS A CE1 1 
ATOM   345  N  NE2 . HIS A 1 41  ? -7.423  0.134   5.243   1.00 37.90 ? 40  HIS A NE2 1 
ATOM   346  N  N   . ALA A 1 42  ? -5.525  -1.166  -1.080  1.00 36.68 ? 41  ALA A N   1 
ATOM   347  C  CA  . ALA A 1 42  ? -5.504  -1.346  -2.526  1.00 35.87 ? 41  ALA A CA  1 
ATOM   348  C  C   . ALA A 1 42  ? -5.400  -2.842  -2.875  1.00 38.97 ? 41  ALA A C   1 
ATOM   349  O  O   . ALA A 1 42  ? -6.118  -3.338  -3.767  1.00 39.68 ? 41  ALA A O   1 
ATOM   350  C  CB  . ALA A 1 42  ? -4.326  -0.538  -3.168  1.00 37.27 ? 41  ALA A CB  1 
ATOM   351  N  N   . ALA A 1 43  ? -4.534  -3.562  -2.159  1.00 40.61 ? 42  ALA A N   1 
ATOM   352  C  CA  . ALA A 1 43  ? -4.394  -5.019  -2.316  1.00 40.40 ? 42  ALA A CA  1 
ATOM   353  C  C   . ALA A 1 43  ? -5.711  -5.751  -2.020  1.00 42.33 ? 42  ALA A C   1 
ATOM   354  O  O   . ALA A 1 43  ? -6.150  -6.575  -2.817  1.00 41.63 ? 42  ALA A O   1 
ATOM   355  C  CB  . ALA A 1 43  ? -3.265  -5.559  -1.411  1.00 41.84 ? 42  ALA A CB  1 
ATOM   356  N  N   . LYS A 1 44  ? -6.344  -5.425  -0.893  1.00 42.44 ? 43  LYS A N   1 
ATOM   357  C  CA  . LYS A 1 44  ? -7.639  -5.995  -0.529  1.00 44.29 ? 43  LYS A CA  1 
ATOM   358  C  C   . LYS A 1 44  ? -8.699  -5.715  -1.597  1.00 44.79 ? 43  LYS A C   1 
ATOM   359  O  O   . LYS A 1 44  ? -9.533  -6.586  -1.888  1.00 43.84 ? 43  LYS A O   1 
ATOM   360  C  CB  . LYS A 1 44  ? -8.116  -5.497  0.835   1.00 44.76 ? 43  LYS A CB  1 
ATOM   361  C  CG  . LYS A 1 44  ? -7.213  -5.902  2.014   1.00 48.46 ? 43  LYS A CG  1 
ATOM   362  C  CD  . LYS A 1 44  ? -7.355  -7.371  2.406   1.00 50.89 ? 43  LYS A CD  1 
ATOM   363  C  CE  . LYS A 1 44  ? -8.682  -7.603  3.117   1.00 57.98 ? 43  LYS A CE  1 
ATOM   364  N  NZ  . LYS A 1 44  ? -8.787  -8.953  3.722   1.00 65.62 ? 43  LYS A NZ  1 
ATOM   365  N  N   . ALA A 1 45  ? -8.651  -4.525  -2.206  1.00 42.24 ? 44  ALA A N   1 
ATOM   366  C  CA  . ALA A 1 45  ? -9.586  -4.187  -3.283  1.00 40.99 ? 44  ALA A CA  1 
ATOM   367  C  C   . ALA A 1 45  ? -9.365  -5.103  -4.487  1.00 42.81 ? 44  ALA A C   1 
ATOM   368  O  O   . ALA A 1 45  ? -10.328 -5.615  -5.070  1.00 42.50 ? 44  ALA A O   1 
ATOM   369  C  CB  . ALA A 1 45  ? -9.432  -2.722  -3.687  1.00 39.27 ? 44  ALA A CB  1 
HETATM 370  N  N   . MSE A 1 46  ? -8.100  -5.313  -4.855  1.00 43.39 ? 45  MSE A N   1 
HETATM 371  C  CA  . MSE A 1 46  ? -7.774  -6.177  -5.990  1.00 44.09 ? 45  MSE A CA  1 
HETATM 372  C  C   . MSE A 1 46  ? -8.193  -7.619  -5.739  1.00 47.16 ? 45  MSE A C   1 
HETATM 373  O  O   . MSE A 1 46  ? -8.697  -8.286  -6.650  1.00 46.96 ? 45  MSE A O   1 
HETATM 374  C  CB  . MSE A 1 46  ? -6.290  -6.142  -6.320  1.00 43.84 ? 45  MSE A CB  1 
HETATM 375  C  CG  . MSE A 1 46  ? -5.873  -4.932  -7.110  1.00 41.00 ? 45  MSE A CG  1 
HETATM 376  SE SE  . MSE A 1 46  ? -4.030  -4.948  -7.630  0.75 41.55 ? 45  MSE A SE  1 
HETATM 377  C  CE  . MSE A 1 46  ? -3.233  -4.518  -5.890  1.00 39.54 ? 45  MSE A CE  1 
ATOM   378  N  N   . LEU A 1 47  ? -7.976  -8.107  -4.521  1.00 48.49 ? 46  LEU A N   1 
ATOM   379  C  CA  . LEU A 1 47  ? -8.370  -9.475  -4.162  1.00 49.19 ? 46  LEU A CA  1 
ATOM   380  C  C   . LEU A 1 47  ? -9.892  -9.640  -4.160  1.00 52.44 ? 46  LEU A C   1 
ATOM   381  O  O   . LEU A 1 47  ? -10.415 -10.645 -4.646  1.00 55.12 ? 46  LEU A O   1 
ATOM   382  C  CB  . LEU A 1 47  ? -7.769  -9.885  -2.806  1.00 49.45 ? 46  LEU A CB  1 
ATOM   383  C  CG  . LEU A 1 47  ? -6.242  -10.025 -2.723  1.00 47.61 ? 46  LEU A CG  1 
ATOM   384  C  CD1 . LEU A 1 47  ? -5.830  -10.452 -1.311  1.00 49.04 ? 46  LEU A CD1 1 
ATOM   385  C  CD2 . LEU A 1 47  ? -5.695  -10.994 -3.743  1.00 47.28 ? 46  LEU A CD2 1 
ATOM   386  N  N   . LEU A 1 48  ? -10.598 -8.638  -3.649  1.00 54.11 ? 47  LEU A N   1 
ATOM   387  C  CA  . LEU A 1 48  ? -12.059 -8.632  -3.641  1.00 57.44 ? 47  LEU A CA  1 
ATOM   388  C  C   . LEU A 1 48  ? -12.594 -8.729  -5.062  1.00 61.93 ? 47  LEU A C   1 
ATOM   389  O  O   . LEU A 1 48  ? -13.381 -9.623  -5.381  1.00 61.29 ? 47  LEU A O   1 
ATOM   390  C  CB  . LEU A 1 48  ? -12.561 -7.343  -2.988  1.00 58.47 ? 47  LEU A CB  1 
ATOM   391  C  CG  . LEU A 1 48  ? -14.053 -7.016  -2.976  1.00 59.33 ? 47  LEU A CG  1 
ATOM   392  C  CD1 . LEU A 1 48  ? -14.856 -8.127  -2.317  1.00 63.70 ? 47  LEU A CD1 1 
ATOM   393  C  CD2 . LEU A 1 48  ? -14.249 -5.703  -2.230  1.00 58.87 ? 47  LEU A CD2 1 
ATOM   394  N  N   . GLY A 1 49  ? -12.129 -7.811  -5.913  1.00 65.37 ? 48  GLY A N   1 
ATOM   395  C  CA  . GLY A 1 49  ? -12.566 -7.709  -7.304  1.00 67.61 ? 48  GLY A CA  1 
ATOM   396  C  C   . GLY A 1 49  ? -12.309 -8.967  -8.103  1.00 70.40 ? 48  GLY A C   1 
ATOM   397  O  O   . GLY A 1 49  ? -13.017 -9.242  -9.079  1.00 71.64 ? 48  GLY A O   1 
ATOM   398  N  N   . TYR A 1 50  ? -11.291 -9.728  -7.695  1.00 72.10 ? 49  TYR A N   1 
ATOM   399  C  CA  . TYR A 1 50  ? -10.946 -10.993 -8.338  1.00 72.74 ? 49  TYR A CA  1 
ATOM   400  C  C   . TYR A 1 50  ? -11.248 -12.187 -7.423  1.00 73.28 ? 49  TYR A C   1 
ATOM   401  O  O   . TYR A 1 50  ? -10.483 -13.148 -7.365  1.00 74.16 ? 49  TYR A O   1 
ATOM   402  C  CB  . TYR A 1 50  ? -9.475  -10.973 -8.767  1.00 72.31 ? 49  TYR A CB  1 
ATOM   403  C  CG  . TYR A 1 50  ? -9.177  -9.997  -9.895  1.00 72.40 ? 49  TYR A CG  1 
ATOM   404  C  CD1 . TYR A 1 50  ? -9.209  -8.617  -9.678  1.00 71.47 ? 49  TYR A CD1 1 
ATOM   405  C  CD2 . TYR A 1 50  ? -8.847  -10.454 -11.177 1.00 72.07 ? 49  TYR A CD2 1 
ATOM   406  C  CE1 . TYR A 1 50  ? -8.925  -7.716  -10.694 1.00 70.49 ? 49  TYR A CE1 1 
ATOM   407  C  CE2 . TYR A 1 50  ? -8.560  -9.556  -12.214 1.00 72.24 ? 49  TYR A CE2 1 
ATOM   408  C  CZ  . TYR A 1 50  ? -8.603  -8.186  -11.963 1.00 74.43 ? 49  TYR A CZ  1 
ATOM   409  O  OH  . TYR A 1 50  ? -8.328  -7.279  -12.965 1.00 69.31 ? 49  TYR A OH  1 
ATOM   410  N  N   . GLY A 1 51  ? -12.361 -12.105 -6.693  1.00 73.44 ? 50  GLY A N   1 
ATOM   411  C  CA  . GLY A 1 51  ? -12.905 -13.242 -5.943  1.00 74.33 ? 50  GLY A CA  1 
ATOM   412  C  C   . GLY A 1 51  ? -12.010 -13.964 -4.945  1.00 75.30 ? 50  GLY A C   1 
ATOM   413  O  O   . GLY A 1 51  ? -12.315 -15.085 -4.547  1.00 73.84 ? 50  GLY A O   1 
ATOM   414  N  N   . ARG A 1 52  ? -10.918 -13.326 -4.527  1.00 76.86 ? 51  ARG A N   1 
ATOM   415  C  CA  . ARG A 1 52  ? -10.029 -13.873 -3.497  1.00 78.29 ? 51  ARG A CA  1 
ATOM   416  C  C   . ARG A 1 52  ? -10.256 -13.123 -2.181  1.00 78.40 ? 51  ARG A C   1 
ATOM   417  O  O   . ARG A 1 52  ? -10.836 -12.040 -2.174  1.00 79.62 ? 51  ARG A O   1 
ATOM   418  C  CB  . ARG A 1 52  ? -8.571  -13.726 -3.933  1.00 78.82 ? 51  ARG A CB  1 
ATOM   419  C  CG  . ARG A 1 52  ? -8.193  -14.505 -5.192  1.00 81.23 ? 51  ARG A CG  1 
ATOM   420  C  CD  . ARG A 1 52  ? -7.960  -15.981 -4.892  1.00 88.14 ? 51  ARG A CD  1 
ATOM   421  N  NE  . ARG A 1 52  ? -7.052  -16.611 -5.856  1.00 88.96 ? 51  ARG A NE  1 
ATOM   422  C  CZ  . ARG A 1 52  ? -6.435  -17.781 -5.671  1.00 90.38 ? 51  ARG A CZ  1 
ATOM   423  N  NH1 . ARG A 1 52  ? -6.613  -18.482 -4.550  1.00 90.28 ? 51  ARG A NH1 1 
ATOM   424  N  NH2 . ARG A 1 52  ? -5.625  -18.257 -6.613  1.00 89.59 ? 51  ARG A NH2 1 
ATOM   425  N  N   . ASP A 1 53  ? -9.805  -13.696 -1.070  1.00 78.86 ? 52  ASP A N   1 
ATOM   426  C  CA  . ASP A 1 53  ? -9.889  -13.022 0.230   1.00 78.56 ? 52  ASP A CA  1 
ATOM   427  C  C   . ASP A 1 53  ? -8.736  -13.442 1.147   1.00 77.40 ? 52  ASP A C   1 
ATOM   428  O  O   . ASP A 1 53  ? -8.152  -14.511 0.975   1.00 77.79 ? 52  ASP A O   1 
ATOM   429  C  CB  . ASP A 1 53  ? -11.243 -13.290 0.908   1.00 79.05 ? 52  ASP A CB  1 
ATOM   430  C  CG  . ASP A 1 53  ? -11.466 -12.423 2.159   1.00 80.70 ? 52  ASP A CG  1 
ATOM   431  O  OD1 . ASP A 1 53  ? -11.292 -11.185 2.083   1.00 86.60 ? 52  ASP A OD1 1 
ATOM   432  O  OD2 . ASP A 1 53  ? -11.806 -12.981 3.224   1.00 83.76 ? 52  ASP A OD2 1 
ATOM   433  N  N   . SER A 1 54  ? -8.427  -12.576 2.112   1.00 75.32 ? 53  SER A N   1 
ATOM   434  C  CA  . SER A 1 54  ? -7.338  -12.774 3.062   1.00 72.86 ? 53  SER A CA  1 
ATOM   435  C  C   . SER A 1 54  ? -7.770  -12.293 4.444   1.00 70.58 ? 53  SER A C   1 
ATOM   436  O  O   . SER A 1 54  ? -8.738  -11.542 4.562   1.00 71.91 ? 53  SER A O   1 
ATOM   437  C  CB  . SER A 1 54  ? -6.126  -11.965 2.603   1.00 72.95 ? 53  SER A CB  1 
ATOM   438  O  OG  . SER A 1 54  ? -6.439  -10.578 2.589   1.00 73.35 ? 53  SER A OG  1 
ATOM   439  N  N   . LYS A 1 55  ? -7.056  -12.727 5.483   1.00 66.52 ? 54  LYS A N   1 
ATOM   440  C  CA  . LYS A 1 55  ? -7.316  -12.279 6.860   1.00 62.28 ? 54  LYS A CA  1 
ATOM   441  C  C   . LYS A 1 55  ? -6.033  -11.859 7.607   1.00 59.39 ? 54  LYS A C   1 
ATOM   442  O  O   . LYS A 1 55  ? -6.079  -11.552 8.799   1.00 58.40 ? 54  LYS A O   1 
ATOM   443  C  CB  . LYS A 1 55  ? -8.077  -13.369 7.639   1.00 64.29 ? 54  LYS A CB  1 
ATOM   444  C  CG  . LYS A 1 55  ? -9.044  -14.184 6.750   1.00 68.42 ? 54  LYS A CG  1 
ATOM   445  C  CD  . LYS A 1 55  ? -9.803  -15.283 7.489   1.00 68.17 ? 54  LYS A CD  1 
ATOM   446  C  CE  . LYS A 1 55  ? -10.554 -16.191 6.497   1.00 69.57 ? 54  LYS A CE  1 
ATOM   447  N  NZ  . LYS A 1 55  ? -11.572 -17.045 7.169   1.00 69.46 ? 54  LYS A NZ  1 
ATOM   448  N  N   . THR A 1 56  ? -4.898  -11.819 6.905   1.00 53.87 ? 55  THR A N   1 
ATOM   449  C  CA  . THR A 1 56  ? -3.621  -11.429 7.503   1.00 51.50 ? 55  THR A CA  1 
ATOM   450  C  C   . THR A 1 56  ? -2.804  -10.608 6.509   1.00 49.62 ? 55  THR A C   1 
ATOM   451  O  O   . THR A 1 56  ? -2.997  -10.721 5.289   1.00 50.26 ? 55  THR A O   1 
ATOM   452  C  CB  . THR A 1 56  ? -2.796  -12.672 7.923   1.00 51.50 ? 55  THR A CB  1 
ATOM   453  O  OG1 . THR A 1 56  ? -2.439  -13.439 6.767   1.00 49.30 ? 55  THR A OG1 1 
ATOM   454  C  CG2 . THR A 1 56  ? -3.561  -13.570 8.905   1.00 50.69 ? 55  THR A CG2 1 
ATOM   455  N  N   . HIS A 1 57  ? -1.886  -9.787  7.013   1.00 45.82 ? 56  HIS A N   1 
ATOM   456  C  CA  . HIS A 1 57  ? -0.964  -9.046  6.143   1.00 46.04 ? 56  HIS A CA  1 
ATOM   457  C  C   . HIS A 1 57  ? -0.156  -9.996  5.266   1.00 43.84 ? 56  HIS A C   1 
ATOM   458  O  O   . HIS A 1 57  ? -0.036  -9.807  4.059   1.00 42.44 ? 56  HIS A O   1 
ATOM   459  C  CB  . HIS A 1 57  ? 0.011   -8.218  6.970   1.00 46.62 ? 56  HIS A CB  1 
ATOM   460  C  CG  . HIS A 1 57  ? -0.638  -7.113  7.740   1.00 50.57 ? 56  HIS A CG  1 
ATOM   461  N  ND1 . HIS A 1 57  ? -1.114  -5.969  7.138   1.00 49.64 ? 56  HIS A ND1 1 
ATOM   462  C  CD2 . HIS A 1 57  ? -0.873  -6.972  9.069   1.00 46.13 ? 56  HIS A CD2 1 
ATOM   463  C  CE1 . HIS A 1 57  ? -1.639  -5.179  8.062   1.00 53.73 ? 56  HIS A CE1 1 
ATOM   464  N  NE2 . HIS A 1 57  ? -1.502  -5.761  9.242   1.00 49.63 ? 56  HIS A NE2 1 
ATOM   465  N  N   . ARG A 1 58  ? 0.439   -11.005 5.894   1.00 42.26 ? 57  ARG A N   1 
ATOM   466  C  CA  . ARG A 1 58  ? 1.264   -11.935 5.148   1.00 41.29 ? 57  ARG A CA  1 
ATOM   467  C  C   . ARG A 1 58  ? 0.397   -12.691 4.155   1.00 40.34 ? 57  ARG A C   1 
ATOM   468  O  O   . ARG A 1 58  ? 0.766   -12.812 3.003   1.00 42.07 ? 57  ARG A O   1 
ATOM   469  C  CB  . ARG A 1 58  ? 2.063   -12.858 6.072   1.00 42.21 ? 57  ARG A CB  1 
ATOM   470  C  CG  . ARG A 1 58  ? 3.126   -12.111 6.857   1.00 41.15 ? 57  ARG A CG  1 
ATOM   471  C  CD  . ARG A 1 58  ? 3.886   -12.997 7.821   1.00 41.94 ? 57  ARG A CD  1 
ATOM   472  N  NE  . ARG A 1 58  ? 4.551   -14.076 7.087   1.00 40.67 ? 57  ARG A NE  1 
ATOM   473  C  CZ  . ARG A 1 58  ? 4.128   -15.336 7.027   1.00 39.13 ? 57  ARG A CZ  1 
ATOM   474  N  NH1 . ARG A 1 58  ? 3.046   -15.737 7.689   1.00 38.27 ? 57  ARG A NH1 1 
ATOM   475  N  NH2 . ARG A 1 58  ? 4.813   -16.207 6.304   1.00 39.23 ? 57  ARG A NH2 1 
ATOM   476  N  N   . GLY A 1 59  ? -0.775  -13.160 4.576   1.00 42.04 ? 58  GLY A N   1 
ATOM   477  C  CA  . GLY A 1 59  ? -1.691  -13.825 3.637   1.00 43.81 ? 58  GLY A CA  1 
ATOM   478  C  C   . GLY A 1 59  ? -2.037  -12.966 2.427   1.00 43.82 ? 58  GLY A C   1 
ATOM   479  O  O   . GLY A 1 59  ? -1.997  -13.430 1.285   1.00 43.02 ? 58  GLY A O   1 
ATOM   480  N  N   . THR A 1 60  ? -2.365  -11.700 2.677   1.00 44.24 ? 59  THR A N   1 
ATOM   481  C  CA  . THR A 1 60  ? -2.664  -10.757 1.603   1.00 43.25 ? 59  THR A CA  1 
ATOM   482  C  C   . THR A 1 60  ? -1.493  -10.596 0.647   1.00 42.21 ? 59  THR A C   1 
ATOM   483  O  O   . THR A 1 60  ? -1.661  -10.660 -0.584  1.00 44.70 ? 59  THR A O   1 
ATOM   484  C  CB  . THR A 1 60  ? -3.067  -9.392  2.181   1.00 43.57 ? 59  THR A CB  1 
ATOM   485  O  OG1 . THR A 1 60  ? -4.153  -9.572  3.107   1.00 46.10 ? 59  THR A OG1 1 
ATOM   486  C  CG2 . THR A 1 60  ? -3.482  -8.444  1.079   1.00 44.20 ? 59  THR A CG2 1 
ATOM   487  N  N   . ILE A 1 61  ? -0.299  -10.406 1.199   1.00 41.37 ? 60  ILE A N   1 
ATOM   488  C  CA  . ILE A 1 61  ? 0.900   -10.217 0.380   1.00 42.63 ? 60  ILE A CA  1 
ATOM   489  C  C   . ILE A 1 61  ? 1.172   -11.443 -0.521  1.00 43.53 ? 60  ILE A C   1 
ATOM   490  O  O   . ILE A 1 61  ? 1.485   -11.316 -1.721  1.00 41.22 ? 60  ILE A O   1 
ATOM   491  C  CB  . ILE A 1 61  ? 2.141   -9.871  1.266   1.00 42.24 ? 60  ILE A CB  1 
ATOM   492  C  CG1 . ILE A 1 61  ? 1.934   -8.508  1.972   1.00 48.43 ? 60  ILE A CG1 1 
ATOM   493  C  CG2 . ILE A 1 61  ? 3.412   -9.844  0.409   1.00 45.02 ? 60  ILE A CG2 1 
ATOM   494  C  CD1 . ILE A 1 61  ? 2.678   -8.329  3.326   1.00 43.16 ? 60  ILE A CD1 1 
ATOM   495  N  N   . TYR A 1 62  ? 1.039   -12.640 0.036   1.00 41.86 ? 61  TYR A N   1 
ATOM   496  C  CA  . TYR A 1 62  ? 1.312   -13.838 -0.771  1.00 40.96 ? 61  TYR A CA  1 
ATOM   497  C  C   . TYR A 1 62  ? 0.252   -14.082 -1.862  1.00 41.41 ? 61  TYR A C   1 
ATOM   498  O  O   . TYR A 1 62  ? 0.591   -14.527 -2.951  1.00 42.56 ? 61  TYR A O   1 
ATOM   499  C  CB  . TYR A 1 62  ? 1.544   -15.066 0.117   1.00 42.29 ? 61  TYR A CB  1 
ATOM   500  C  CG  . TYR A 1 62  ? 2.954   -15.128 0.697   1.00 35.38 ? 61  TYR A CG  1 
ATOM   501  C  CD1 . TYR A 1 62  ? 4.026   -15.507 -0.087  1.00 42.17 ? 61  TYR A CD1 1 
ATOM   502  C  CD2 . TYR A 1 62  ? 3.200   -14.760 2.007   1.00 39.50 ? 61  TYR A CD2 1 
ATOM   503  C  CE1 . TYR A 1 62  ? 5.310   -15.560 0.433   1.00 40.09 ? 61  TYR A CE1 1 
ATOM   504  C  CE2 . TYR A 1 62  ? 4.469   -14.810 2.545   1.00 38.44 ? 61  TYR A CE2 1 
ATOM   505  C  CZ  . TYR A 1 62  ? 5.527   -15.207 1.736   1.00 35.24 ? 61  TYR A CZ  1 
ATOM   506  O  OH  . TYR A 1 62  ? 6.796   -15.263 2.253   1.00 44.00 ? 61  TYR A OH  1 
ATOM   507  N  N   . LEU A 1 63  ? -1.010  -13.766 -1.584  1.00 41.30 ? 62  LEU A N   1 
ATOM   508  C  CA  . LEU A 1 63  ? -2.079  -13.857 -2.595  1.00 42.08 ? 62  LEU A CA  1 
ATOM   509  C  C   . LEU A 1 63  ? -1.868  -12.881 -3.742  1.00 43.64 ? 62  LEU A C   1 
ATOM   510  O  O   . LEU A 1 63  ? -2.067  -13.225 -4.917  1.00 41.83 ? 62  LEU A O   1 
ATOM   511  C  CB  . LEU A 1 63  ? -3.455  -13.616 -1.964  1.00 44.65 ? 62  LEU A CB  1 
ATOM   512  C  CG  . LEU A 1 63  ? -4.111  -14.818 -1.295  1.00 48.70 ? 62  LEU A CG  1 
ATOM   513  C  CD1 . LEU A 1 63  ? -5.233  -14.360 -0.341  1.00 53.25 ? 62  LEU A CD1 1 
ATOM   514  C  CD2 . LEU A 1 63  ? -4.627  -15.791 -2.347  1.00 52.78 ? 62  LEU A CD2 1 
ATOM   515  N  N   . ILE A 1 64  ? -1.456  -11.660 -3.417  1.00 43.72 ? 63  ILE A N   1 
ATOM   516  C  CA  . ILE A 1 64  ? -1.080  -10.699 -4.448  1.00 43.24 ? 63  ILE A CA  1 
ATOM   517  C  C   . ILE A 1 64  ? 0.053   -11.258 -5.325  1.00 44.67 ? 63  ILE A C   1 
ATOM   518  O  O   . ILE A 1 64  ? -0.012  -11.202 -6.558  1.00 43.83 ? 63  ILE A O   1 
ATOM   519  C  CB  . ILE A 1 64  ? -0.680  -9.328  -3.853  1.00 41.93 ? 63  ILE A CB  1 
ATOM   520  C  CG1 . ILE A 1 64  ? -1.927  -8.608  -3.325  1.00 44.45 ? 63  ILE A CG1 1 
ATOM   521  C  CG2 . ILE A 1 64  ? 0.034   -8.468  -4.921  1.00 40.84 ? 63  ILE A CG2 1 
ATOM   522  C  CD1 . ILE A 1 64  ? -2.985  -8.264  -4.408  1.00 41.92 ? 63  ILE A CD1 1 
ATOM   523  N  N   . TRP A 1 65  ? 1.087   -11.805 -4.689  1.00 45.10 ? 64  TRP A N   1 
ATOM   524  C  CA  . TRP A 1 65  ? 2.150   -12.478 -5.430  1.00 46.40 ? 64  TRP A CA  1 
ATOM   525  C  C   . TRP A 1 65  ? 1.575   -13.555 -6.358  1.00 46.81 ? 64  TRP A C   1 
ATOM   526  O  O   . TRP A 1 65  ? 1.817   -13.537 -7.560  1.00 46.42 ? 64  TRP A O   1 
ATOM   527  C  CB  . TRP A 1 65  ? 3.177   -13.097 -4.480  1.00 47.93 ? 64  TRP A CB  1 
ATOM   528  C  CG  . TRP A 1 65  ? 4.273   -12.161 -4.095  1.00 46.70 ? 64  TRP A CG  1 
ATOM   529  C  CD1 . TRP A 1 65  ? 4.408   -11.475 -2.913  1.00 52.01 ? 64  TRP A CD1 1 
ATOM   530  C  CD2 . TRP A 1 65  ? 5.401   -11.801 -4.897  1.00 53.48 ? 64  TRP A CD2 1 
ATOM   531  N  NE1 . TRP A 1 65  ? 5.558   -10.724 -2.931  1.00 51.82 ? 64  TRP A NE1 1 
ATOM   532  C  CE2 . TRP A 1 65  ? 6.183   -10.898 -4.139  1.00 47.76 ? 64  TRP A CE2 1 
ATOM   533  C  CE3 . TRP A 1 65  ? 5.830   -12.155 -6.180  1.00 50.49 ? 64  TRP A CE3 1 
ATOM   534  C  CZ2 . TRP A 1 65  ? 7.369   -10.346 -4.627  1.00 53.23 ? 64  TRP A CZ2 1 
ATOM   535  C  CZ3 . TRP A 1 65  ? 7.001   -11.592 -6.672  1.00 53.07 ? 64  TRP A CZ3 1 
ATOM   536  C  CH2 . TRP A 1 65  ? 7.761   -10.704 -5.893  1.00 51.61 ? 64  TRP A CH2 1 
ATOM   537  N  N   . GLU A 1 66  ? 0.790   -14.464 -5.785  1.00 49.38 ? 65  GLU A N   1 
ATOM   538  C  CA  . GLU A 1 66  ? 0.214   -15.584 -6.533  1.00 52.18 ? 65  GLU A CA  1 
ATOM   539  C  C   . GLU A 1 66  ? -0.617  -15.127 -7.723  1.00 50.36 ? 65  GLU A C   1 
ATOM   540  O  O   . GLU A 1 66  ? -0.514  -15.710 -8.806  1.00 48.72 ? 65  GLU A O   1 
ATOM   541  C  CB  . GLU A 1 66  ? -0.632  -16.478 -5.603  1.00 52.49 ? 65  GLU A CB  1 
ATOM   542  C  CG  . GLU A 1 66  ? 0.207   -17.301 -4.618  1.00 59.71 ? 65  GLU A CG  1 
ATOM   543  C  CD  . GLU A 1 66  ? -0.638  -18.043 -3.571  1.00 59.18 ? 65  GLU A CD  1 
ATOM   544  O  OE1 . GLU A 1 66  ? -1.690  -18.617 -3.950  1.00 76.84 ? 65  GLU A OE1 1 
ATOM   545  O  OE2 . GLU A 1 66  ? -0.235  -18.075 -2.385  1.00 61.60 ? 65  GLU A OE2 1 
ATOM   546  N  N   . CYS A 1 67  ? -1.419  -14.079 -7.526  1.00 47.09 ? 66  CYS A N   1 
ATOM   547  C  CA  . CYS A 1 67  ? -2.281  -13.557 -8.584  1.00 46.54 ? 66  CYS A CA  1 
ATOM   548  C  C   . CYS A 1 67  ? -1.697  -12.434 -9.445  1.00 46.32 ? 66  CYS A C   1 
ATOM   549  O  O   . CYS A 1 67  ? -2.449  -11.766 -10.169 1.00 47.44 ? 66  CYS A O   1 
ATOM   550  C  CB  . CYS A 1 67  ? -3.585  -13.064 -7.978  1.00 46.24 ? 66  CYS A CB  1 
ATOM   551  S  SG  . CYS A 1 67  ? -4.399  -14.236 -6.911  1.00 54.13 ? 66  CYS A SG  1 
ATOM   552  N  N   . ARG A 1 68  ? -0.387  -12.222 -9.425  1.00 44.93 ? 67  ARG A N   1 
ATOM   553  C  CA  . ARG A 1 68  ? 0.164   -11.007 -10.049 1.00 47.01 ? 67  ARG A CA  1 
ATOM   554  C  C   . ARG A 1 68  ? -0.124  -10.873 -11.545 1.00 48.82 ? 67  ARG A C   1 
ATOM   555  O  O   . ARG A 1 68  ? -0.440  -9.777  -12.055 1.00 45.86 ? 67  ARG A O   1 
ATOM   556  C  CB  . ARG A 1 68  ? 1.662   -10.862 -9.750  1.00 45.87 ? 67  ARG A CB  1 
ATOM   557  C  CG  . ARG A 1 68  ? 2.580   -11.926 -10.316 1.00 51.11 ? 67  ARG A CG  1 
ATOM   558  C  CD  . ARG A 1 68  ? 3.984   -11.708 -9.769  1.00 52.97 ? 67  ARG A CD  1 
ATOM   559  N  NE  . ARG A 1 68  ? 4.965   -12.683 -10.244 1.00 56.80 ? 67  ARG A NE  1 
ATOM   560  C  CZ  . ARG A 1 68  ? 5.087   -13.930 -9.787  1.00 56.40 ? 67  ARG A CZ  1 
ATOM   561  N  NH1 . ARG A 1 68  ? 4.264   -14.418 -8.872  1.00 56.45 ? 67  ARG A NH1 1 
ATOM   562  N  NH2 . ARG A 1 68  ? 6.024   -14.719 -10.286 1.00 63.66 ? 67  ARG A NH2 1 
ATOM   563  N  N   . GLU A 1 69  ? -0.022  -11.994 -12.253 1.00 51.15 ? 68  GLU A N   1 
ATOM   564  C  CA  . GLU A 1 69  ? -0.178  -11.985 -13.700 1.00 55.14 ? 68  GLU A CA  1 
ATOM   565  C  C   . GLU A 1 69  ? -1.573  -11.482 -14.045 1.00 54.19 ? 68  GLU A C   1 
ATOM   566  O  O   . GLU A 1 69  ? -1.720  -10.557 -14.822 1.00 54.94 ? 68  GLU A O   1 
ATOM   567  C  CB  . GLU A 1 69  ? 0.045   -13.382 -14.265 1.00 56.85 ? 68  GLU A CB  1 
ATOM   568  C  CG  . GLU A 1 69  ? 1.403   -13.998 -13.899 1.00 66.99 ? 68  GLU A CG  1 
ATOM   569  C  CD  . GLU A 1 69  ? 2.490   -13.699 -14.919 1.00 79.26 ? 68  GLU A CD  1 
ATOM   570  O  OE1 . GLU A 1 69  ? 2.349   -14.135 -16.085 1.00 82.81 ? 68  GLU A OE1 1 
ATOM   571  O  OE2 . GLU A 1 69  ? 3.491   -13.042 -14.547 1.00 86.63 ? 68  GLU A OE2 1 
ATOM   572  N  N   . GLU A 1 70  ? -2.582  -12.082 -13.422 1.00 53.83 ? 69  GLU A N   1 
ATOM   573  C  CA  . GLU A 1 70  ? -3.972  -11.699 -13.632 1.00 55.58 ? 69  GLU A CA  1 
ATOM   574  C  C   . GLU A 1 70  ? -4.243  -10.250 -13.249 1.00 55.31 ? 69  GLU A C   1 
ATOM   575  O  O   . GLU A 1 70  ? -5.107  -9.599  -13.835 1.00 55.81 ? 69  GLU A O   1 
ATOM   576  C  CB  . GLU A 1 70  ? -4.897  -12.585 -12.797 1.00 56.99 ? 69  GLU A CB  1 
ATOM   577  C  CG  . GLU A 1 70  ? -4.715  -14.093 -13.000 1.00 66.35 ? 69  GLU A CG  1 
ATOM   578  C  CD  . GLU A 1 70  ? -3.781  -14.726 -11.969 1.00 74.59 ? 69  GLU A CD  1 
ATOM   579  O  OE1 . GLU A 1 70  ? -2.548  -14.550 -12.108 1.00 76.52 ? 69  GLU A OE1 1 
ATOM   580  O  OE2 . GLU A 1 70  ? -4.281  -15.383 -11.021 1.00 75.14 ? 69  GLU A OE2 1 
ATOM   581  N  N   . LEU A 1 71  ? -3.529  -9.756  -12.235 1.00 52.41 ? 70  LEU A N   1 
ATOM   582  C  CA  . LEU A 1 71  ? -3.745  -8.407  -11.716 1.00 49.71 ? 70  LEU A CA  1 
ATOM   583  C  C   . LEU A 1 71  ? -2.989  -7.326  -12.485 1.00 51.37 ? 70  LEU A C   1 
ATOM   584  O  O   . LEU A 1 71  ? -3.237  -6.127  -12.295 1.00 51.26 ? 70  LEU A O   1 
ATOM   585  C  CB  . LEU A 1 71  ? -3.354  -8.366  -10.227 1.00 48.01 ? 70  LEU A CB  1 
ATOM   586  C  CG  . LEU A 1 71  ? -4.305  -9.130  -9.308  1.00 42.10 ? 70  LEU A CG  1 
ATOM   587  C  CD1 . LEU A 1 71  ? -3.789  -9.153  -7.871  1.00 44.98 ? 70  LEU A CD1 1 
ATOM   588  C  CD2 . LEU A 1 71  ? -5.679  -8.508  -9.372  1.00 43.67 ? 70  LEU A CD2 1 
ATOM   589  N  N   . GLY A 1 72  ? -2.067  -7.736  -13.354 1.00 52.04 ? 71  GLY A N   1 
ATOM   590  C  CA  . GLY A 1 72  ? -1.258  -6.789  -14.104 1.00 50.99 ? 71  GLY A CA  1 
ATOM   591  C  C   . GLY A 1 72  ? -0.138  -6.167  -13.302 1.00 51.16 ? 71  GLY A C   1 
ATOM   592  O  O   . GLY A 1 72  ? 0.333   -5.081  -13.641 1.00 51.11 ? 71  GLY A O   1 
ATOM   593  N  N   . LEU A 1 73  ? 0.294   -6.859  -12.243 1.00 51.01 ? 72  LEU A N   1 
ATOM   594  C  CA  . LEU A 1 73  ? 1.368   -6.392  -11.379 1.00 47.83 ? 72  LEU A CA  1 
ATOM   595  C  C   . LEU A 1 73  ? 2.671   -7.048  -11.769 1.00 49.94 ? 72  LEU A C   1 
ATOM   596  O  O   . LEU A 1 73  ? 2.716   -8.252  -11.979 1.00 49.36 ? 72  LEU A O   1 
ATOM   597  C  CB  . LEU A 1 73  ? 1.075   -6.758  -9.917  1.00 46.64 ? 72  LEU A CB  1 
ATOM   598  C  CG  . LEU A 1 73  ? -0.215  -6.179  -9.339  1.00 46.42 ? 72  LEU A CG  1 
ATOM   599  C  CD1 . LEU A 1 73  ? -0.482  -6.753  -7.945  1.00 40.72 ? 72  LEU A CD1 1 
ATOM   600  C  CD2 . LEU A 1 73  ? -0.142  -4.649  -9.328  1.00 47.27 ? 72  LEU A CD2 1 
ATOM   601  N  N   . SER A 1 74  ? 3.741   -6.263  -11.832 1.00 48.75 ? 73  SER A N   1 
ATOM   602  C  CA  . SER A 1 74  ? 5.069   -6.816  -12.013 1.00 47.49 ? 73  SER A CA  1 
ATOM   603  C  C   . SER A 1 74  ? 5.584   -7.404  -10.720 1.00 48.24 ? 73  SER A C   1 
ATOM   604  O  O   . SER A 1 74  ? 5.068   -7.125  -9.626  1.00 45.71 ? 73  SER A O   1 
ATOM   605  C  CB  . SER A 1 74  ? 6.025   -5.720  -12.467 1.00 49.10 ? 73  SER A CB  1 
ATOM   606  O  OG  . SER A 1 74  ? 6.232   -4.765  -11.426 1.00 47.20 ? 73  SER A OG  1 
ATOM   607  N  N   . ASP A 1 75  ? 6.646   -8.187  -10.833 1.00 45.31 ? 74  ASP A N   1 
ATOM   608  C  CA  . ASP A 1 75  ? 7.327   -8.666  -9.653  1.00 46.68 ? 74  ASP A CA  1 
ATOM   609  C  C   . ASP A 1 75  ? 7.750   -7.488  -8.768  1.00 44.81 ? 74  ASP A C   1 
ATOM   610  O  O   . ASP A 1 75  ? 7.624   -7.576  -7.559  1.00 42.75 ? 74  ASP A O   1 
ATOM   611  C  CB  . ASP A 1 75  ? 8.548   -9.508  -10.013 1.00 46.34 ? 74  ASP A CB  1 
ATOM   612  C  CG  . ASP A 1 75  ? 8.184   -10.836 -10.671 1.00 53.73 ? 74  ASP A CG  1 
ATOM   613  O  OD1 . ASP A 1 75  ? 7.000   -11.065 -11.007 1.00 51.36 ? 74  ASP A OD1 1 
ATOM   614  O  OD2 . ASP A 1 75  ? 9.110   -11.658 -10.847 1.00 61.29 ? 74  ASP A OD2 1 
ATOM   615  N  N   . ASP A 1 76  ? 8.238   -6.396  -9.362  1.00 43.44 ? 75  ASP A N   1 
ATOM   616  C  CA  . ASP A 1 76  ? 8.639   -5.238  -8.558  1.00 44.72 ? 75  ASP A CA  1 
ATOM   617  C  C   . ASP A 1 76  ? 7.443   -4.679  -7.794  1.00 41.04 ? 75  ASP A C   1 
ATOM   618  O  O   . ASP A 1 76  ? 7.573   -4.365  -6.624  1.00 40.94 ? 75  ASP A O   1 
ATOM   619  C  CB  . ASP A 1 76  ? 9.277   -4.104  -9.375  1.00 44.11 ? 75  ASP A CB  1 
ATOM   620  C  CG  . ASP A 1 76  ? 9.873   -2.994  -8.465  1.00 44.39 ? 75  ASP A CG  1 
ATOM   621  O  OD1 . ASP A 1 76  ? 9.168   -2.023  -8.099  1.00 48.13 ? 75  ASP A OD1 1 
ATOM   622  O  OD2 . ASP A 1 76  ? 11.044  -3.122  -8.055  1.00 52.66 ? 75  ASP A OD2 1 
ATOM   623  N  N   . ASP A 1 77  ? 6.295   -4.554  -8.459  1.00 39.76 ? 76  ASP A N   1 
ATOM   624  C  CA  . ASP A 1 77  ? 5.079   -4.104  -7.788  1.00 42.40 ? 76  ASP A CA  1 
ATOM   625  C  C   . ASP A 1 77  ? 4.772   -4.966  -6.570  1.00 42.73 ? 76  ASP A C   1 
ATOM   626  O  O   . ASP A 1 77  ? 4.374   -4.446  -5.520  1.00 41.83 ? 76  ASP A O   1 
ATOM   627  C  CB  . ASP A 1 77  ? 3.876   -4.115  -8.725  1.00 41.02 ? 76  ASP A CB  1 
ATOM   628  C  CG  . ASP A 1 77  ? 3.997   -3.123  -9.861  1.00 42.82 ? 76  ASP A CG  1 
ATOM   629  O  OD1 . ASP A 1 77  ? 4.610   -2.038  -9.706  1.00 46.54 ? 76  ASP A OD1 1 
ATOM   630  O  OD2 . ASP A 1 77  ? 3.443   -3.439  -10.925 1.00 45.26 ? 76  ASP A OD2 1 
ATOM   631  N  N   . CYS A 1 78  ? 4.960   -6.284  -6.691  1.00 41.36 ? 77  CYS A N   1 
ATOM   632  C  CA  . CYS A 1 78  ? 4.673   -7.164  -5.557  1.00 41.24 ? 77  CYS A CA  1 
ATOM   633  C  C   . CYS A 1 78  ? 5.715   -6.971  -4.466  1.00 42.51 ? 77  CYS A C   1 
ATOM   634  O  O   . CYS A 1 78  ? 5.389   -7.015  -3.278  1.00 42.49 ? 77  CYS A O   1 
ATOM   635  C  CB  . CYS A 1 78  ? 4.583   -8.635  -5.975  1.00 42.06 ? 77  CYS A CB  1 
ATOM   636  S  SG  . CYS A 1 78  ? 3.260   -8.929  -7.135  1.00 45.15 ? 77  CYS A SG  1 
ATOM   637  N  N   . SER A 1 79  ? 6.962   -6.742  -4.863  1.00 40.83 ? 78  SER A N   1 
ATOM   638  C  CA  . SER A 1 79  ? 8.010   -6.417  -3.904  1.00 40.88 ? 78  SER A CA  1 
ATOM   639  C  C   . SER A 1 79  ? 7.804   -5.070  -3.199  1.00 40.49 ? 78  SER A C   1 
ATOM   640  O  O   . SER A 1 79  ? 8.206   -4.918  -2.040  1.00 40.55 ? 78  SER A O   1 
ATOM   641  C  CB  . SER A 1 79  ? 9.370   -6.457  -4.590  1.00 43.15 ? 78  SER A CB  1 
ATOM   642  O  OG  . SER A 1 79  ? 9.640   -7.782  -5.005  1.00 47.63 ? 78  SER A OG  1 
ATOM   643  N  N   . LYS A 1 80  ? 7.191   -4.103  -3.892  1.00 40.79 ? 79  LYS A N   1 
ATOM   644  C  CA  . LYS A 1 80  ? 6.813   -2.824  -3.268  1.00 40.49 ? 79  LYS A CA  1 
ATOM   645  C  C   . LYS A 1 80  ? 5.982   -3.097  -1.992  1.00 40.49 ? 79  LYS A C   1 
ATOM   646  O  O   . LYS A 1 80  ? 6.249   -2.523  -0.933  1.00 40.40 ? 79  LYS A O   1 
ATOM   647  C  CB  . LYS A 1 80  ? 5.998   -1.952  -4.230  1.00 40.69 ? 79  LYS A CB  1 
ATOM   648  C  CG  . LYS A 1 80  ? 6.749   -1.345  -5.427  1.00 42.63 ? 79  LYS A CG  1 
ATOM   649  C  CD  . LYS A 1 80  ? 5.804   -0.390  -6.204  1.00 41.13 ? 79  LYS A CD  1 
ATOM   650  C  CE  . LYS A 1 80  ? 6.428   0.182   -7.483  1.00 39.90 ? 79  LYS A CE  1 
ATOM   651  N  NZ  . LYS A 1 80  ? 6.792   -0.863  -8.499  1.00 37.91 ? 79  LYS A NZ  1 
ATOM   652  N  N   . LEU A 1 81  ? 4.993   -3.990  -2.105  1.00 38.49 ? 80  LEU A N   1 
ATOM   653  C  CA  . LEU A 1 81  ? 4.091   -4.309  -0.978  1.00 40.27 ? 80  LEU A CA  1 
ATOM   654  C  C   . LEU A 1 81  ? 4.821   -5.016  0.152   1.00 41.19 ? 80  LEU A C   1 
ATOM   655  O  O   . LEU A 1 81  ? 4.614   -4.678  1.319   1.00 38.91 ? 80  LEU A O   1 
ATOM   656  C  CB  . LEU A 1 81  ? 2.920   -5.154  -1.455  1.00 38.62 ? 80  LEU A CB  1 
ATOM   657  C  CG  . LEU A 1 81  ? 1.777   -5.496  -0.496  1.00 40.06 ? 80  LEU A CG  1 
ATOM   658  C  CD1 . LEU A 1 81  ? 1.067   -4.248  0.008   1.00 36.56 ? 80  LEU A CD1 1 
ATOM   659  C  CD2 . LEU A 1 81  ? 0.801   -6.452  -1.198  1.00 42.21 ? 80  LEU A CD2 1 
ATOM   660  N  N   . SER A 1 82  ? 5.672   -5.988  -0.187  1.00 39.31 ? 81  SER A N   1 
ATOM   661  C  CA  . SER A 1 82  ? 6.414   -6.758  0.829   1.00 41.35 ? 81  SER A CA  1 
ATOM   662  C  C   . SER A 1 82  ? 7.307   -5.806  1.589   1.00 41.89 ? 81  SER A C   1 
ATOM   663  O  O   . SER A 1 82  ? 7.289   -5.774  2.826   1.00 41.76 ? 81  SER A O   1 
ATOM   664  C  CB  . SER A 1 82  ? 7.282   -7.852  0.188   1.00 42.10 ? 81  SER A CB  1 
ATOM   665  O  OG  . SER A 1 82  ? 6.499   -8.759  -0.576  1.00 50.74 ? 81  SER A OG  1 
ATOM   666  N  N   . ARG A 1 83  ? 8.039   -4.974  0.849   1.00 40.08 ? 82  ARG A N   1 
ATOM   667  C  CA  . ARG A 1 83  ? 8.979   -4.060  1.481   1.00 42.60 ? 82  ARG A CA  1 
ATOM   668  C  C   . ARG A 1 83  ? 8.284   -3.002  2.320   1.00 41.01 ? 82  ARG A C   1 
ATOM   669  O  O   . ARG A 1 83  ? 8.776   -2.681  3.386   1.00 40.06 ? 82  ARG A O   1 
ATOM   670  C  CB  . ARG A 1 83  ? 9.880   -3.359  0.488   1.00 42.34 ? 82  ARG A CB  1 
ATOM   671  C  CG  . ARG A 1 83  ? 10.745  -2.294  1.183   1.00 51.01 ? 82  ARG A CG  1 
ATOM   672  C  CD  . ARG A 1 83  ? 11.770  -1.667  0.285   1.00 53.92 ? 82  ARG A CD  1 
ATOM   673  N  NE  . ARG A 1 83  ? 11.155  -0.777  -0.702  1.00 63.76 ? 82  ARG A NE  1 
ATOM   674  C  CZ  . ARG A 1 83  ? 11.841  0.049   -1.490  1.00 62.55 ? 82  ARG A CZ  1 
ATOM   675  N  NH1 . ARG A 1 83  ? 13.164  0.105   -1.419  1.00 62.70 ? 82  ARG A NH1 1 
ATOM   676  N  NH2 . ARG A 1 83  ? 11.197  0.825   -2.353  1.00 62.53 ? 82  ARG A NH2 1 
ATOM   677  N  N   . ALA A 1 84  ? 7.183   -2.440  1.817   1.00 40.20 ? 83  ALA A N   1 
ATOM   678  C  CA  . ALA A 1 84  ? 6.407   -1.458  2.584   1.00 39.14 ? 83  ALA A CA  1 
ATOM   679  C  C   . ALA A 1 84  ? 5.892   -2.071  3.890   1.00 38.85 ? 83  ALA A C   1 
ATOM   680  O  O   . ALA A 1 84  ? 5.878   -1.411  4.914   1.00 37.93 ? 83  ALA A O   1 
ATOM   681  C  CB  . ALA A 1 84  ? 5.251   -0.894  1.747   1.00 42.23 ? 83  ALA A CB  1 
ATOM   682  N  N   . PHE A 1 85  ? 5.480   -3.335  3.860   1.00 38.77 ? 84  PHE A N   1 
ATOM   683  C  CA  . PHE A 1 85  ? 5.057   -4.009  5.086   1.00 40.99 ? 84  PHE A CA  1 
ATOM   684  C  C   . PHE A 1 85  ? 6.196   -4.127  6.086   1.00 43.31 ? 84  PHE A C   1 
ATOM   685  O  O   . PHE A 1 85  ? 6.031   -3.808  7.265   1.00 43.24 ? 84  PHE A O   1 
ATOM   686  C  CB  . PHE A 1 85  ? 4.468   -5.379  4.816   1.00 41.99 ? 84  PHE A CB  1 
ATOM   687  C  CG  . PHE A 1 85  ? 4.087   -6.120  6.078   1.00 43.04 ? 84  PHE A CG  1 
ATOM   688  C  CD1 . PHE A 1 85  ? 3.105   -5.617  6.916   1.00 44.15 ? 84  PHE A CD1 1 
ATOM   689  C  CD2 . PHE A 1 85  ? 4.753   -7.288  6.450   1.00 47.08 ? 84  PHE A CD2 1 
ATOM   690  C  CE1 . PHE A 1 85  ? 2.760   -6.289  8.105   1.00 49.24 ? 84  PHE A CE1 1 
ATOM   691  C  CE2 . PHE A 1 85  ? 4.411   -7.968  7.637   1.00 45.65 ? 84  PHE A CE2 1 
ATOM   692  C  CZ  . PHE A 1 85  ? 3.415   -7.470  8.446   1.00 47.50 ? 84  PHE A CZ  1 
ATOM   693  N  N   . ASP A 1 86  ? 7.350   -4.581  5.617   1.00 45.61 ? 85  ASP A N   1 
ATOM   694  C  CA  . ASP A 1 86  ? 8.516   -4.727  6.485   1.00 47.14 ? 85  ASP A CA  1 
ATOM   695  C  C   . ASP A 1 86  ? 8.938   -3.385  7.107   1.00 48.34 ? 85  ASP A C   1 
ATOM   696  O  O   . ASP A 1 86  ? 9.309   -3.332  8.288   1.00 50.18 ? 85  ASP A O   1 
ATOM   697  C  CB  . ASP A 1 86  ? 9.685   -5.390  5.735   1.00 46.29 ? 85  ASP A CB  1 
ATOM   698  C  CG  . ASP A 1 86  ? 9.387   -6.839  5.351   1.00 53.57 ? 85  ASP A CG  1 
ATOM   699  O  OD1 . ASP A 1 86  ? 8.569   -7.486  6.035   1.00 57.92 ? 85  ASP A OD1 1 
ATOM   700  O  OD2 . ASP A 1 86  ? 9.955   -7.332  4.352   1.00 60.85 ? 85  ASP A OD2 1 
ATOM   701  N  N   . LEU A 1 87  ? 8.856   -2.311  6.329   1.00 47.53 ? 86  LEU A N   1 
ATOM   702  C  CA  . LEU A 1 87  ? 9.211   -0.985  6.819   1.00 47.53 ? 86  LEU A CA  1 
ATOM   703  C  C   . LEU A 1 87  ? 8.150   -0.393  7.748   1.00 46.29 ? 86  LEU A C   1 
ATOM   704  O  O   . LEU A 1 87  ? 8.465   0.355   8.682   1.00 45.77 ? 86  LEU A O   1 
ATOM   705  C  CB  . LEU A 1 87  ? 9.424   -0.037  5.650   1.00 47.80 ? 86  LEU A CB  1 
ATOM   706  C  CG  . LEU A 1 87  ? 9.936   1.358   6.010   1.00 55.31 ? 86  LEU A CG  1 
ATOM   707  C  CD1 . LEU A 1 87  ? 11.167  1.289   6.904   1.00 53.76 ? 86  LEU A CD1 1 
ATOM   708  C  CD2 . LEU A 1 87  ? 10.251  2.120   4.737   1.00 52.52 ? 86  LEU A CD2 1 
ATOM   709  N  N   . ARG A 1 88  ? 6.891   -0.701  7.476   1.00 42.93 ? 87  ARG A N   1 
ATOM   710  C  CA  . ARG A 1 88  ? 5.828   -0.340  8.394   1.00 42.91 ? 87  ARG A CA  1 
ATOM   711  C  C   . ARG A 1 88  ? 6.010   -1.046  9.738   1.00 44.14 ? 87  ARG A C   1 
ATOM   712  O  O   . ARG A 1 88  ? 5.748   -0.457  10.791  1.00 41.20 ? 87  ARG A O   1 
ATOM   713  C  CB  . ARG A 1 88  ? 4.486   -0.653  7.771   1.00 43.69 ? 87  ARG A CB  1 
ATOM   714  C  CG  . ARG A 1 88  ? 3.295   -0.359  8.646   1.00 42.21 ? 87  ARG A CG  1 
ATOM   715  C  CD  . ARG A 1 88  ? 2.875   -1.609  9.367   1.00 45.88 ? 87  ARG A CD  1 
ATOM   716  N  NE  . ARG A 1 88  ? 2.055   -1.256  10.515  1.00 43.50 ? 87  ARG A NE  1 
ATOM   717  C  CZ  . ARG A 1 88  ? 1.325   -2.137  11.177  1.00 48.06 ? 87  ARG A CZ  1 
ATOM   718  N  NH1 . ARG A 1 88  ? 1.322   -3.413  10.812  1.00 45.05 ? 87  ARG A NH1 1 
ATOM   719  N  NH2 . ARG A 1 88  ? 0.576   -1.726  12.187  1.00 48.38 ? 87  ARG A NH2 1 
ATOM   720  N  N   . GLU A 1 89  ? 6.473   -2.300  9.714   1.00 44.30 ? 88  GLU A N   1 
ATOM   721  C  CA  . GLU A 1 89  ? 6.706   -3.028  10.959  1.00 47.02 ? 88  GLU A CA  1 
ATOM   722  C  C   . GLU A 1 89  ? 7.777   -2.344  11.783  1.00 47.45 ? 88  GLU A C   1 
ATOM   723  O  O   . GLU A 1 89  ? 7.615   -2.186  13.004  1.00 47.02 ? 88  GLU A O   1 
ATOM   724  C  CB  . GLU A 1 89  ? 7.060   -4.492  10.699  1.00 47.58 ? 88  GLU A CB  1 
ATOM   725  C  CG  . GLU A 1 89  ? 5.897   -5.275  10.141  1.00 49.19 ? 88  GLU A CG  1 
ATOM   726  C  CD  . GLU A 1 89  ? 4.871   -5.662  11.186  1.00 48.49 ? 88  GLU A CD  1 
ATOM   727  O  OE1 . GLU A 1 89  ? 5.176   -6.557  11.994  1.00 58.35 ? 88  GLU A OE1 1 
ATOM   728  O  OE2 . GLU A 1 89  ? 3.750   -5.104  11.174  1.00 55.09 ? 88  GLU A OE2 1 
ATOM   729  N  N   . GLU A 1 90  ? 8.846   -1.898  11.125  1.00 46.89 ? 89  GLU A N   1 
ATOM   730  C  CA  . GLU A 1 90  ? 9.878   -1.115  11.798  1.00 47.44 ? 89  GLU A CA  1 
ATOM   731  C  C   . GLU A 1 90  ? 9.358   0.244   12.299  1.00 48.31 ? 89  GLU A C   1 
ATOM   732  O  O   . GLU A 1 90  ? 9.651   0.627   13.433  1.00 47.61 ? 89  GLU A O   1 
ATOM   733  C  CB  . GLU A 1 90  ? 11.106  -0.918  10.915  1.00 47.90 ? 89  GLU A CB  1 
ATOM   734  C  CG  . GLU A 1 90  ? 12.304  -0.253  11.607  1.00 52.73 ? 89  GLU A CG  1 
ATOM   735  C  CD  . GLU A 1 90  ? 12.804  -1.037  12.824  1.00 63.42 ? 89  GLU A CD  1 
ATOM   736  O  OE1 . GLU A 1 90  ? 12.787  -2.290  12.765  1.00 65.13 ? 89  GLU A OE1 1 
ATOM   737  O  OE2 . GLU A 1 90  ? 13.207  -0.398  13.833  1.00 70.71 ? 89  GLU A OE2 1 
ATOM   738  N  N   . SER A 1 91  ? 8.601   0.968   11.471  1.00 45.59 ? 90  SER A N   1 
ATOM   739  C  CA  . SER A 1 91  ? 8.072   2.275   11.863  1.00 46.12 ? 90  SER A CA  1 
ATOM   740  C  C   . SER A 1 91  ? 7.165   2.168   13.090  1.00 45.73 ? 90  SER A C   1 
ATOM   741  O  O   . SER A 1 91  ? 7.306   2.948   14.029  1.00 47.21 ? 90  SER A O   1 
ATOM   742  C  CB  . SER A 1 91  ? 7.302   2.939   10.710  1.00 44.88 ? 90  SER A CB  1 
ATOM   743  O  OG  . SER A 1 91  ? 8.185   3.235   9.639   1.00 49.79 ? 90  SER A OG  1 
ATOM   744  N  N   . ASP A 1 92  ? 6.261   1.193   13.088  1.00 43.64 ? 91  ASP A N   1 
ATOM   745  C  CA  . ASP A 1 92  ? 5.264   1.060   14.160  1.00 44.74 ? 91  ASP A CA  1 
ATOM   746  C  C   . ASP A 1 92  ? 5.729   0.248   15.385  1.00 46.94 ? 91  ASP A C   1 
ATOM   747  O  O   . ASP A 1 92  ? 5.356   0.591   16.506  1.00 45.92 ? 91  ASP A O   1 
ATOM   748  C  CB  . ASP A 1 92  ? 3.947   0.493   13.600  1.00 43.36 ? 91  ASP A CB  1 
ATOM   749  C  CG  . ASP A 1 92  ? 3.206   1.502   12.696  1.00 45.66 ? 91  ASP A CG  1 
ATOM   750  O  OD1 . ASP A 1 92  ? 3.546   2.692   12.727  1.00 44.04 ? 91  ASP A OD1 1 
ATOM   751  O  OD2 . ASP A 1 92  ? 2.291   1.126   11.932  1.00 43.92 ? 91  ASP A OD2 1 
ATOM   752  N  N   . TYR A 1 93  ? 6.560   -0.779  15.173  1.00 46.44 ? 92  TYR A N   1 
ATOM   753  C  CA  . TYR A 1 93  ? 6.924   -1.740  16.213  1.00 46.71 ? 92  TYR A CA  1 
ATOM   754  C  C   . TYR A 1 93  ? 8.399   -1.768  16.578  1.00 48.00 ? 92  TYR A C   1 
ATOM   755  O  O   . TYR A 1 93  ? 8.748   -2.280  17.635  1.00 48.85 ? 92  TYR A O   1 
ATOM   756  C  CB  . TYR A 1 93  ? 6.472   -3.159  15.843  1.00 48.97 ? 92  TYR A CB  1 
ATOM   757  C  CG  . TYR A 1 93  ? 4.971   -3.278  15.728  1.00 48.08 ? 92  TYR A CG  1 
ATOM   758  C  CD1 . TYR A 1 93  ? 4.165   -3.093  16.836  1.00 56.70 ? 92  TYR A CD1 1 
ATOM   759  C  CD2 . TYR A 1 93  ? 4.358   -3.557  14.510  1.00 47.32 ? 92  TYR A CD2 1 
ATOM   760  C  CE1 . TYR A 1 93  ? 2.788   -3.178  16.744  1.00 58.30 ? 92  TYR A CE1 1 
ATOM   761  C  CE2 . TYR A 1 93  ? 2.979   -3.649  14.405  1.00 46.16 ? 92  TYR A CE2 1 
ATOM   762  C  CZ  . TYR A 1 93  ? 2.201   -3.475  15.524  1.00 50.96 ? 92  TYR A CZ  1 
ATOM   763  O  OH  . TYR A 1 93  ? 0.836   -3.537  15.454  1.00 50.07 ? 92  TYR A OH  1 
ATOM   764  N  N   . GLY A 1 94  ? 9.257   -1.205  15.740  1.00 47.38 ? 93  GLY A N   1 
ATOM   765  C  CA  . GLY A 1 94  ? 10.686  -1.146  16.024  1.00 49.66 ? 93  GLY A CA  1 
ATOM   766  C  C   . GLY A 1 94  ? 11.026  -0.042  17.006  1.00 51.64 ? 93  GLY A C   1 
ATOM   767  O  O   . GLY A 1 94  ? 10.327  0.970   17.080  1.00 52.25 ? 93  GLY A O   1 
ATOM   768  N  N   . ILE A 1 95  ? 12.097  -0.235  17.770  1.00 51.09 ? 94  ILE A N   1 
ATOM   769  C  CA  . ILE A 1 95  ? 12.471  0.749   18.792  1.00 51.49 ? 94  ILE A CA  1 
ATOM   770  C  C   . ILE A 1 95  ? 13.916  1.227   18.684  1.00 54.61 ? 94  ILE A C   1 
ATOM   771  O  O   . ILE A 1 95  ? 14.300  2.150   19.391  1.00 53.52 ? 94  ILE A O   1 
ATOM   772  C  CB  . ILE A 1 95  ? 12.163  0.239   20.207  1.00 50.46 ? 94  ILE A CB  1 
ATOM   773  C  CG1 . ILE A 1 95  ? 12.937  -1.037  20.527  1.00 51.67 ? 94  ILE A CG1 1 
ATOM   774  C  CG2 . ILE A 1 95  ? 10.656  -0.013  20.365  1.00 45.04 ? 94  ILE A CG2 1 
ATOM   775  C  CD1 . ILE A 1 95  ? 12.614  -1.607  21.909  1.00 50.59 ? 94  ILE A CD1 1 
ATOM   776  N  N   . TYR A 1 96  ? 14.694  0.638   17.778  1.00 57.02 ? 95  TYR A N   1 
ATOM   777  C  CA  . TYR A 1 96  ? 16.102  1.009   17.604  1.00 62.20 ? 95  TYR A CA  1 
ATOM   778  C  C   . TYR A 1 96  ? 16.288  1.942   16.400  1.00 65.65 ? 95  TYR A C   1 
ATOM   779  O  O   . TYR A 1 96  ? 16.794  3.056   16.541  1.00 67.96 ? 95  TYR A O   1 
ATOM   780  C  CB  . TYR A 1 96  ? 16.975  -0.249  17.435  1.00 63.45 ? 95  TYR A CB  1 
ATOM   781  C  CG  . TYR A 1 96  ? 16.837  -1.237  18.579  1.00 65.95 ? 95  TYR A CG  1 
ATOM   782  C  CD1 . TYR A 1 96  ? 17.653  -1.147  19.711  1.00 67.74 ? 95  TYR A CD1 1 
ATOM   783  C  CD2 . TYR A 1 96  ? 15.878  -2.250  18.541  1.00 69.66 ? 95  TYR A CD2 1 
ATOM   784  C  CE1 . TYR A 1 96  ? 17.513  -2.047  20.775  1.00 68.89 ? 95  TYR A CE1 1 
ATOM   785  C  CE2 . TYR A 1 96  ? 15.732  -3.152  19.596  1.00 68.43 ? 95  TYR A CE2 1 
ATOM   786  C  CZ  . TYR A 1 96  ? 16.553  -3.045  20.707  1.00 67.68 ? 95  TYR A CZ  1 
ATOM   787  O  OH  . TYR A 1 96  ? 16.403  -3.936  21.745  1.00 68.74 ? 95  TYR A OH  1 
ATOM   788  N  N   . LYS A 1 97  ? 15.881  1.482   15.223  1.00 67.55 ? 96  LYS A N   1 
ATOM   789  C  CA  . LYS A 1 97  ? 16.145  2.217   13.986  1.00 69.83 ? 96  LYS A CA  1 
ATOM   790  C  C   . LYS A 1 97  ? 15.153  3.360   13.808  1.00 70.81 ? 96  LYS A C   1 
ATOM   791  O  O   . LYS A 1 97  ? 13.968  3.221   14.136  1.00 70.40 ? 96  LYS A O   1 
ATOM   792  C  CB  . LYS A 1 97  ? 16.059  1.293   12.771  1.00 69.25 ? 96  LYS A CB  1 
ATOM   793  C  CG  . LYS A 1 97  ? 17.031  0.124   12.791  1.00 71.97 ? 96  LYS A CG  1 
ATOM   794  C  CD  . LYS A 1 97  ? 16.871  -0.749  11.549  1.00 69.92 ? 96  LYS A CD  1 
ATOM   795  N  N   . GLU A 1 98  ? 15.651  4.485   13.297  1.00 70.80 ? 97  GLU A N   1 
ATOM   796  C  CA  . GLU A 1 98  ? 14.793  5.557   12.802  1.00 70.37 ? 97  GLU A CA  1 
ATOM   797  C  C   . GLU A 1 98  ? 14.801  5.534   11.281  1.00 66.37 ? 97  GLU A C   1 
ATOM   798  O  O   . GLU A 1 98  ? 15.774  5.103   10.651  1.00 66.69 ? 97  GLU A O   1 
ATOM   799  C  CB  . GLU A 1 98  ? 15.234  6.927   13.323  1.00 71.68 ? 97  GLU A CB  1 
ATOM   800  C  CG  . GLU A 1 98  ? 14.944  7.139   14.812  1.00 79.11 ? 97  GLU A CG  1 
ATOM   801  C  CD  . GLU A 1 98  ? 14.591  8.581   15.150  1.00 86.92 ? 97  GLU A CD  1 
ATOM   802  O  OE1 . GLU A 1 98  ? 13.408  8.963   14.983  1.00 92.11 ? 97  GLU A OE1 1 
ATOM   803  O  OE2 . GLU A 1 98  ? 15.499  9.330   15.579  1.00 92.37 ? 97  GLU A OE2 1 
ATOM   804  N  N   . VAL A 1 99  ? 13.701  5.990   10.704  1.00 61.56 ? 98  VAL A N   1 
ATOM   805  C  CA  . VAL A 1 99  ? 13.508  5.970   9.265   1.00 57.91 ? 98  VAL A CA  1 
ATOM   806  C  C   . VAL A 1 99  ? 13.920  7.312   8.689   1.00 56.28 ? 98  VAL A C   1 
ATOM   807  O  O   . VAL A 1 99  ? 13.525  8.362   9.192   1.00 56.45 ? 98  VAL A O   1 
ATOM   808  C  CB  . VAL A 1 99  ? 12.042  5.676   8.914   1.00 57.44 ? 98  VAL A CB  1 
ATOM   809  C  CG1 . VAL A 1 99  ? 11.849  5.688   7.401   1.00 55.34 ? 98  VAL A CG1 1 
ATOM   810  C  CG2 . VAL A 1 99  ? 11.629  4.328   9.491   1.00 57.14 ? 98  VAL A CG2 1 
ATOM   811  N  N   . SER A 1 100 ? 14.723  7.273   7.634   1.00 55.72 ? 99  SER A N   1 
ATOM   812  C  CA  . SER A 1 100 ? 15.227  8.490   7.007   1.00 54.80 ? 99  SER A CA  1 
ATOM   813  C  C   . SER A 1 100 ? 14.201  9.090   6.054   1.00 53.27 ? 99  SER A C   1 
ATOM   814  O  O   . SER A 1 100 ? 13.252  8.425   5.646   1.00 50.73 ? 99  SER A O   1 
ATOM   815  C  CB  . SER A 1 100 ? 16.501  8.181   6.234   1.00 54.53 ? 99  SER A CB  1 
ATOM   816  O  OG  . SER A 1 100 ? 16.225  7.311   5.154   1.00 56.68 ? 99  SER A OG  1 
ATOM   817  N  N   . LYS A 1 101 ? 14.416  10.351  5.702   1.00 52.69 ? 100 LYS A N   1 
ATOM   818  C  CA  . LYS A 1 101 ? 13.642  11.025  4.674   1.00 53.09 ? 100 LYS A CA  1 
ATOM   819  C  C   . LYS A 1 101 ? 13.677  10.220  3.370   1.00 52.13 ? 100 LYS A C   1 
ATOM   820  O  O   . LYS A 1 101 ? 12.662  10.074  2.691   1.00 47.52 ? 100 LYS A O   1 
ATOM   821  C  CB  . LYS A 1 101 ? 14.223  12.416  4.438   1.00 53.05 ? 100 LYS A CB  1 
ATOM   822  C  CG  . LYS A 1 101 ? 13.430  13.297  3.472   1.00 57.22 ? 100 LYS A CG  1 
ATOM   823  C  CD  . LYS A 1 101 ? 14.003  14.723  3.463   1.00 58.19 ? 100 LYS A CD  1 
ATOM   824  C  CE  . LYS A 1 101 ? 13.451  15.568  2.322   1.00 60.71 ? 100 LYS A CE  1 
ATOM   825  N  NZ  . LYS A 1 101 ? 13.865  16.993  2.483   1.00 65.62 ? 100 LYS A NZ  1 
ATOM   826  N  N   . ASP A 1 102 ? 14.855  9.695   3.047   1.00 52.33 ? 101 ASP A N   1 
ATOM   827  C  CA  A ASP A 1 102 ? 15.032  9.015   1.768   0.50 52.86 ? 101 ASP A CA  1 
ATOM   828  C  CA  B ASP A 1 102 ? 15.130  8.948   1.805   0.50 53.31 ? 101 ASP A CA  1 
ATOM   829  C  C   . ASP A 1 102 ? 14.295  7.675   1.703   1.00 52.76 ? 101 ASP A C   1 
ATOM   830  O  O   . ASP A 1 102 ? 13.746  7.345   0.647   1.00 53.75 ? 101 ASP A O   1 
ATOM   831  C  CB  A ASP A 1 102 ? 16.513  8.908   1.391   0.50 53.70 ? 101 ASP A CB  1 
ATOM   832  C  CB  B ASP A 1 102 ? 16.631  8.597   1.757   0.50 54.66 ? 101 ASP A CB  1 
ATOM   833  C  CG  A ASP A 1 102 ? 17.038  10.193  0.749   0.50 55.11 ? 101 ASP A CG  1 
ATOM   834  C  CG  B ASP A 1 102 ? 16.950  7.433   0.822   0.50 58.54 ? 101 ASP A CG  1 
ATOM   835  O  OD1 A ASP A 1 102 ? 16.529  10.574  -0.331  0.50 47.51 ? 101 ASP A OD1 1 
ATOM   836  O  OD1 B ASP A 1 102 ? 17.021  7.651   -0.407  0.50 59.89 ? 101 ASP A OD1 1 
ATOM   837  O  OD2 A ASP A 1 102 ? 17.950  10.824  1.325   0.50 58.73 ? 101 ASP A OD2 1 
ATOM   838  O  OD2 B ASP A 1 102 ? 17.155  6.305   1.325   0.50 62.63 ? 101 ASP A OD2 1 
ATOM   839  N  N   . LEU A 1 103 ? 14.229  6.937   2.811   1.00 51.73 ? 102 LEU A N   1 
ATOM   840  C  CA  . LEU A 1 103 ? 13.397  5.725   2.866   1.00 51.33 ? 102 LEU A CA  1 
ATOM   841  C  C   . LEU A 1 103 ? 11.928  6.055   2.714   1.00 49.65 ? 102 LEU A C   1 
ATOM   842  O  O   . LEU A 1 103 ? 11.209  5.376   1.988   1.00 49.71 ? 102 LEU A O   1 
ATOM   843  C  CB  . LEU A 1 103 ? 13.572  4.957   4.180   1.00 51.90 ? 102 LEU A CB  1 
ATOM   844  C  CG  . LEU A 1 103 ? 14.437  3.711   4.080   1.00 56.54 ? 102 LEU A CG  1 
ATOM   845  C  CD1 . LEU A 1 103 ? 14.676  3.124   5.461   1.00 57.63 ? 102 LEU A CD1 1 
ATOM   846  C  CD2 . LEU A 1 103 ? 13.777  2.699   3.157   1.00 56.13 ? 102 LEU A CD2 1 
ATOM   847  N  N   . ALA A 1 104 ? 11.481  7.089   3.418   1.00 46.88 ? 103 ALA A N   1 
ATOM   848  C  CA  . ALA A 1 104 ? 10.073  7.416   3.445   1.00 48.07 ? 103 ALA A CA  1 
ATOM   849  C  C   . ALA A 1 104 ? 9.616   7.837   2.061   1.00 46.00 ? 103 ALA A C   1 
ATOM   850  O  O   . ALA A 1 104 ? 8.518   7.481   1.625   1.00 44.92 ? 103 ALA A O   1 
ATOM   851  C  CB  . ALA A 1 104 ? 9.786   8.521   4.463   1.00 45.98 ? 103 ALA A CB  1 
ATOM   852  N  N   . ILE A 1 105 ? 10.438  8.616   1.369   1.00 45.70 ? 104 ILE A N   1 
ATOM   853  C  CA  . ILE A 1 105 ? 10.061  9.047   0.018   1.00 45.21 ? 104 ILE A CA  1 
ATOM   854  C  C   . ILE A 1 105 ? 9.954   7.850   -0.924  1.00 42.31 ? 104 ILE A C   1 
ATOM   855  O  O   . ILE A 1 105 ? 9.058   7.806   -1.773  1.00 41.40 ? 104 ILE A O   1 
ATOM   856  C  CB  . ILE A 1 105 ? 10.985  10.149  -0.520  1.00 45.74 ? 104 ILE A CB  1 
ATOM   857  C  CG1 . ILE A 1 105 ? 10.201  11.012  -1.524  1.00 49.87 ? 104 ILE A CG1 1 
ATOM   858  C  CG2 . ILE A 1 105 ? 12.241  9.552   -1.128  1.00 47.02 ? 104 ILE A CG2 1 
ATOM   859  C  CD1 . ILE A 1 105 ? 10.840  12.328  -1.822  1.00 51.11 ? 104 ILE A CD1 1 
ATOM   860  N  N   . LYS A 1 106 ? 10.842  6.870   -0.760  1.00 43.39 ? 105 LYS A N   1 
ATOM   861  C  CA  . LYS A 1 106 ? 10.803  5.642   -1.559  1.00 45.19 ? 105 LYS A CA  1 
ATOM   862  C  C   . LYS A 1 106 ? 9.480   4.920   -1.370  1.00 41.83 ? 105 LYS A C   1 
ATOM   863  O  O   . LYS A 1 106 ? 8.859   4.481   -2.336  1.00 37.20 ? 105 LYS A O   1 
ATOM   864  C  CB  . LYS A 1 106 ? 11.915  4.655   -1.168  1.00 46.31 ? 105 LYS A CB  1 
ATOM   865  C  CG  . LYS A 1 106 ? 13.315  4.911   -1.707  1.00 56.26 ? 105 LYS A CG  1 
ATOM   866  C  CD  . LYS A 1 106 ? 14.309  3.843   -1.212  1.00 53.73 ? 105 LYS A CD  1 
ATOM   867  C  CE  . LYS A 1 106 ? 15.725  4.151   -1.670  1.00 61.77 ? 105 LYS A CE  1 
ATOM   868  N  NZ  . LYS A 1 106 ? 16.623  2.961   -1.582  1.00 65.55 ? 105 LYS A NZ  1 
ATOM   869  N  N   . ILE A 1 107 ? 9.060   4.759   -0.115  1.00 40.89 ? 106 ILE A N   1 
ATOM   870  C  CA  . ILE A 1 107 ? 7.829   4.020   0.154   1.00 40.79 ? 106 ILE A CA  1 
ATOM   871  C  C   . ILE A 1 107 ? 6.635   4.820   -0.318  1.00 38.67 ? 106 ILE A C   1 
ATOM   872  O  O   . ILE A 1 107 ? 5.660   4.268   -0.824  1.00 40.11 ? 106 ILE A O   1 
ATOM   873  C  CB  . ILE A 1 107 ? 7.685   3.646   1.646   1.00 41.88 ? 106 ILE A CB  1 
ATOM   874  C  CG1 . ILE A 1 107 ? 8.831   2.732   2.067   1.00 50.76 ? 106 ILE A CG1 1 
ATOM   875  C  CG2 . ILE A 1 107 ? 6.342   2.974   1.925   1.00 45.38 ? 106 ILE A CG2 1 
ATOM   876  C  CD1 . ILE A 1 107 ? 9.194   1.594   1.088   1.00 59.00 ? 106 ILE A CD1 1 
ATOM   877  N  N   . LEU A 1 108 ? 6.696   6.130   -0.170  1.00 39.08 ? 107 LEU A N   1 
ATOM   878  C  CA  . LEU A 1 108 ? 5.592   6.962   -0.619  1.00 41.02 ? 107 LEU A CA  1 
ATOM   879  C  C   . LEU A 1 108 ? 5.357   6.844   -2.131  1.00 39.40 ? 107 LEU A C   1 
ATOM   880  O  O   . LEU A 1 108 ? 4.218   6.717   -2.613  1.00 36.47 ? 107 LEU A O   1 
ATOM   881  C  CB  . LEU A 1 108 ? 5.876   8.400   -0.233  1.00 40.53 ? 107 LEU A CB  1 
ATOM   882  C  CG  . LEU A 1 108 ? 4.828   9.477   -0.459  1.00 44.10 ? 107 LEU A CG  1 
ATOM   883  C  CD1 . LEU A 1 108 ? 3.492   9.072   0.120   1.00 43.26 ? 107 LEU A CD1 1 
ATOM   884  C  CD2 . LEU A 1 108 ? 5.344   10.757  0.218   1.00 45.92 ? 107 LEU A CD2 1 
ATOM   885  N  N   . LYS A 1 109 ? 6.444   6.882   -2.887  1.00 38.13 ? 108 LYS A N   1 
ATOM   886  C  CA  . LYS A 1 109 ? 6.353   6.783   -4.332  1.00 38.89 ? 108 LYS A CA  1 
ATOM   887  C  C   . LYS A 1 109 ? 5.876   5.390   -4.768  1.00 37.29 ? 108 LYS A C   1 
ATOM   888  O  O   . LYS A 1 109 ? 5.061   5.260   -5.676  1.00 39.09 ? 108 LYS A O   1 
ATOM   889  C  CB  . LYS A 1 109 ? 7.693   7.138   -4.952  1.00 39.62 ? 108 LYS A CB  1 
ATOM   890  C  CG  . LYS A 1 109 ? 7.980   8.639   -4.903  1.00 42.94 ? 108 LYS A CG  1 
ATOM   891  C  CD  . LYS A 1 109 ? 9.357   8.958   -5.520  1.00 40.18 ? 108 LYS A CD  1 
ATOM   892  C  CE  . LYS A 1 109 ? 9.634   10.453  -5.494  1.00 42.13 ? 108 LYS A CE  1 
ATOM   893  N  NZ  . LYS A 1 109 ? 10.888  10.857  -6.214  1.00 46.66 ? 108 LYS A NZ  1 
ATOM   894  N  N   . ASP A 1 110 ? 6.347   4.360   -4.074  1.00 38.12 ? 109 ASP A N   1 
ATOM   895  C  CA  . ASP A 1 110 ? 5.836   3.007   -4.258  1.00 39.01 ? 109 ASP A CA  1 
ATOM   896  C  C   . ASP A 1 110 ? 4.338   2.911   -4.011  1.00 38.37 ? 109 ASP A C   1 
ATOM   897  O  O   . ASP A 1 110 ? 3.636   2.252   -4.787  1.00 39.76 ? 109 ASP A O   1 
ATOM   898  C  CB  . ASP A 1 110 ? 6.540   2.024   -3.350  1.00 38.52 ? 109 ASP A CB  1 
ATOM   899  C  CG  . ASP A 1 110 ? 7.887   1.572   -3.892  1.00 44.33 ? 109 ASP A CG  1 
ATOM   900  O  OD1 . ASP A 1 110 ? 8.248   1.876   -5.050  1.00 39.06 ? 109 ASP A OD1 1 
ATOM   901  O  OD2 . ASP A 1 110 ? 8.585   0.889   -3.124  1.00 40.38 ? 109 ASP A OD2 1 
ATOM   902  N  N   . ALA A 1 111 ? 3.842   3.554   -2.947  1.00 38.63 ? 110 ALA A N   1 
ATOM   903  C  CA  . ALA A 1 111 ? 2.393   3.540   -2.644  1.00 35.39 ? 110 ALA A CA  1 
ATOM   904  C  C   . ALA A 1 111 ? 1.609   4.212   -3.779  1.00 37.70 ? 110 ALA A C   1 
ATOM   905  O  O   . ALA A 1 111 ? 0.550   3.724   -4.188  1.00 37.55 ? 110 ALA A O   1 
ATOM   906  C  CB  . ALA A 1 111 ? 2.088   4.246   -1.275  1.00 35.55 ? 110 ALA A CB  1 
ATOM   907  N  N   . GLU A 1 112 ? 2.103   5.345   -4.279  1.00 37.56 ? 111 GLU A N   1 
ATOM   908  C  CA  . GLU A 1 112 ? 1.426   6.032   -5.370  1.00 40.85 ? 111 GLU A CA  1 
ATOM   909  C  C   . GLU A 1 112 ? 1.303   5.124   -6.582  1.00 38.05 ? 111 GLU A C   1 
ATOM   910  O  O   . GLU A 1 112 ? 0.270   5.088   -7.210  1.00 39.38 ? 111 GLU A O   1 
ATOM   911  C  CB  . GLU A 1 112 ? 2.187   7.267   -5.824  1.00 40.90 ? 111 GLU A CB  1 
ATOM   912  C  CG  . GLU A 1 112 ? 2.120   8.472   -4.987  1.00 48.19 ? 111 GLU A CG  1 
ATOM   913  C  CD  . GLU A 1 112 ? 2.858   9.637   -5.682  1.00 47.00 ? 111 GLU A CD  1 
ATOM   914  O  OE1 . GLU A 1 112 ? 4.087   9.750   -5.490  1.00 53.38 ? 111 GLU A OE1 1 
ATOM   915  O  OE2 . GLU A 1 112 ? 2.201   10.419  -6.393  1.00 54.01 ? 111 GLU A OE2 1 
ATOM   916  N  N   . ILE A 1 113 ? 2.380   4.412   -6.912  1.00 38.06 ? 112 ILE A N   1 
ATOM   917  C  CA  . ILE A 1 113 ? 2.410   3.519   -8.081  1.00 38.34 ? 112 ILE A CA  1 
ATOM   918  C  C   . ILE A 1 113 ? 1.511   2.308   -7.850  1.00 37.22 ? 112 ILE A C   1 
ATOM   919  O  O   . ILE A 1 113 ? 0.712   1.939   -8.718  1.00 35.31 ? 112 ILE A O   1 
ATOM   920  C  CB  . ILE A 1 113 ? 3.852   3.052   -8.404  1.00 37.13 ? 112 ILE A CB  1 
ATOM   921  C  CG1 . ILE A 1 113 ? 4.696   4.252   -8.845  1.00 39.43 ? 112 ILE A CG1 1 
ATOM   922  C  CG2 . ILE A 1 113 ? 3.838   1.957   -9.510  1.00 38.40 ? 112 ILE A CG2 1 
ATOM   923  C  CD1 . ILE A 1 113 ? 6.191   3.982   -8.918  1.00 38.50 ? 112 ILE A CD1 1 
ATOM   924  N  N   . PHE A 1 114 ? 1.627   1.711   -6.663  1.00 36.81 ? 113 PHE A N   1 
ATOM   925  C  CA  . PHE A 1 114 ? 0.868   0.520   -6.318  1.00 37.44 ? 113 PHE A CA  1 
ATOM   926  C  C   . PHE A 1 114 ? -0.634  0.813   -6.283  1.00 37.42 ? 113 PHE A C   1 
ATOM   927  O  O   . PHE A 1 114 ? -1.428  0.056   -6.849  1.00 37.82 ? 113 PHE A O   1 
ATOM   928  C  CB  . PHE A 1 114 ? 1.347   -0.085  -4.991  1.00 38.29 ? 113 PHE A CB  1 
ATOM   929  C  CG  . PHE A 1 114 ? 0.770   -1.442  -4.695  1.00 36.40 ? 113 PHE A CG  1 
ATOM   930  C  CD1 . PHE A 1 114 ? -0.438  -1.566  -4.028  1.00 35.31 ? 113 PHE A CD1 1 
ATOM   931  C  CD2 . PHE A 1 114 ? 1.432   -2.596  -5.093  1.00 39.69 ? 113 PHE A CD2 1 
ATOM   932  C  CE1 . PHE A 1 114 ? -0.963  -2.800  -3.742  1.00 37.38 ? 113 PHE A CE1 1 
ATOM   933  C  CE2 . PHE A 1 114 ? 0.912   -3.838  -4.807  1.00 40.22 ? 113 PHE A CE2 1 
ATOM   934  C  CZ  . PHE A 1 114 ? -0.297  -3.941  -4.148  1.00 39.19 ? 113 PHE A CZ  1 
ATOM   935  N  N   . VAL A 1 115 ? -1.021  1.934   -5.677  1.00 36.19 ? 114 VAL A N   1 
ATOM   936  C  CA  . VAL A 1 115 ? -2.449  2.262   -5.600  1.00 37.26 ? 114 VAL A CA  1 
ATOM   937  C  C   . VAL A 1 115 ? -3.030  2.568   -7.000  1.00 35.90 ? 114 VAL A C   1 
ATOM   938  O  O   . VAL A 1 115 ? -4.153  2.171   -7.324  1.00 36.85 ? 114 VAL A O   1 
ATOM   939  C  CB  . VAL A 1 115 ? -2.707  3.394   -4.651  1.00 37.29 ? 114 VAL A CB  1 
ATOM   940  C  CG1 . VAL A 1 115 ? -4.177  3.826   -4.731  1.00 39.91 ? 114 VAL A CG1 1 
ATOM   941  C  CG2 . VAL A 1 115 ? -2.303  2.979   -3.182  1.00 31.04 ? 114 VAL A CG2 1 
ATOM   942  N  N   . GLN A 1 116 ? -2.276  3.257   -7.839  1.00 37.41 ? 115 GLN A N   1 
ATOM   943  C  CA  . GLN A 1 116 ? -2.729  3.494   -9.220  1.00 36.78 ? 115 GLN A CA  1 
ATOM   944  C  C   . GLN A 1 116 ? -2.915  2.189   -9.962  1.00 37.77 ? 115 GLN A C   1 
ATOM   945  O  O   . GLN A 1 116 ? -3.930  1.991   -10.637 1.00 40.20 ? 115 GLN A O   1 
ATOM   946  C  CB  . GLN A 1 116 ? -1.745  4.396   -9.979  1.00 38.50 ? 115 GLN A CB  1 
ATOM   947  C  CG  . GLN A 1 116 ? -2.186  4.760   -11.407 1.00 40.14 ? 115 GLN A CG  1 
ATOM   948  C  CD  . GLN A 1 116 ? -3.493  5.494   -11.456 1.00 44.26 ? 115 GLN A CD  1 
ATOM   949  O  OE1 . GLN A 1 116 ? -3.689  6.453   -10.728 1.00 48.37 ? 115 GLN A OE1 1 
ATOM   950  N  NE2 . GLN A 1 116 ? -4.418  5.028   -12.318 1.00 45.28 ? 115 GLN A NE2 1 
ATOM   951  N  N   . LYS A 1 117 ? -1.955  1.281   -9.844  1.00 38.68 ? 116 LYS A N   1 
ATOM   952  C  CA  . LYS A 1 117 ? -2.083  -0.011  -10.500 1.00 43.42 ? 116 LYS A CA  1 
ATOM   953  C  C   . LYS A 1 117 ? -3.269  -0.820  -10.009 1.00 41.01 ? 116 LYS A C   1 
ATOM   954  O  O   . LYS A 1 117 ? -3.888  -1.544  -10.785 1.00 38.09 ? 116 LYS A O   1 
ATOM   955  C  CB  . LYS A 1 117 ? -0.785  -0.815  -10.412 1.00 46.00 ? 116 LYS A CB  1 
ATOM   956  C  CG  . LYS A 1 117 ? 0.256   -0.322  -11.426 1.00 48.35 ? 116 LYS A CG  1 
ATOM   957  C  CD  . LYS A 1 117 ? 1.469   -1.203  -11.478 1.00 53.63 ? 116 LYS A CD  1 
ATOM   958  C  CE  . LYS A 1 117 ? 1.919   -1.476  -12.921 1.00 60.54 ? 116 LYS A CE  1 
ATOM   959  N  NZ  . LYS A 1 117 ? 2.886   -2.628  -13.018 1.00 58.21 ? 116 LYS A NZ  1 
ATOM   960  N  N   . ALA A 1 118 ? -3.594  -0.679  -8.730  1.00 38.87 ? 117 ALA A N   1 
ATOM   961  C  CA  . ALA A 1 118 ? -4.747  -1.351  -8.160  1.00 39.47 ? 117 ALA A CA  1 
ATOM   962  C  C   . ALA A 1 118 ? -6.019  -0.776  -8.756  1.00 39.54 ? 117 ALA A C   1 
ATOM   963  O  O   . ALA A 1 118 ? -6.932  -1.512  -9.131  1.00 41.22 ? 117 ALA A O   1 
ATOM   964  C  CB  . ALA A 1 118 ? -4.742  -1.202  -6.631  1.00 37.29 ? 117 ALA A CB  1 
ATOM   965  N  N   . LYS A 1 119 ? -6.073  0.542   -8.858  1.00 40.14 ? 118 LYS A N   1 
ATOM   966  C  CA  . LYS A 1 119 ? -7.214  1.221   -9.460  1.00 41.13 ? 118 LYS A CA  1 
ATOM   967  C  C   . LYS A 1 119 ? -7.421  0.752   -10.912 1.00 42.59 ? 118 LYS A C   1 
ATOM   968  O  O   . LYS A 1 119 ? -8.552  0.461   -11.348 1.00 42.83 ? 118 LYS A O   1 
ATOM   969  C  CB  . LYS A 1 119 ? -7.019  2.725   -9.390  1.00 37.58 ? 118 LYS A CB  1 
ATOM   970  C  CG  . LYS A 1 119 ? -7.314  3.276   -8.036  1.00 41.75 ? 118 LYS A CG  1 
ATOM   971  C  CD  . LYS A 1 119 ? -6.729  4.640   -7.815  1.00 44.53 ? 118 LYS A CD  1 
ATOM   972  C  CE  . LYS A 1 119 ? -7.236  5.654   -8.773  1.00 42.88 ? 118 LYS A CE  1 
ATOM   973  N  NZ  . LYS A 1 119 ? -6.904  7.019   -8.275  1.00 40.50 ? 118 LYS A NZ  1 
ATOM   974  N  N   . ASN A 1 120 ? -6.325  0.640   -11.644 1.00 41.92 ? 119 ASN A N   1 
ATOM   975  C  CA  . ASN A 1 120 ? -6.400  0.127   -13.008 1.00 43.93 ? 119 ASN A CA  1 
ATOM   976  C  C   . ASN A 1 120 ? -7.024  -1.276  -13.031 1.00 45.30 ? 119 ASN A C   1 
ATOM   977  O  O   . ASN A 1 120 ? -7.961  -1.542  -13.801 1.00 47.09 ? 119 ASN A O   1 
ATOM   978  C  CB  . ASN A 1 120 ? -5.013  0.109   -13.658 1.00 43.47 ? 119 ASN A CB  1 
ATOM   979  C  CG  . ASN A 1 120 ? -4.402  1.512   -13.842 1.00 50.80 ? 119 ASN A CG  1 
ATOM   980  O  OD1 . ASN A 1 120 ? -5.086  2.540   -13.761 1.00 53.17 ? 119 ASN A OD1 1 
ATOM   981  N  ND2 . ASN A 1 120 ? -3.085  1.546   -14.087 1.00 50.58 ? 119 ASN A ND2 1 
ATOM   982  N  N   . ALA A 1 121 ? -6.531  -2.159  -12.164 1.00 44.18 ? 120 ALA A N   1 
ATOM   983  C  CA  . ALA A 1 121 ? -6.941  -3.559  -12.146 1.00 45.07 ? 120 ALA A CA  1 
ATOM   984  C  C   . ALA A 1 121 ? -8.422  -3.745  -11.840 1.00 47.95 ? 120 ALA A C   1 
ATOM   985  O  O   . ALA A 1 121 ? -9.047  -4.659  -12.365 1.00 49.18 ? 120 ALA A O   1 
ATOM   986  C  CB  . ALA A 1 121 ? -6.114  -4.344  -11.125 1.00 48.39 ? 120 ALA A CB  1 
ATOM   987  N  N   . VAL A 1 122 ? -8.977  -2.902  -10.977 1.00 46.33 ? 121 VAL A N   1 
ATOM   988  C  CA  . VAL A 1 122 ? -10.377 -3.054  -10.555 1.00 46.75 ? 121 VAL A CA  1 
ATOM   989  C  C   . VAL A 1 122 ? -11.294 -2.044  -11.236 1.00 47.16 ? 121 VAL A C   1 
ATOM   990  O  O   . VAL A 1 122 ? -12.427 -1.835  -10.794 1.00 49.57 ? 121 VAL A O   1 
ATOM   991  C  CB  . VAL A 1 122 ? -10.521 -2.938  -9.026  1.00 46.71 ? 121 VAL A CB  1 
ATOM   992  C  CG1 . VAL A 1 122 ? -9.606  -3.927  -8.357  1.00 49.15 ? 121 VAL A CG1 1 
ATOM   993  C  CG2 . VAL A 1 122 ? -10.230 -1.522  -8.552  1.00 43.44 ? 121 VAL A CG2 1 
ATOM   994  N  N   . ASN A 1 123 ? -10.797 -1.428  -12.304 1.00 47.38 ? 122 ASN A N   1 
ATOM   995  C  CA  . ASN A 1 123 ? -11.542 -0.465  -13.098 1.00 49.94 ? 122 ASN A CA  1 
ATOM   996  C  C   . ASN A 1 123 ? -12.053 0.712   -12.283 1.00 50.94 ? 122 ASN A C   1 
ATOM   997  O  O   . ASN A 1 123 ? -13.190 1.131   -12.460 1.00 50.15 ? 122 ASN A O   1 
ATOM   998  C  CB  . ASN A 1 123 ? -12.722 -1.144  -13.821 1.00 53.66 ? 122 ASN A CB  1 
ATOM   999  C  CG  . ASN A 1 123 ? -12.290 -2.334  -14.670 1.00 57.62 ? 122 ASN A CG  1 
ATOM   1000 O  OD1 . ASN A 1 123 ? -12.769 -3.458  -14.476 1.00 66.47 ? 122 ASN A OD1 1 
ATOM   1001 N  ND2 . ASN A 1 123 ? -11.372 -2.098  -15.599 1.00 62.19 ? 122 ASN A ND2 1 
ATOM   1002 N  N   . LYS A 1 124 ? -11.219 1.235   -11.385 1.00 50.09 ? 123 LYS A N   1 
ATOM   1003 C  CA  . LYS A 1 124 ? -11.576 2.405   -10.595 1.00 47.63 ? 123 LYS A CA  1 
ATOM   1004 C  C   . LYS A 1 124 ? -10.673 3.578   -10.940 1.00 47.46 ? 123 LYS A C   1 
ATOM   1005 O  O   . LYS A 1 124 ? -10.576 4.535   -10.182 1.00 45.08 ? 123 LYS A O   1 
ATOM   1006 C  CB  . LYS A 1 124 ? -11.515 2.075   -9.106  1.00 46.89 ? 123 LYS A CB  1 
ATOM   1007 C  CG  . LYS A 1 124 ? -12.641 1.146   -8.627  1.00 49.98 ? 123 LYS A CG  1 
ATOM   1008 C  CD  . LYS A 1 124 ? -13.934 1.909   -8.468  1.00 52.32 ? 123 LYS A CD  1 
ATOM   1009 C  CE  . LYS A 1 124 ? -15.030 1.096   -7.824  1.00 45.61 ? 123 LYS A CE  1 
ATOM   1010 N  NZ  . LYS A 1 124 ? -16.287 1.877   -7.730  1.00 44.08 ? 123 LYS A NZ  1 
ATOM   1011 N  N   . ASN A 1 125 ? -10.008 3.527   -12.095 1.00 46.27 ? 124 ASN A N   1 
ATOM   1012 C  CA  . ASN A 1 125 ? -9.193  4.662   -12.507 1.00 50.61 ? 124 ASN A CA  1 
ATOM   1013 C  C   . ASN A 1 125 ? -10.062 5.688   -13.242 1.00 56.29 ? 124 ASN A C   1 
ATOM   1014 O  O   . ASN A 1 125 ? -9.550  6.514   -13.994 1.00 60.60 ? 124 ASN A O   1 
ATOM   1015 C  CB  . ASN A 1 125 ? -7.982  4.220   -13.347 1.00 51.20 ? 124 ASN A CB  1 
ATOM   1016 C  CG  . ASN A 1 125 ? -8.376  3.519   -14.616 1.00 60.09 ? 124 ASN A CG  1 
ATOM   1017 O  OD1 . ASN A 1 125 ? -9.348  2.751   -14.644 1.00 62.21 ? 124 ASN A OD1 1 
ATOM   1018 N  ND2 . ASN A 1 125 ? -7.621  3.773   -15.693 1.00 60.86 ? 124 ASN A ND2 1 
ATOM   1019 N  N   . ARG A 1 126 ? -11.353 5.685   -12.901 1.00 59.44 ? 125 ARG A N   1 
ATOM   1020 C  CA  . ARG A 1 126 ? -12.437 6.320   -13.647 1.00 61.76 ? 125 ARG A CA  1 
ATOM   1021 C  C   . ARG A 1 126 ? -12.649 7.773   -13.232 1.00 59.61 ? 125 ARG A C   1 
ATOM   1022 O  O   . ARG A 1 126 ? -12.699 8.037   -12.041 1.00 57.42 ? 125 ARG A O   1 
ATOM   1023 C  CB  . ARG A 1 126 ? -13.771 5.603   -13.354 1.00 64.49 ? 125 ARG A CB  1 
ATOM   1024 C  CG  . ARG A 1 126 ? -13.723 4.111   -12.990 1.00 68.00 ? 125 ARG A CG  1 
ATOM   1025 C  CD  . ARG A 1 126 ? -14.610 3.316   -13.940 1.00 74.15 ? 125 ARG A CD  1 
ATOM   1026 N  NE  . ARG A 1 126 ? -13.955 3.239   -15.245 1.00 71.33 ? 125 ARG A NE  1 
ATOM   1027 C  CZ  . ARG A 1 126 ? -14.298 3.922   -16.337 1.00 69.99 ? 125 ARG A CZ  1 
ATOM   1028 N  NH1 . ARG A 1 126 ? -15.351 4.724   -16.353 1.00 66.66 ? 125 ARG A NH1 1 
ATOM   1029 N  NH2 . ARG A 1 126 ? -13.575 3.773   -17.440 1.00 78.88 ? 125 ARG A NH2 1 
ATOM   1030 O  OXT . ARG A 1 126 ? -12.833 8.694   -14.035 1.00 58.93 ? 125 ARG A OXT 1 
HETATM 1031 S  S   . SO4 B 2 .   ? -1.334  -5.021  12.917  0.50 39.71 ? 126 SO4 A S   1 
HETATM 1032 O  O1  . SO4 B 2 .   ? -1.556  -6.281  12.222  0.50 43.61 ? 126 SO4 A O1  1 
HETATM 1033 O  O2  . SO4 B 2 .   ? 0.068   -4.878  13.263  0.50 32.16 ? 126 SO4 A O2  1 
HETATM 1034 O  O3  . SO4 B 2 .   ? -1.703  -3.933  12.029  0.50 41.06 ? 126 SO4 A O3  1 
HETATM 1035 O  O4  . SO4 B 2 .   ? -2.142  -4.992  14.122  0.50 44.36 ? 126 SO4 A O4  1 
HETATM 1036 S  S   . SO4 C 2 .   ? -4.942  -15.373 5.122   1.00 86.46 ? 127 SO4 A S   1 
HETATM 1037 O  O1  . SO4 C 2 .   ? -4.639  -16.399 4.127   1.00 89.82 ? 127 SO4 A O1  1 
HETATM 1038 O  O2  . SO4 C 2 .   ? -4.928  -14.077 4.460   1.00 87.73 ? 127 SO4 A O2  1 
HETATM 1039 O  O3  . SO4 C 2 .   ? -6.261  -15.613 5.705   1.00 86.78 ? 127 SO4 A O3  1 
HETATM 1040 O  O4  . SO4 C 2 .   ? -3.934  -15.384 6.174   1.00 82.33 ? 127 SO4 A O4  1 
HETATM 1041 S  S   . SO4 D 2 .   ? -11.058 10.216  -5.616  0.50 52.37 ? 128 SO4 A S   1 
HETATM 1042 O  O1  . SO4 D 2 .   ? -12.272 9.710   -6.232  0.50 52.47 ? 128 SO4 A O1  1 
HETATM 1043 O  O2  . SO4 D 2 .   ? -9.953  9.950   -6.534  0.50 52.60 ? 128 SO4 A O2  1 
HETATM 1044 O  O3  . SO4 D 2 .   ? -11.119 11.664  -5.389  0.50 52.13 ? 128 SO4 A O3  1 
HETATM 1045 O  O4  . SO4 D 2 .   ? -10.899 9.546   -4.331  0.50 32.96 ? 128 SO4 A O4  1 
HETATM 1046 O  O1  . PG4 E 3 .   ? -18.559 3.981   -7.439  1.00 50.30 ? 129 PG4 A O1  1 
HETATM 1047 C  C1  . PG4 E 3 .   ? -18.104 5.334   -7.623  1.00 45.53 ? 129 PG4 A C1  1 
HETATM 1048 C  C2  . PG4 E 3 .   ? -19.140 6.318   -7.101  1.00 46.50 ? 129 PG4 A C2  1 
HETATM 1049 O  O2  . PG4 E 3 .   ? -19.140 6.250   -5.671  1.00 42.64 ? 129 PG4 A O2  1 
HETATM 1050 C  C3  . PG4 E 3 .   ? -18.525 7.345   -5.012  1.00 44.06 ? 129 PG4 A C3  1 
HETATM 1051 C  C4  . PG4 E 3 .   ? -18.905 7.205   -3.540  1.00 50.52 ? 129 PG4 A C4  1 
HETATM 1052 O  O3  . PG4 E 3 .   ? -20.174 7.815   -3.340  1.00 56.39 ? 129 PG4 A O3  1 
HETATM 1053 C  C5  . PG4 E 3 .   ? -20.799 7.431   -2.115  1.00 62.04 ? 129 PG4 A C5  1 
HETATM 1054 C  C6  . PG4 E 3 .   ? -21.888 6.438   -2.482  1.00 61.25 ? 129 PG4 A C6  1 
HETATM 1055 O  O4  . PG4 E 3 .   ? -23.175 7.016   -2.310  1.00 57.61 ? 129 PG4 A O4  1 
HETATM 1056 C  C7  . PG4 E 3 .   ? -24.200 6.405   -3.108  1.00 60.05 ? 129 PG4 A C7  1 
HETATM 1057 C  C8  . PG4 E 3 .   ? -24.545 4.991   -2.674  1.00 63.27 ? 129 PG4 A C8  1 
HETATM 1058 O  O5  . PG4 E 3 .   ? -25.143 4.325   -3.788  1.00 65.28 ? 129 PG4 A O5  1 
HETATM 1059 O  O1  . PG4 F 3 .   ? 1.545   2.637   -13.809 0.50 44.57 ? 130 PG4 A O1  1 
HETATM 1060 C  C1  . PG4 F 3 .   ? 0.878   3.737   -13.172 0.50 39.46 ? 130 PG4 A C1  1 
HETATM 1061 C  C2  . PG4 F 3 .   ? 1.728   4.372   -12.075 0.50 36.67 ? 130 PG4 A C2  1 
HETATM 1062 O  O2  . PG4 F 3 .   ? 1.123   5.613   -11.711 0.50 31.17 ? 130 PG4 A O2  1 
HETATM 1063 C  C3  . PG4 F 3 .   ? 1.402   6.087   -10.388 0.50 35.40 ? 130 PG4 A C3  1 
HETATM 1064 C  C4  . PG4 F 3 .   ? 1.160   7.587   -10.296 0.50 31.26 ? 130 PG4 A C4  1 
HETATM 1065 O  O3  . PG4 F 3 .   ? -0.195  7.869   -9.936  0.50 39.63 ? 130 PG4 A O3  1 
HETATM 1066 C  C5  . PG4 F 3 .   ? -0.576  9.239   -10.104 0.50 42.34 ? 130 PG4 A C5  1 
HETATM 1067 C  C6  . PG4 F 3 .   ? -2.101  9.386   -10.070 0.50 41.19 ? 130 PG4 A C6  1 
HETATM 1068 O  O1  . PG4 G 3 .   ? 7.765   0.265   -10.760 1.00 43.69 ? 131 PG4 A O1  1 
HETATM 1069 C  C1  . PG4 G 3 .   ? 9.158   0.108   -11.120 1.00 53.93 ? 131 PG4 A C1  1 
HETATM 1070 C  C2  . PG4 G 3 .   ? 9.389   -1.107  -12.025 1.00 57.67 ? 131 PG4 A C2  1 
HETATM 1071 O  O2  . PG4 G 3 .   ? 10.774  -1.216  -12.385 1.00 55.16 ? 131 PG4 A O2  1 
HETATM 1072 C  C3  . PG4 G 3 .   ? 11.388  -2.504  -12.264 1.00 59.77 ? 131 PG4 A C3  1 
HETATM 1073 C  C4  . PG4 G 3 .   ? 11.286  -3.316  -13.556 1.00 62.85 ? 131 PG4 A C4  1 
HETATM 1074 O  O3  . PG4 G 3 .   ? 9.921   -3.606  -13.855 1.00 69.96 ? 131 PG4 A O3  1 
HETATM 1075 O  O1  . PG4 H 3 .   ? 16.683  0.885   -3.945  0.30 36.98 ? 132 PG4 A O1  1 
HETATM 1076 C  C1  . PG4 H 3 .   ? 15.308  0.533   -4.164  0.30 36.20 ? 132 PG4 A C1  1 
HETATM 1077 C  C2  . PG4 H 3 .   ? 14.560  1.836   -4.408  0.30 36.94 ? 132 PG4 A C2  1 
HETATM 1078 O  O2  . PG4 H 3 .   ? 13.135  1.736   -4.475  0.30 32.26 ? 132 PG4 A O2  1 
HETATM 1079 C  C3  . PG4 H 3 .   ? 12.538  2.693   -5.363  0.30 29.62 ? 132 PG4 A C3  1 
HETATM 1080 C  C4  . PG4 H 3 .   ? 13.070  4.145   -5.350  0.30 31.92 ? 132 PG4 A C4  1 
HETATM 1081 O  O3  . PG4 H 3 .   ? 12.085  5.064   -4.840  0.30 33.38 ? 132 PG4 A O3  1 
HETATM 1082 C  C5  . PG4 H 3 .   ? 12.238  6.440   -5.189  0.30 28.70 ? 132 PG4 A C5  1 
HETATM 1083 C  C6  . PG4 H 3 .   ? 12.562  7.369   -4.009  0.30 28.45 ? 132 PG4 A C6  1 
HETATM 1084 O  O4  . PG4 H 3 .   ? 13.668  8.237   -4.294  0.30 37.70 ? 132 PG4 A O4  1 
HETATM 1085 C  C7  . PG4 H 3 .   ? 13.386  9.647   -4.331  0.30 38.07 ? 132 PG4 A C7  1 
HETATM 1086 C  C8  . PG4 H 3 .   ? 14.544  10.409  -3.681  0.30 39.19 ? 132 PG4 A C8  1 
HETATM 1087 O  O5  . PG4 H 3 .   ? 14.410  11.825  -3.878  0.30 36.66 ? 132 PG4 A O5  1 
HETATM 1088 O  O1  . PG4 I 3 .   ? 11.850  13.648  -5.614  0.75 44.84 ? 133 PG4 A O1  1 
HETATM 1089 C  C1  . PG4 I 3 .   ? 12.334  13.372  -6.921  0.75 49.68 ? 133 PG4 A C1  1 
HETATM 1090 C  C2  . PG4 I 3 .   ? 13.201  14.528  -7.360  0.75 52.72 ? 133 PG4 A C2  1 
HETATM 1091 O  O2  . PG4 I 3 .   ? 14.224  14.725  -6.389  0.75 54.67 ? 133 PG4 A O2  1 
HETATM 1092 C  C3  . PG4 I 3 .   ? 14.450  16.113  -6.179  0.75 52.55 ? 133 PG4 A C3  1 
HETATM 1093 C  C4  . PG4 I 3 .   ? 15.635  16.347  -5.266  0.75 54.27 ? 133 PG4 A C4  1 
HETATM 1094 O  O3  . PG4 I 3 .   ? 15.545  17.696  -4.820  0.75 60.89 ? 133 PG4 A O3  1 
HETATM 1095 O  O   . HOH J 4 .   ? 10.073  9.956   11.954  1.00 49.38 ? 134 HOH A O   1 
HETATM 1096 O  O   . HOH J 4 .   ? 9.841   4.103   -4.650  1.00 39.35 ? 135 HOH A O   1 
HETATM 1097 O  O   . HOH J 4 .   ? 7.936   -0.424  -0.837  1.00 38.67 ? 136 HOH A O   1 
HETATM 1098 O  O   . HOH J 4 .   ? -2.829  -3.298  -12.767 1.00 40.17 ? 137 HOH A O   1 
HETATM 1099 O  O   . HOH J 4 .   ? -20.015 -4.449  -0.604  1.00 52.03 ? 138 HOH A O   1 
HETATM 1100 O  O   . HOH J 4 .   ? -10.710 7.424   -10.379 1.00 40.96 ? 139 HOH A O   1 
HETATM 1101 O  O   . HOH J 4 .   ? 7.249   9.874   12.264  1.00 34.41 ? 140 HOH A O   1 
HETATM 1102 O  O   . HOH J 4 .   ? -9.536  -3.813  6.400   1.00 39.42 ? 141 HOH A O   1 
HETATM 1103 O  O   . HOH J 4 .   ? -13.548 4.707   2.439   1.00 45.42 ? 142 HOH A O   1 
HETATM 1104 O  O   . HOH J 4 .   ? -12.235 6.103   6.689   1.00 56.17 ? 143 HOH A O   1 
HETATM 1105 O  O   . HOH J 4 .   ? 12.033  15.065  10.985  1.00 52.91 ? 144 HOH A O   1 
HETATM 1106 O  O   . HOH J 4 .   ? -8.152  8.149   -10.642 1.00 56.84 ? 145 HOH A O   1 
HETATM 1107 O  O   . HOH J 4 .   ? 10.692  -5.290  9.528   1.00 56.73 ? 146 HOH A O   1 
HETATM 1108 O  O   . HOH J 4 .   ? -9.225  -4.253  -15.940 1.00 61.83 ? 147 HOH A O   1 
HETATM 1109 O  O   . HOH J 4 .   ? 11.466  2.152   14.466  1.00 56.36 ? 148 HOH A O   1 
HETATM 1110 O  O   . HOH J 4 .   ? 2.738   12.917  -7.409  1.00 40.59 ? 149 HOH A O   1 
HETATM 1111 O  O   . HOH J 4 .   ? -18.694 1.103   -6.936  1.00 52.74 ? 150 HOH A O   1 
HETATM 1112 O  O   . HOH J 4 .   ? -6.704  8.089   7.200   1.00 58.19 ? 151 HOH A O   1 
HETATM 1113 O  O   . HOH J 4 .   ? -10.087 -8.711  -0.124  1.00 54.53 ? 152 HOH A O   1 
HETATM 1114 O  O   . HOH J 4 .   ? 6.692   -2.611  -12.708 1.00 63.29 ? 153 HOH A O   1 
HETATM 1115 O  O   . HOH J 4 .   ? -9.348  -6.346  7.516   1.00 65.40 ? 154 HOH A O   1 
HETATM 1116 O  O   . HOH J 4 .   ? 16.578  11.901  7.309   1.00 59.14 ? 155 HOH A O   1 
HETATM 1117 O  O   . HOH J 4 .   ? -11.657 9.104   2.737   1.00 66.39 ? 156 HOH A O   1 
HETATM 1118 O  O   . HOH J 4 .   ? -17.849 -4.346  -3.775  1.00 54.85 ? 157 HOH A O   1 
HETATM 1119 O  O   . HOH J 4 .   ? -12.370 6.591   4.006   1.00 65.63 ? 158 HOH A O   1 
HETATM 1120 O  O   . HOH J 4 .   ? -14.985 9.256   1.520   1.00 61.26 ? 159 HOH A O   1 
HETATM 1121 O  O   . HOH J 4 .   ? 8.476   17.465  12.778  1.00 56.65 ? 160 HOH A O   1 
HETATM 1122 O  O   . HOH J 4 .   ? -11.756 -16.577 3.573   1.00 77.04 ? 161 HOH A O   1 
HETATM 1123 O  O   . HOH J 4 .   ? 8.004   -8.591  -13.513 1.00 50.13 ? 162 HOH A O   1 
HETATM 1124 O  O   . HOH J 4 .   ? 9.224   -6.435  -12.218 1.00 44.31 ? 163 HOH A O   1 
HETATM 1125 O  O   . HOH J 4 .   ? -3.660  -17.916 -10.017 1.00 78.65 ? 164 HOH A O   1 
HETATM 1126 O  O   . HOH J 4 .   ? 15.008  17.833  5.320   1.00 71.73 ? 165 HOH A O   1 
HETATM 1127 O  O   . HOH J 4 .   ? -0.192  -14.665 -11.247 1.00 50.88 ? 166 HOH A O   1 
HETATM 1128 O  O   . HOH J 4 .   ? 16.456  16.592  2.239   1.00 74.12 ? 167 HOH A O   1 
HETATM 1129 O  O   . HOH J 4 .   ? 18.559  5.398   13.068  1.00 62.62 ? 168 HOH A O   1 
HETATM 1130 O  O   . HOH J 4 .   ? 11.824  -6.185  3.405   1.00 64.07 ? 169 HOH A O   1 
HETATM 1131 O  O   . HOH J 4 .   ? -16.814 2.553   -10.264 1.00 57.02 ? 170 HOH A O   1 
HETATM 1132 O  O   . HOH J 4 .   ? -0.325  17.002  -0.746  1.00 58.64 ? 171 HOH A O   1 
HETATM 1133 O  O   . HOH J 4 .   ? -11.171 -7.887  5.852   1.00 66.97 ? 172 HOH A O   1 
HETATM 1134 O  O   . HOH J 4 .   ? 1.763   16.730  -2.001  1.00 63.39 ? 173 HOH A O   1 
HETATM 1135 O  O   . HOH J 4 .   ? 10.389  16.456  4.760   1.00 60.07 ? 174 HOH A O   1 
HETATM 1136 O  O   . HOH J 4 .   ? 15.198  7.499   -1.943  1.00 61.13 ? 175 HOH A O   1 
HETATM 1137 O  O   . HOH J 4 .   ? 18.455  5.636   -2.029  0.50 84.61 ? 176 HOH A O   1 
HETATM 1138 O  O   . HOH J 4 .   ? 0.288   18.015  1.291   1.00 68.65 ? 177 HOH A O   1 
HETATM 1139 O  O   . HOH J 4 .   ? -0.642  10.440  -6.571  1.00 53.52 ? 178 HOH A O   1 
HETATM 1140 O  O   . HOH J 4 .   ? 9.760   18.113  3.108   1.00 66.75 ? 179 HOH A O   1 
HETATM 1141 O  O   . HOH J 4 .   ? 11.486  17.704  0.963   1.00 76.73 ? 180 HOH A O   1 
# 
